data_5WRU
#
_entry.id   5WRU
#
_cell.length_a   253.345
_cell.length_b   85.220
_cell.length_c   108.445
_cell.angle_alpha   90.000
_cell.angle_beta   114.950
_cell.angle_gamma   90.000
#
_symmetry.space_group_name_H-M   'C 1 2 1'
#
loop_
_entity.id
_entity.type
_entity.pdbx_description
1 polymer 'Probable inorganic pyrophosphatase'
2 non-polymer 'PHOSPHATE ION'
#
_entity_poly.entity_id   1
_entity_poly.type   'polypeptide(L)'
_entity_poly.pdbx_seq_one_letter_code
;(MSE)GSKLINVEGGNNQDDNKYNSNNVISINNKVNKNDYFIETNKELKINLNFQNNNIISNIFSNINIYDKISNIFINN
KKTY(MSE)LKYNNNINEENFFISYFEKKDDNFVPISPWHHIDLKNDDGTYN(MSE)IVEITKYNYIKLEIQLREKFNVI
KQDKKKGKLRYYHNSIYWNYGALPQTYEYPKHIYQNKSKKNKEALLFTGDNDPLDILDIGSACLKIGQVVPVKILGAFTL
IDEGELDWKIIAINKEDKHYEDINSLSDIEKYYPHTLSLLLEWFRSYK(MSE)ADTKKLNLISKQLYDKKESEDLI
(MSE)KTHHYYLEFREDVKKLKEEHSKETIKEHDYVNAQNIQFNYDKLNNNDDEP(MSE)ENNLLEDINITYYKSDSAYK
PDLNIWTP
;
_entity_poly.pdbx_strand_id   A,B,C,D,E
#
# COMPACT_ATOMS: atom_id res chain seq x y z
N PHE A 37 13.14 28.65 -51.33
CA PHE A 37 14.13 29.56 -50.77
C PHE A 37 13.48 30.58 -49.83
N ILE A 38 14.07 30.86 -48.68
CA ILE A 38 13.55 31.88 -47.77
C ILE A 38 14.12 33.21 -48.16
N GLU A 39 13.26 34.20 -48.30
CA GLU A 39 13.72 35.54 -48.63
C GLU A 39 13.92 36.29 -47.33
N THR A 40 15.17 36.63 -47.04
CA THR A 40 15.50 37.52 -45.96
C THR A 40 15.73 38.89 -46.60
N ASN A 41 15.14 39.94 -46.10
CA ASN A 41 15.33 41.14 -46.86
C ASN A 41 16.66 41.73 -46.59
N LYS A 42 17.68 40.91 -46.74
CA LYS A 42 19.03 41.31 -46.53
C LYS A 42 19.68 40.62 -47.65
N GLU A 43 20.90 40.97 -47.97
CA GLU A 43 21.56 40.47 -49.18
C GLU A 43 21.93 38.99 -49.10
N LEU A 44 22.16 38.46 -47.91
CA LEU A 44 22.44 37.03 -47.79
C LEU A 44 21.13 36.27 -47.75
N LYS A 45 21.01 35.27 -48.62
CA LYS A 45 19.79 34.49 -48.74
C LYS A 45 20.00 33.11 -48.17
N ILE A 46 18.91 32.34 -48.13
CA ILE A 46 18.90 30.98 -47.60
C ILE A 46 18.30 30.09 -48.68
N ASN A 47 19.05 29.09 -49.14
CA ASN A 47 18.58 28.28 -50.27
C ASN A 47 17.36 27.45 -49.92
N LEU A 48 17.32 26.87 -48.73
CA LEU A 48 16.21 26.06 -48.26
C LEU A 48 16.01 24.86 -49.19
N ASN A 49 17.07 24.08 -49.36
CA ASN A 49 16.94 22.81 -50.04
C ASN A 49 17.18 21.74 -48.99
N PHE A 50 16.25 20.79 -48.90
CA PHE A 50 16.25 19.82 -47.82
C PHE A 50 16.93 18.52 -48.20
N GLN A 51 17.61 18.48 -49.34
CA GLN A 51 18.30 17.28 -49.76
C GLN A 51 19.79 17.29 -49.43
N ASN A 52 20.34 18.46 -49.10
CA ASN A 52 21.74 18.62 -48.80
C ASN A 52 22.04 18.72 -47.31
N ASN A 53 21.04 18.80 -46.47
CA ASN A 53 21.21 19.00 -45.03
C ASN A 53 20.63 17.82 -44.26
N ASN A 54 20.77 17.86 -42.94
CA ASN A 54 20.34 16.79 -42.07
C ASN A 54 19.13 17.16 -41.22
N ILE A 55 18.32 18.13 -41.67
CA ILE A 55 17.14 18.51 -40.91
C ILE A 55 16.12 17.38 -40.90
N ILE A 56 15.77 16.87 -42.08
CA ILE A 56 14.81 15.77 -42.20
C ILE A 56 15.31 14.55 -41.42
N SER A 57 16.61 14.27 -41.51
CA SER A 57 17.17 13.18 -40.73
C SER A 57 17.06 13.47 -39.24
N ASN A 58 17.38 14.69 -38.83
CA ASN A 58 17.32 15.06 -37.43
C ASN A 58 15.95 14.78 -36.82
N ILE A 59 14.89 15.07 -37.55
CA ILE A 59 13.53 15.04 -37.00
C ILE A 59 12.93 13.65 -37.07
N PHE A 60 13.01 12.98 -38.23
CA PHE A 60 12.22 11.79 -38.47
C PHE A 60 13.01 10.48 -38.40
N SER A 61 14.33 10.51 -38.28
CA SER A 61 15.07 9.27 -38.29
C SER A 61 14.88 8.47 -37.01
N ASN A 62 14.14 9.01 -36.05
CA ASN A 62 13.85 8.33 -34.79
C ASN A 62 12.36 8.07 -34.62
N ILE A 63 11.59 8.05 -35.71
CA ILE A 63 10.18 7.75 -35.60
C ILE A 63 10.02 6.32 -35.13
N ASN A 64 9.07 6.09 -34.24
CA ASN A 64 8.83 4.76 -33.69
C ASN A 64 7.32 4.56 -33.65
N ILE A 65 6.83 3.74 -34.57
CA ILE A 65 5.41 3.50 -34.77
C ILE A 65 5.16 2.00 -34.79
N TYR A 66 3.90 1.63 -34.71
CA TYR A 66 3.56 0.24 -34.94
C TYR A 66 3.71 -0.11 -36.41
N ASP A 67 3.87 -1.40 -36.68
CA ASP A 67 4.22 -1.85 -38.02
C ASP A 67 3.09 -1.66 -39.01
N LYS A 68 1.85 -1.91 -38.61
CA LYS A 68 0.73 -2.00 -39.52
C LYS A 68 -0.27 -0.89 -39.26
N ILE A 69 -1.20 -0.70 -40.21
CA ILE A 69 -2.20 0.35 -40.05
C ILE A 69 -3.12 0.04 -38.88
N SER A 70 -3.64 -1.19 -38.83
CA SER A 70 -4.47 -1.66 -37.73
C SER A 70 -3.63 -2.62 -36.90
N ASN A 71 -3.41 -2.28 -35.64
CA ASN A 71 -2.51 -3.03 -34.77
C ASN A 71 -3.27 -3.44 -33.52
N ILE A 72 -3.23 -4.73 -33.20
CA ILE A 72 -3.94 -5.29 -32.07
C ILE A 72 -2.95 -5.57 -30.96
N PHE A 73 -3.29 -5.17 -29.73
CA PHE A 73 -2.47 -5.40 -28.55
C PHE A 73 -3.38 -5.81 -27.41
N ILE A 74 -2.77 -6.32 -26.34
CA ILE A 74 -3.50 -6.81 -25.19
C ILE A 74 -3.04 -6.03 -23.98
N ASN A 75 -3.96 -5.32 -23.34
CA ASN A 75 -3.67 -4.55 -22.13
C ASN A 75 -4.69 -4.93 -21.06
N ASN A 76 -4.19 -5.25 -19.87
CA ASN A 76 -5.02 -5.60 -18.72
C ASN A 76 -6.00 -6.73 -19.06
N LYS A 77 -5.46 -7.81 -19.61
CA LYS A 77 -6.21 -9.02 -19.92
C LYS A 77 -7.35 -8.78 -20.89
N LYS A 78 -7.33 -7.65 -21.59
CA LYS A 78 -8.34 -7.32 -22.58
C LYS A 78 -7.67 -7.06 -23.92
N THR A 79 -8.46 -7.07 -24.97
CA THR A 79 -7.96 -6.85 -26.29
C THR A 79 -8.48 -5.62 -26.92
N TYR A 80 -7.58 -4.79 -27.43
CA TYR A 80 -7.89 -3.52 -28.04
C TYR A 80 -7.16 -3.38 -29.34
N LEU A 82 -5.11 -0.28 -32.08
CA LEU A 82 -4.82 1.11 -32.45
C LEU A 82 -4.84 1.19 -33.97
N LYS A 83 -5.56 2.18 -34.50
CA LYS A 83 -5.65 2.31 -35.96
C LYS A 83 -5.06 3.64 -36.39
N TYR A 84 -4.05 3.58 -37.25
CA TYR A 84 -3.43 4.78 -37.81
C TYR A 84 -4.24 5.23 -39.01
N ASN A 85 -4.95 6.35 -38.88
CA ASN A 85 -5.79 6.88 -39.93
C ASN A 85 -5.01 7.98 -40.64
N ASN A 86 -4.84 7.83 -41.95
CA ASN A 86 -4.15 8.81 -42.80
C ASN A 86 -2.67 8.83 -42.48
N ASN A 87 -1.92 9.73 -43.13
CA ASN A 87 -0.46 9.75 -43.07
C ASN A 87 0.07 10.84 -42.16
N ILE A 88 1.28 10.62 -41.66
CA ILE A 88 1.92 11.58 -40.76
C ILE A 88 2.12 12.90 -41.50
N ASN A 89 2.01 14.00 -40.77
CA ASN A 89 2.11 15.36 -41.31
C ASN A 89 0.99 15.64 -42.30
N GLU A 90 -0.15 14.99 -42.15
CA GLU A 90 -1.36 15.39 -42.85
C GLU A 90 -2.30 16.03 -41.84
N GLU A 91 -3.16 16.90 -42.32
CA GLU A 91 -3.91 17.74 -41.39
C GLU A 91 -5.15 17.06 -40.83
N ASN A 92 -5.47 15.85 -41.30
CA ASN A 92 -6.48 15.02 -40.66
C ASN A 92 -5.90 13.61 -40.47
N PHE A 93 -4.78 13.54 -39.76
CA PHE A 93 -4.22 12.30 -39.27
C PHE A 93 -4.63 12.12 -37.83
N PHE A 94 -5.10 10.94 -37.48
CA PHE A 94 -5.50 10.65 -36.11
C PHE A 94 -5.30 9.18 -35.80
N ILE A 95 -5.24 8.88 -34.50
CA ILE A 95 -5.00 7.54 -33.98
C ILE A 95 -6.26 7.10 -33.26
N SER A 96 -6.95 6.10 -33.79
CA SER A 96 -8.17 5.59 -33.20
C SER A 96 -7.89 4.34 -32.38
N TYR A 97 -8.68 4.17 -31.33
CA TYR A 97 -8.56 3.02 -30.44
C TYR A 97 -9.89 2.27 -30.43
N PHE A 98 -9.81 0.95 -30.39
CA PHE A 98 -10.99 0.09 -30.42
C PHE A 98 -10.85 -0.98 -29.33
N GLU A 99 -11.98 -1.58 -28.97
CA GLU A 99 -12.02 -2.68 -28.02
C GLU A 99 -12.76 -3.84 -28.65
N LYS A 100 -12.36 -5.06 -28.34
CA LYS A 100 -12.97 -6.24 -28.96
C LYS A 100 -14.16 -6.67 -28.13
N LYS A 101 -15.34 -6.29 -28.56
CA LYS A 101 -16.54 -6.73 -27.93
C LYS A 101 -16.98 -7.81 -28.86
N ASP A 102 -16.98 -9.02 -28.36
CA ASP A 102 -17.39 -10.14 -29.13
C ASP A 102 -16.59 -10.40 -30.36
N ASP A 103 -17.24 -10.46 -31.49
CA ASP A 103 -16.65 -10.79 -32.74
C ASP A 103 -16.21 -9.57 -33.51
N ASN A 104 -16.43 -8.42 -32.91
CA ASN A 104 -16.24 -7.13 -33.56
C ASN A 104 -15.45 -6.17 -32.68
N PHE A 105 -14.89 -5.15 -33.32
CA PHE A 105 -14.08 -4.13 -32.67
C PHE A 105 -14.92 -2.86 -32.53
N VAL A 106 -15.21 -2.47 -31.30
CA VAL A 106 -16.06 -1.31 -31.10
C VAL A 106 -15.19 -0.08 -30.80
N PRO A 107 -15.57 1.11 -31.25
CA PRO A 107 -14.76 2.29 -30.99
C PRO A 107 -14.77 2.69 -29.52
N ILE A 108 -13.61 3.11 -29.03
CA ILE A 108 -13.42 3.54 -27.64
C ILE A 108 -12.55 4.78 -27.60
N SER A 109 -12.65 5.52 -26.50
CA SER A 109 -11.79 6.69 -26.28
C SER A 109 -10.64 6.31 -25.36
N PRO A 110 -9.41 6.71 -25.67
CA PRO A 110 -8.29 6.39 -24.77
C PRO A 110 -8.36 7.14 -23.47
N TRP A 111 -9.09 8.24 -23.41
CA TRP A 111 -9.22 9.02 -22.20
C TRP A 111 -10.22 8.40 -21.25
N HIS A 112 -11.33 7.87 -21.78
CA HIS A 112 -12.42 7.32 -20.98
C HIS A 112 -12.33 5.81 -20.79
N HIS A 113 -12.01 5.06 -21.84
CA HIS A 113 -12.27 3.62 -21.87
C HIS A 113 -11.05 2.74 -21.64
N ILE A 114 -9.84 3.29 -21.62
CA ILE A 114 -8.67 2.51 -21.23
C ILE A 114 -8.44 2.70 -19.73
N ASP A 115 -8.18 1.60 -19.04
CA ASP A 115 -8.09 1.62 -17.59
C ASP A 115 -6.89 2.42 -17.12
N LEU A 116 -7.13 3.32 -16.15
CA LEU A 116 -6.06 4.14 -15.61
C LEU A 116 -5.04 3.28 -14.86
N LYS A 117 -5.51 2.43 -13.96
CA LYS A 117 -4.64 1.60 -13.13
C LYS A 117 -4.90 0.12 -13.44
N ASN A 118 -3.83 -0.64 -13.60
CA ASN A 118 -3.96 -2.04 -13.93
C ASN A 118 -4.23 -2.87 -12.67
N ASP A 119 -4.49 -4.15 -12.88
CA ASP A 119 -4.70 -5.06 -11.75
C ASP A 119 -3.39 -5.34 -11.04
N ASP A 120 -2.25 -5.09 -11.70
CA ASP A 120 -0.95 -5.23 -11.09
C ASP A 120 -0.65 -4.13 -10.09
N GLY A 121 -1.42 -3.03 -10.15
CA GLY A 121 -1.15 -1.85 -9.37
C GLY A 121 -0.46 -0.77 -10.16
N THR A 122 -0.09 -1.06 -11.40
CA THR A 122 0.57 -0.14 -12.30
C THR A 122 -0.44 0.72 -13.04
N TYR A 123 0.03 1.84 -13.57
CA TYR A 123 -0.81 2.73 -14.36
C TYR A 123 -0.48 2.59 -15.83
N ASN A 124 -1.45 2.90 -16.67
CA ASN A 124 -1.25 2.87 -18.12
C ASN A 124 -1.01 4.30 -18.59
N ILE A 126 -0.47 6.68 -22.03
CA ILE A 126 -0.78 6.66 -23.45
C ILE A 126 0.34 7.44 -24.13
N VAL A 127 1.27 6.72 -24.78
CA VAL A 127 2.43 7.38 -25.36
C VAL A 127 1.98 8.20 -26.56
N GLU A 128 2.21 9.50 -26.50
CA GLU A 128 1.91 10.40 -27.61
C GLU A 128 3.15 10.89 -28.33
N ILE A 129 4.28 10.99 -27.68
CA ILE A 129 5.46 11.41 -28.36
C ILE A 129 6.44 10.41 -27.93
N THR A 130 7.20 9.84 -28.81
CA THR A 130 8.19 8.83 -28.49
C THR A 130 9.48 9.51 -28.15
N LYS A 131 10.44 8.78 -27.67
CA LYS A 131 11.70 9.33 -27.30
C LYS A 131 12.33 9.83 -28.52
N TYR A 132 13.02 10.93 -28.37
CA TYR A 132 13.78 11.60 -29.41
C TYR A 132 13.04 12.28 -30.51
N ASN A 133 11.74 12.29 -30.45
CA ASN A 133 10.92 12.86 -31.45
C ASN A 133 10.57 14.30 -31.29
N TYR A 134 9.97 14.88 -32.31
CA TYR A 134 9.60 16.25 -32.30
C TYR A 134 8.17 16.46 -32.56
N ILE A 135 7.44 15.48 -33.06
CA ILE A 135 6.04 15.64 -33.44
C ILE A 135 5.08 15.79 -32.31
N LYS A 136 4.48 16.93 -32.19
CA LYS A 136 3.62 17.28 -31.05
C LYS A 136 2.22 16.71 -31.27
N LEU A 137 2.02 15.48 -30.86
CA LEU A 137 0.70 14.86 -30.81
C LEU A 137 0.06 15.06 -29.45
N GLU A 138 -1.27 15.12 -29.45
CA GLU A 138 -2.03 15.29 -28.22
C GLU A 138 -3.35 14.55 -28.37
N ILE A 139 -3.87 14.03 -27.25
CA ILE A 139 -5.23 13.51 -27.24
C ILE A 139 -6.20 14.69 -27.32
N GLN A 140 -7.03 14.70 -28.35
CA GLN A 140 -7.94 15.81 -28.58
C GLN A 140 -9.22 15.63 -27.77
N LEU A 141 -9.40 16.45 -26.75
CA LEU A 141 -10.58 16.35 -25.92
C LEU A 141 -11.83 16.78 -26.67
N ARG A 142 -11.67 17.64 -27.67
CA ARG A 142 -12.81 18.18 -28.40
C ARG A 142 -13.15 17.37 -29.65
N GLU A 143 -12.54 16.20 -29.83
CA GLU A 143 -12.77 15.36 -30.99
C GLU A 143 -13.45 14.08 -30.59
N LYS A 144 -14.26 13.54 -31.49
CA LYS A 144 -15.05 12.35 -31.20
C LYS A 144 -14.14 11.17 -30.87
N PHE A 145 -14.44 10.49 -29.78
CA PHE A 145 -13.66 9.39 -29.24
C PHE A 145 -12.25 9.81 -28.85
N ASN A 146 -12.04 11.11 -28.70
CA ASN A 146 -10.77 11.65 -28.22
C ASN A 146 -9.58 11.05 -28.96
N VAL A 147 -9.64 11.09 -30.29
CA VAL A 147 -8.54 10.56 -31.10
C VAL A 147 -7.29 11.41 -30.87
N ILE A 148 -6.13 10.82 -31.18
CA ILE A 148 -4.85 11.50 -31.04
C ILE A 148 -4.55 12.21 -32.35
N LYS A 149 -4.46 13.52 -32.30
CA LYS A 149 -4.11 14.32 -33.46
C LYS A 149 -2.91 15.20 -33.15
N GLN A 150 -2.31 15.75 -34.20
CA GLN A 150 -1.18 16.65 -34.04
C GLN A 150 -1.68 18.05 -33.70
N ASP A 151 -1.02 18.68 -32.73
CA ASP A 151 -1.38 20.03 -32.36
C ASP A 151 -1.08 20.99 -33.50
N LYS A 152 -1.71 22.16 -33.43
CA LYS A 152 -1.64 23.15 -34.50
C LYS A 152 -1.39 24.52 -33.89
N LYS A 153 -0.29 25.15 -34.27
CA LYS A 153 0.03 26.50 -33.82
C LYS A 153 -0.01 27.45 -35.00
N LYS A 154 -0.67 28.59 -34.83
CA LYS A 154 -0.76 29.63 -35.84
C LYS A 154 -1.38 29.11 -37.13
N GLY A 155 -2.17 28.05 -37.05
CA GLY A 155 -2.74 27.44 -38.22
C GLY A 155 -1.87 26.39 -38.88
N LYS A 156 -0.69 26.14 -38.35
CA LYS A 156 0.24 25.17 -38.93
C LYS A 156 0.48 24.04 -37.94
N LEU A 157 0.79 22.87 -38.48
CA LEU A 157 1.01 21.70 -37.64
C LEU A 157 2.23 21.89 -36.77
N ARG A 158 2.08 21.63 -35.48
CA ARG A 158 3.11 21.99 -34.50
C ARG A 158 4.20 20.93 -34.41
N TYR A 159 5.45 21.37 -34.45
CA TYR A 159 6.60 20.54 -34.16
C TYR A 159 7.38 21.15 -33.01
N TYR A 160 7.96 20.29 -32.18
CA TYR A 160 8.81 20.76 -31.10
C TYR A 160 10.03 21.49 -31.65
N HIS A 161 10.59 22.38 -30.84
CA HIS A 161 11.82 23.06 -31.21
C HIS A 161 13.02 22.16 -30.98
N ASN A 162 12.98 21.38 -29.92
CA ASN A 162 14.05 20.48 -29.55
C ASN A 162 13.53 19.04 -29.55
N SER A 163 14.46 18.09 -29.63
CA SER A 163 14.12 16.68 -29.53
C SER A 163 13.86 16.36 -28.07
N ILE A 164 12.68 15.82 -27.77
CA ILE A 164 12.38 15.42 -26.40
C ILE A 164 13.16 14.15 -26.09
N TYR A 165 13.62 14.03 -24.85
CA TYR A 165 14.53 12.95 -24.49
C TYR A 165 13.83 11.88 -23.66
N TRP A 166 12.50 11.87 -23.63
CA TRP A 166 11.76 10.89 -22.88
C TRP A 166 10.46 10.60 -23.61
N ASN A 167 9.90 9.42 -23.39
CA ASN A 167 8.59 9.12 -23.94
C ASN A 167 7.53 9.88 -23.17
N TYR A 168 6.65 10.56 -23.88
CA TYR A 168 5.77 11.56 -23.31
C TYR A 168 4.33 11.27 -23.71
N GLY A 169 3.43 11.38 -22.74
CA GLY A 169 2.04 11.04 -22.97
C GLY A 169 1.08 11.52 -21.90
N ALA A 170 -0.04 10.83 -21.75
CA ALA A 170 -1.07 11.20 -20.80
C ALA A 170 -1.65 9.97 -20.13
N LEU A 171 -2.20 10.16 -18.95
CA LEU A 171 -2.90 9.14 -18.19
C LEU A 171 -4.39 9.14 -18.53
N PRO A 172 -5.01 7.98 -18.68
CA PRO A 172 -6.44 7.95 -18.96
C PRO A 172 -7.25 8.26 -17.72
N GLN A 173 -8.49 8.66 -17.94
CA GLN A 173 -9.45 8.87 -16.86
C GLN A 173 -8.89 9.81 -15.80
N THR A 174 -8.18 10.83 -16.25
CA THR A 174 -7.66 11.89 -15.41
C THR A 174 -7.97 13.24 -16.04
N TYR A 175 -8.03 14.28 -15.22
CA TYR A 175 -8.47 15.58 -15.72
C TYR A 175 -8.11 16.66 -14.73
N GLU A 176 -7.35 17.67 -15.18
CA GLU A 176 -7.08 18.84 -14.37
C GLU A 176 -8.25 19.81 -14.50
N TYR A 177 -9.34 19.45 -13.83
CA TYR A 177 -10.60 20.18 -13.89
C TYR A 177 -10.41 21.59 -13.32
N PRO A 178 -10.57 22.64 -14.12
CA PRO A 178 -10.36 23.99 -13.61
C PRO A 178 -11.41 24.45 -12.62
N LYS A 179 -12.41 23.64 -12.31
CA LYS A 179 -13.40 24.01 -11.30
C LYS A 179 -12.76 24.18 -9.93
N HIS A 180 -11.71 23.43 -9.65
CA HIS A 180 -11.06 23.47 -8.36
C HIS A 180 -9.92 24.48 -8.38
N ILE A 181 -9.85 25.32 -7.34
CA ILE A 181 -8.91 26.43 -7.27
C ILE A 181 -7.87 26.15 -6.20
N TYR A 182 -6.62 26.50 -6.49
CA TYR A 182 -5.51 26.35 -5.58
C TYR A 182 -4.97 27.72 -5.20
N GLN A 183 -4.25 27.77 -4.08
CA GLN A 183 -3.85 29.05 -3.50
C GLN A 183 -2.43 28.97 -2.96
N ASN A 184 -1.95 30.11 -2.47
CA ASN A 184 -0.66 30.22 -1.80
C ASN A 184 -0.70 31.34 -0.78
N LYS A 190 0.54 40.45 0.90
CA LYS A 190 -0.68 41.07 0.42
C LYS A 190 -1.83 40.07 0.52
N GLU A 191 -2.49 39.80 -0.61
CA GLU A 191 -3.56 38.82 -0.68
C GLU A 191 -3.19 37.72 -1.66
N ALA A 192 -3.81 36.55 -1.48
CA ALA A 192 -3.34 35.32 -2.06
C ALA A 192 -3.45 35.30 -3.58
N LEU A 193 -2.73 34.36 -4.19
CA LEU A 193 -2.71 34.13 -5.62
C LEU A 193 -3.47 32.84 -5.92
N LEU A 194 -4.26 32.85 -6.97
CA LEU A 194 -5.14 31.72 -7.28
C LEU A 194 -4.64 30.98 -8.51
N PHE A 195 -4.78 29.66 -8.49
CA PHE A 195 -4.28 28.80 -9.55
C PHE A 195 -5.32 27.74 -9.89
N THR A 196 -5.34 27.32 -11.15
CA THR A 196 -6.22 26.24 -11.59
C THR A 196 -5.41 25.20 -12.37
N GLY A 197 -6.08 24.28 -13.05
CA GLY A 197 -5.42 23.24 -13.78
C GLY A 197 -5.28 23.58 -15.26
N ASP A 198 -4.49 22.75 -15.97
CA ASP A 198 -4.25 22.97 -17.38
C ASP A 198 -5.48 22.71 -18.25
N ASN A 199 -6.52 22.09 -17.71
CA ASN A 199 -7.75 21.71 -18.41
C ASN A 199 -7.52 20.61 -19.44
N ASP A 200 -6.47 19.83 -19.30
CA ASP A 200 -6.20 18.65 -20.11
C ASP A 200 -5.84 17.51 -19.19
N PRO A 201 -5.85 16.27 -19.68
CA PRO A 201 -5.45 15.15 -18.84
C PRO A 201 -4.02 15.28 -18.36
N LEU A 202 -3.70 14.53 -17.31
CA LEU A 202 -2.42 14.66 -16.61
C LEU A 202 -1.27 14.15 -17.47
N ASP A 203 -0.22 14.96 -17.57
CA ASP A 203 0.94 14.63 -18.37
C ASP A 203 1.88 13.71 -17.60
N ILE A 204 2.56 12.82 -18.31
CA ILE A 204 3.37 11.79 -17.70
C ILE A 204 4.63 11.53 -18.54
N LEU A 205 5.73 11.22 -17.85
CA LEU A 205 7.03 11.01 -18.47
C LEU A 205 7.59 9.64 -18.13
N ASP A 206 8.21 8.99 -19.12
CA ASP A 206 8.88 7.70 -18.95
C ASP A 206 10.38 7.94 -19.03
N ILE A 207 11.08 7.68 -17.92
CA ILE A 207 12.53 7.82 -17.88
C ILE A 207 13.20 6.56 -18.38
N GLY A 208 12.42 5.63 -18.90
CA GLY A 208 12.97 4.40 -19.41
C GLY A 208 13.92 4.63 -20.58
N SER A 209 14.86 3.72 -20.73
CA SER A 209 15.80 3.81 -21.85
C SER A 209 15.09 3.59 -23.17
N ALA A 210 14.24 2.58 -23.23
CA ALA A 210 13.67 2.15 -24.50
C ALA A 210 12.73 3.20 -25.07
N CYS A 211 12.83 3.41 -26.38
CA CYS A 211 11.89 4.26 -27.10
C CYS A 211 10.58 3.50 -27.30
N LEU A 212 9.49 4.09 -26.84
CA LEU A 212 8.18 3.48 -27.03
C LEU A 212 7.60 3.87 -28.38
N LYS A 213 6.37 3.48 -28.65
CA LYS A 213 5.74 3.68 -29.94
C LYS A 213 4.64 4.73 -29.86
N ILE A 214 4.38 5.38 -30.99
CA ILE A 214 3.32 6.38 -31.07
C ILE A 214 1.99 5.72 -30.80
N GLY A 215 1.29 6.18 -29.77
CA GLY A 215 -0.02 5.67 -29.42
C GLY A 215 -0.03 4.48 -28.50
N GLN A 216 1.13 3.93 -28.15
CA GLN A 216 1.19 2.72 -27.36
C GLN A 216 0.69 2.94 -25.95
N VAL A 217 0.00 1.94 -25.41
CA VAL A 217 -0.44 1.94 -24.01
C VAL A 217 0.56 1.11 -23.23
N VAL A 218 1.29 1.75 -22.32
CA VAL A 218 2.41 1.16 -21.62
C VAL A 218 2.15 1.18 -20.12
N PRO A 219 2.16 0.03 -19.43
CA PRO A 219 2.11 0.06 -17.97
C PRO A 219 3.37 0.71 -17.41
N VAL A 220 3.17 1.58 -16.41
CA VAL A 220 4.25 2.43 -15.91
C VAL A 220 4.15 2.53 -14.39
N LYS A 221 5.31 2.67 -13.73
CA LYS A 221 5.39 2.87 -12.29
C LYS A 221 5.73 4.32 -11.97
N ILE A 222 5.03 4.87 -11.00
CA ILE A 222 5.17 6.28 -10.64
C ILE A 222 6.39 6.48 -9.75
N LEU A 223 7.13 7.55 -9.98
CA LEU A 223 8.35 7.88 -9.24
C LEU A 223 8.28 9.23 -8.55
N GLY A 224 7.70 10.23 -9.20
CA GLY A 224 7.63 11.56 -8.63
C GLY A 224 6.92 12.49 -9.58
N ALA A 225 6.97 13.78 -9.27
CA ALA A 225 6.31 14.76 -10.13
C ALA A 225 6.89 16.14 -9.87
N PHE A 226 6.81 16.99 -10.90
CA PHE A 226 7.16 18.40 -10.82
C PHE A 226 6.09 19.22 -11.52
N THR A 227 6.10 20.52 -11.27
CA THR A 227 5.01 21.40 -11.66
C THR A 227 5.53 22.58 -12.47
N LEU A 228 4.78 22.96 -13.49
CA LEU A 228 5.03 24.19 -14.23
C LEU A 228 3.90 25.15 -13.88
N ILE A 229 4.24 26.36 -13.50
CA ILE A 229 3.24 27.33 -13.08
C ILE A 229 3.36 28.53 -14.02
N ASP A 230 2.57 28.53 -15.10
CA ASP A 230 2.50 29.66 -15.99
C ASP A 230 1.06 29.99 -16.32
N GLU A 231 0.82 31.21 -16.81
CA GLU A 231 -0.50 31.73 -17.11
C GLU A 231 -1.46 31.64 -15.93
N GLY A 232 -0.93 31.38 -14.73
CA GLY A 232 -1.78 31.24 -13.57
C GLY A 232 -2.46 29.90 -13.40
N GLU A 233 -2.00 28.87 -14.08
CA GLU A 233 -2.54 27.52 -13.94
C GLU A 233 -1.42 26.53 -13.68
N LEU A 234 -1.74 25.45 -12.99
CA LEU A 234 -0.75 24.44 -12.60
C LEU A 234 -0.76 23.34 -13.64
N ASP A 235 0.38 23.07 -14.25
CA ASP A 235 0.53 22.01 -15.24
C ASP A 235 1.40 20.93 -14.62
N TRP A 236 0.78 19.89 -14.10
CA TRP A 236 1.48 18.82 -13.43
C TRP A 236 2.14 17.93 -14.47
N LYS A 237 3.36 17.47 -14.18
CA LYS A 237 4.07 16.53 -15.04
C LYS A 237 4.49 15.34 -14.19
N ILE A 238 3.95 14.18 -14.50
CA ILE A 238 4.22 12.97 -13.73
C ILE A 238 5.46 12.30 -14.29
N ILE A 239 6.37 11.91 -13.42
CA ILE A 239 7.58 11.18 -13.77
C ILE A 239 7.36 9.72 -13.42
N ALA A 240 7.56 8.83 -14.40
CA ALA A 240 7.29 7.41 -14.21
C ALA A 240 8.30 6.58 -14.99
N ILE A 241 8.32 5.27 -14.74
CA ILE A 241 9.27 4.35 -15.37
C ILE A 241 8.54 3.18 -15.99
N ASN A 242 8.98 2.77 -17.18
CA ASN A 242 8.35 1.67 -17.90
C ASN A 242 8.44 0.36 -17.13
N LYS A 243 7.36 -0.43 -17.19
CA LYS A 243 7.33 -1.75 -16.57
C LYS A 243 8.50 -2.62 -17.01
N GLU A 244 8.84 -2.59 -18.30
CA GLU A 244 9.82 -3.49 -18.88
C GLU A 244 11.23 -2.88 -18.93
N ASP A 245 11.49 -1.81 -18.21
CA ASP A 245 12.82 -1.23 -18.22
C ASP A 245 13.78 -2.12 -17.44
N LYS A 246 15.06 -2.05 -17.80
CA LYS A 246 16.05 -2.94 -17.23
C LYS A 246 16.28 -2.69 -15.75
N HIS A 247 15.94 -1.50 -15.27
CA HIS A 247 16.09 -1.15 -13.86
C HIS A 247 14.74 -0.79 -13.24
N TYR A 248 13.70 -1.56 -13.58
CA TYR A 248 12.36 -1.27 -13.05
C TYR A 248 12.31 -1.45 -11.54
N GLU A 249 12.81 -2.58 -11.04
CA GLU A 249 12.68 -2.89 -9.63
C GLU A 249 13.69 -2.14 -8.78
N ASP A 250 14.79 -1.68 -9.39
CA ASP A 250 15.82 -0.96 -8.66
C ASP A 250 15.53 0.52 -8.51
N ILE A 251 14.58 1.07 -9.27
CA ILE A 251 14.24 2.49 -9.23
C ILE A 251 12.86 2.63 -8.62
N ASN A 252 12.75 3.36 -7.52
CA ASN A 252 11.47 3.55 -6.86
C ASN A 252 11.25 4.96 -6.32
N SER A 253 12.13 5.91 -6.62
CA SER A 253 11.94 7.31 -6.27
C SER A 253 12.73 8.16 -7.26
N LEU A 254 12.62 9.49 -7.11
CA LEU A 254 13.38 10.38 -7.97
C LEU A 254 14.88 10.28 -7.72
N SER A 255 15.28 9.79 -6.55
CA SER A 255 16.68 9.70 -6.19
C SER A 255 17.31 8.39 -6.63
N ASP A 256 16.52 7.39 -6.96
CA ASP A 256 17.06 6.15 -7.49
C ASP A 256 17.46 6.28 -8.95
N ILE A 257 16.94 7.28 -9.66
CA ILE A 257 17.24 7.42 -11.08
C ILE A 257 18.71 7.76 -11.27
N GLU A 258 19.25 8.65 -10.44
CA GLU A 258 20.60 9.16 -10.63
C GLU A 258 21.65 8.06 -10.51
N LYS A 259 21.29 6.91 -9.97
CA LYS A 259 22.21 5.80 -9.84
C LYS A 259 22.25 4.92 -11.07
N TYR A 260 21.20 4.94 -11.88
CA TYR A 260 21.13 4.14 -13.09
C TYR A 260 20.98 4.98 -14.36
N TYR A 261 20.39 6.16 -14.27
CA TYR A 261 20.23 7.05 -15.40
C TYR A 261 20.56 8.46 -14.92
N PRO A 262 21.84 8.77 -14.74
CA PRO A 262 22.21 10.06 -14.16
C PRO A 262 21.68 11.24 -14.95
N HIS A 263 21.38 12.33 -14.24
CA HIS A 263 20.99 13.63 -14.75
C HIS A 263 19.63 13.70 -15.42
N THR A 264 18.86 12.61 -15.48
CA THR A 264 17.53 12.72 -16.08
C THR A 264 16.68 13.72 -15.34
N LEU A 265 16.83 13.81 -14.02
CA LEU A 265 15.99 14.70 -13.24
C LEU A 265 16.37 16.15 -13.46
N SER A 266 17.67 16.45 -13.50
CA SER A 266 18.10 17.81 -13.80
C SER A 266 17.82 18.17 -15.24
N LEU A 267 18.08 17.25 -16.16
CA LEU A 267 17.78 17.49 -17.57
C LEU A 267 16.28 17.68 -17.81
N LEU A 268 15.46 16.86 -17.16
CA LEU A 268 14.01 16.95 -17.32
C LEU A 268 13.52 18.36 -17.04
N LEU A 269 13.90 18.92 -15.89
CA LEU A 269 13.45 20.25 -15.53
C LEU A 269 13.94 21.31 -16.51
N GLU A 270 15.22 21.26 -16.88
CA GLU A 270 15.76 22.30 -17.75
C GLU A 270 15.20 22.20 -19.15
N TRP A 271 14.88 21.00 -19.60
CA TRP A 271 14.24 20.84 -20.91
C TRP A 271 12.89 21.54 -20.95
N PHE A 272 12.03 21.23 -19.99
CA PHE A 272 10.73 21.87 -19.91
C PHE A 272 10.86 23.34 -19.51
N ARG A 273 12.00 23.74 -18.96
CA ARG A 273 12.24 25.13 -18.63
C ARG A 273 12.43 25.97 -19.88
N SER A 274 13.00 25.39 -20.93
CA SER A 274 13.49 26.14 -22.08
C SER A 274 12.90 25.76 -23.42
N TYR A 275 12.19 24.63 -23.54
CA TYR A 275 11.87 24.05 -24.83
C TYR A 275 11.10 24.98 -25.76
N LYS A 276 10.56 26.09 -25.28
CA LYS A 276 9.90 27.07 -26.13
C LYS A 276 10.62 28.40 -26.18
N ALA A 278 12.78 29.68 -27.95
CA ALA A 278 13.06 30.27 -29.26
C ALA A 278 11.88 31.03 -29.81
N ASP A 279 10.66 30.76 -29.34
CA ASP A 279 9.49 31.52 -29.74
C ASP A 279 9.02 32.49 -28.66
N THR A 280 8.97 32.05 -27.40
CA THR A 280 8.46 32.89 -26.33
C THR A 280 9.50 33.88 -25.83
N LYS A 281 10.78 33.61 -26.07
CA LYS A 281 11.90 34.42 -25.59
C LYS A 281 11.92 34.53 -24.08
N LYS A 282 11.19 33.66 -23.39
CA LYS A 282 11.16 33.64 -21.93
C LYS A 282 11.21 32.20 -21.45
N LEU A 283 11.80 32.00 -20.28
CA LEU A 283 11.84 30.69 -19.65
C LEU A 283 10.52 30.36 -18.97
N ASN A 284 10.14 29.09 -19.01
CA ASN A 284 8.97 28.65 -18.28
C ASN A 284 9.27 28.62 -16.79
N LEU A 285 8.25 28.81 -15.97
CA LEU A 285 8.41 28.80 -14.54
C LEU A 285 8.18 27.38 -14.03
N ILE A 286 9.08 26.89 -13.20
CA ILE A 286 8.97 25.57 -12.62
C ILE A 286 9.13 25.72 -11.11
N SER A 287 8.13 25.28 -10.36
CA SER A 287 8.17 25.38 -8.91
C SER A 287 9.35 24.60 -8.36
N LYS A 288 9.94 25.12 -7.30
CA LYS A 288 11.10 24.46 -6.70
C LYS A 288 10.73 23.17 -5.99
N GLN A 289 9.44 22.89 -5.82
CA GLN A 289 8.98 21.73 -5.04
C GLN A 289 8.63 20.58 -5.97
N LEU A 290 9.26 19.44 -5.72
CA LEU A 290 9.00 18.21 -6.46
C LEU A 290 8.24 17.24 -5.58
N TYR A 291 7.30 16.51 -6.17
CA TYR A 291 6.54 15.52 -5.43
C TYR A 291 7.27 14.19 -5.45
N ASP A 292 7.17 13.46 -4.34
CA ASP A 292 7.74 12.12 -4.24
C ASP A 292 6.77 11.11 -4.84
N LYS A 293 7.06 9.83 -4.69
CA LYS A 293 6.25 8.78 -5.31
C LYS A 293 4.84 8.76 -4.74
N LYS A 294 4.70 8.97 -3.44
CA LYS A 294 3.37 8.90 -2.84
C LYS A 294 2.57 10.16 -3.08
N GLU A 295 3.22 11.32 -3.11
CA GLU A 295 2.51 12.55 -3.43
C GLU A 295 2.05 12.55 -4.87
N SER A 296 2.73 11.82 -5.75
CA SER A 296 2.31 11.73 -7.13
C SER A 296 1.14 10.76 -7.31
N GLU A 297 1.17 9.61 -6.64
CA GLU A 297 0.04 8.69 -6.73
C GLU A 297 -1.22 9.30 -6.15
N ASP A 298 -1.09 10.12 -5.12
CA ASP A 298 -2.24 10.84 -4.58
C ASP A 298 -2.71 11.92 -5.54
N LEU A 299 -1.80 12.43 -6.36
CA LEU A 299 -2.17 13.41 -7.38
C LEU A 299 -2.98 12.76 -8.50
N ILE A 300 -2.57 11.58 -8.94
CA ILE A 300 -3.28 10.87 -10.01
C ILE A 300 -4.71 10.56 -9.60
N LYS A 302 -6.59 12.20 -7.16
CA LYS A 302 -7.34 13.45 -7.08
C LYS A 302 -7.80 13.89 -8.46
N THR A 303 -6.92 13.78 -9.45
CA THR A 303 -7.31 14.13 -10.81
C THR A 303 -8.25 13.10 -11.42
N HIS A 304 -8.22 11.86 -10.94
CA HIS A 304 -9.24 10.89 -11.34
C HIS A 304 -10.58 11.24 -10.74
N HIS A 305 -10.59 11.65 -9.47
CA HIS A 305 -11.83 12.12 -8.86
C HIS A 305 -12.32 13.39 -9.54
N TYR A 306 -11.39 14.27 -9.93
CA TYR A 306 -11.76 15.44 -10.73
C TYR A 306 -12.41 14.99 -12.04
N TYR A 307 -11.87 13.93 -12.64
CA TYR A 307 -12.43 13.40 -13.87
C TYR A 307 -13.83 12.85 -13.65
N LEU A 308 -14.09 12.22 -12.50
CA LEU A 308 -15.40 11.68 -12.19
C LEU A 308 -16.35 12.73 -11.65
N GLU A 309 -15.92 13.98 -11.51
CA GLU A 309 -16.80 15.09 -11.18
C GLU A 309 -17.12 15.93 -12.39
N PHE A 310 -16.23 15.97 -13.38
CA PHE A 310 -16.54 16.56 -14.67
C PHE A 310 -17.63 15.77 -15.35
N ARG A 311 -17.49 14.44 -15.34
CA ARG A 311 -18.44 13.58 -16.03
C ARG A 311 -19.81 13.63 -15.35
N GLU A 312 -19.85 13.83 -14.04
CA GLU A 312 -21.12 14.05 -13.36
C GLU A 312 -21.68 15.42 -13.69
N ASP A 313 -20.84 16.44 -13.64
CA ASP A 313 -21.28 17.79 -13.94
C ASP A 313 -21.80 17.89 -15.37
N VAL A 314 -21.29 17.04 -16.27
CA VAL A 314 -21.68 17.15 -17.67
C VAL A 314 -23.05 16.52 -17.87
N LYS A 315 -23.37 15.43 -17.17
CA LYS A 315 -24.70 14.85 -17.35
C LYS A 315 -25.77 15.73 -16.73
N LYS A 316 -25.51 16.28 -15.54
CA LYS A 316 -26.46 17.21 -14.94
C LYS A 316 -26.66 18.44 -15.80
N LEU A 317 -25.64 18.87 -16.55
CA LEU A 317 -25.76 20.09 -17.32
C LEU A 317 -26.46 19.86 -18.65
N LYS A 318 -26.65 18.61 -19.06
CA LYS A 318 -27.35 18.33 -20.30
C LYS A 318 -28.72 17.74 -20.05
N GLU A 319 -29.11 17.59 -18.79
CA GLU A 319 -30.52 17.49 -18.46
C GLU A 319 -31.10 18.85 -18.09
N GLU A 320 -30.31 19.72 -17.46
CA GLU A 320 -30.68 21.10 -17.18
C GLU A 320 -31.16 21.82 -18.43
N HIS A 321 -30.28 22.04 -19.40
CA HIS A 321 -30.58 22.82 -20.59
C HIS A 321 -30.66 21.94 -21.84
N SER A 322 -31.21 20.73 -21.68
CA SER A 322 -31.55 19.88 -22.81
C SER A 322 -32.70 18.94 -22.47
N LYS A 323 -33.38 19.13 -21.35
CA LYS A 323 -34.56 18.36 -20.98
C LYS A 323 -35.33 19.05 -19.85
N GLU A 353 12.05 39.28 -9.45
CA GLU A 353 11.50 38.53 -10.56
C GLU A 353 10.47 37.51 -10.09
N ASN A 354 10.07 36.65 -11.02
CA ASN A 354 9.28 35.48 -10.68
C ASN A 354 10.13 34.34 -10.18
N ASN A 355 11.34 34.62 -9.69
CA ASN A 355 12.25 33.54 -9.30
C ASN A 355 11.74 32.84 -8.06
N LEU A 356 11.24 33.60 -7.09
CA LEU A 356 10.67 33.04 -5.88
C LEU A 356 9.17 32.85 -6.00
N LEU A 357 8.59 33.22 -7.14
CA LEU A 357 7.27 32.75 -7.48
C LEU A 357 7.30 31.24 -7.68
N GLU A 358 8.50 30.69 -7.87
CA GLU A 358 8.75 29.27 -7.94
C GLU A 358 8.83 28.66 -6.54
N ASP A 359 9.17 29.45 -5.52
CA ASP A 359 9.32 28.95 -4.16
C ASP A 359 8.00 28.67 -3.49
N ILE A 360 6.92 29.32 -3.95
CA ILE A 360 5.63 29.25 -3.26
C ILE A 360 5.16 27.81 -3.09
N ASN A 361 4.48 27.56 -1.98
CA ASN A 361 3.82 26.28 -1.71
C ASN A 361 2.33 26.44 -2.00
N ILE A 362 1.79 25.56 -2.83
CA ILE A 362 0.44 25.69 -3.35
C ILE A 362 -0.45 24.65 -2.69
N THR A 363 -1.64 25.05 -2.27
CA THR A 363 -2.59 24.18 -1.63
C THR A 363 -4.01 24.37 -2.11
N TYR A 364 -4.89 23.42 -1.89
CA TYR A 364 -6.25 23.52 -2.38
C TYR A 364 -6.93 24.63 -1.71
N TYR A 365 -7.94 25.20 -2.34
CA TYR A 365 -8.66 26.28 -1.77
C TYR A 365 -10.15 26.08 -1.76
N LYS A 366 -10.82 26.31 -2.87
CA LYS A 366 -12.24 26.15 -2.94
C LYS A 366 -12.70 25.64 -4.26
N SER A 367 -13.87 25.06 -4.30
CA SER A 367 -14.43 24.53 -5.54
C SER A 367 -15.45 25.53 -6.08
N ASP A 368 -15.08 26.24 -7.14
CA ASP A 368 -15.94 27.27 -7.73
C ASP A 368 -17.21 26.64 -8.26
N SER A 369 -18.33 26.90 -7.60
CA SER A 369 -19.60 26.34 -8.02
C SER A 369 -20.29 27.20 -9.07
N ALA A 370 -19.68 28.29 -9.47
CA ALA A 370 -20.09 29.05 -10.65
C ALA A 370 -19.38 28.59 -11.90
N TYR A 371 -18.61 27.50 -11.82
CA TYR A 371 -17.89 26.96 -12.97
C TYR A 371 -18.81 26.04 -13.74
N LYS A 372 -18.84 26.20 -15.05
CA LYS A 372 -19.63 25.35 -15.91
C LYS A 372 -18.71 24.47 -16.74
N PRO A 373 -18.89 23.16 -16.73
CA PRO A 373 -17.99 22.28 -17.49
C PRO A 373 -18.07 22.57 -18.98
N ASP A 374 -16.99 22.23 -19.68
CA ASP A 374 -16.90 22.47 -21.12
C ASP A 374 -17.75 21.44 -21.85
N LEU A 375 -18.80 21.89 -22.51
CA LEU A 375 -19.66 21.00 -23.28
C LEU A 375 -19.07 20.65 -24.63
N ASN A 376 -17.94 21.21 -24.94
CA ASN A 376 -17.22 20.87 -26.13
C ASN A 376 -16.49 19.51 -26.04
N ILE A 377 -15.89 19.18 -24.92
CA ILE A 377 -15.21 17.93 -24.73
C ILE A 377 -16.14 16.79 -24.88
N TRP A 378 -15.80 15.81 -25.69
CA TRP A 378 -16.65 14.68 -25.94
C TRP A 378 -16.63 13.73 -24.85
N THR A 379 -17.79 13.33 -24.38
CA THR A 379 -17.91 12.34 -23.36
C THR A 379 -18.98 11.50 -23.90
N PRO A 380 -18.87 10.21 -23.67
CA PRO A 380 -19.86 9.20 -24.04
C PRO A 380 -21.19 9.40 -23.33
N TYR B 36 6.01 14.13 -51.73
CA TYR B 36 7.15 13.53 -51.05
C TYR B 36 6.66 12.50 -50.02
N PHE B 37 7.50 11.52 -49.70
CA PHE B 37 7.19 10.53 -48.68
C PHE B 37 8.49 9.97 -48.10
N ILE B 38 8.53 9.84 -46.78
CA ILE B 38 9.66 9.26 -46.06
C ILE B 38 9.43 7.76 -45.86
N GLU B 39 10.47 6.97 -46.12
CA GLU B 39 10.38 5.52 -46.02
C GLU B 39 10.70 5.10 -44.59
N THR B 40 9.70 4.59 -43.89
CA THR B 40 9.88 3.98 -42.58
C THR B 40 9.85 2.46 -42.63
N ASN B 41 9.78 1.89 -43.82
CA ASN B 41 9.66 0.44 -44.02
C ASN B 41 8.47 -0.13 -43.27
N LYS B 42 7.44 0.69 -43.06
CA LYS B 42 6.21 0.29 -42.39
C LYS B 42 5.04 0.89 -43.15
N GLU B 43 3.82 0.55 -42.74
CA GLU B 43 2.64 0.94 -43.51
C GLU B 43 2.27 2.41 -43.35
N LEU B 44 2.58 3.03 -42.22
CA LEU B 44 2.27 4.44 -42.03
C LEU B 44 3.36 5.31 -42.66
N LYS B 45 2.96 6.24 -43.52
CA LYS B 45 3.88 7.09 -44.26
C LYS B 45 3.86 8.51 -43.73
N ILE B 46 4.74 9.34 -44.30
CA ILE B 46 4.94 10.73 -43.89
C ILE B 46 4.82 11.62 -45.13
N ASN B 47 3.91 12.60 -45.09
CA ASN B 47 3.65 13.42 -46.26
C ASN B 47 4.86 14.29 -46.61
N LEU B 48 5.54 14.85 -45.62
CA LEU B 48 6.73 15.66 -45.83
C LEU B 48 6.45 16.86 -46.74
N ASN B 49 5.49 17.67 -46.32
CA ASN B 49 5.24 18.97 -46.92
C ASN B 49 5.58 20.04 -45.89
N PHE B 50 6.39 21.00 -46.29
CA PHE B 50 6.91 22.01 -45.38
C PHE B 50 6.10 23.29 -45.40
N GLN B 51 4.93 23.29 -46.05
CA GLN B 51 4.05 24.44 -46.05
C GLN B 51 2.95 24.34 -45.02
N ASN B 52 2.70 23.16 -44.47
CA ASN B 52 1.65 22.98 -43.47
C ASN B 52 2.18 22.88 -42.05
N ASN B 53 3.49 22.84 -41.84
CA ASN B 53 4.08 22.67 -40.52
C ASN B 53 4.93 23.87 -40.16
N ASN B 54 5.48 23.84 -38.95
CA ASN B 54 6.26 24.94 -38.39
C ASN B 54 7.74 24.61 -38.27
N ILE B 55 8.25 23.67 -39.06
CA ILE B 55 9.67 23.32 -39.00
C ILE B 55 10.53 24.47 -39.50
N ILE B 56 10.24 24.97 -40.71
CA ILE B 56 10.99 26.07 -41.27
C ILE B 56 10.91 27.29 -40.37
N SER B 57 9.73 27.55 -39.81
CA SER B 57 9.60 28.66 -38.87
C SER B 57 10.47 28.44 -37.64
N ASN B 58 10.46 27.21 -37.10
CA ASN B 58 11.23 26.91 -35.91
C ASN B 58 12.71 27.25 -36.10
N ILE B 59 13.27 26.93 -37.26
CA ILE B 59 14.71 27.00 -37.46
C ILE B 59 15.16 28.38 -37.89
N PHE B 60 14.48 28.99 -38.85
CA PHE B 60 14.99 30.17 -39.53
C PHE B 60 14.33 31.48 -39.10
N SER B 61 13.27 31.45 -38.31
CA SER B 61 12.60 32.70 -37.98
C SER B 61 13.38 33.57 -37.03
N ASN B 62 14.51 33.09 -36.53
CA ASN B 62 15.36 33.86 -35.63
C ASN B 62 16.75 34.10 -36.23
N ILE B 63 16.89 34.02 -37.55
CA ILE B 63 18.17 34.28 -38.18
C ILE B 63 18.50 35.75 -38.01
N ASN B 64 19.77 36.06 -37.76
CA ASN B 64 20.22 37.43 -37.55
C ASN B 64 21.55 37.59 -38.26
N ILE B 65 21.55 38.31 -39.37
CA ILE B 65 22.72 38.47 -40.22
C ILE B 65 22.96 39.95 -40.48
N TYR B 66 24.13 40.25 -41.03
CA TYR B 66 24.42 41.59 -41.50
C TYR B 66 23.58 41.90 -42.73
N ASP B 67 23.37 43.20 -42.98
CA ASP B 67 22.44 43.59 -44.03
C ASP B 67 22.98 43.26 -45.42
N LYS B 68 24.25 43.53 -45.66
CA LYS B 68 24.81 43.47 -47.01
C LYS B 68 25.83 42.36 -47.13
N ILE B 69 26.21 42.05 -48.36
CA ILE B 69 27.18 40.99 -48.61
C ILE B 69 28.52 41.37 -48.00
N SER B 70 29.00 42.57 -48.31
CA SER B 70 30.26 43.09 -47.78
C SER B 70 29.96 44.13 -46.72
N ASN B 71 30.41 43.87 -45.50
CA ASN B 71 30.10 44.69 -44.34
C ASN B 71 31.39 45.09 -43.64
N ILE B 72 31.53 46.39 -43.38
CA ILE B 72 32.74 46.94 -42.77
C ILE B 72 32.47 47.21 -41.30
N PHE B 73 33.38 46.79 -40.45
CA PHE B 73 33.28 47.01 -39.01
C PHE B 73 34.64 47.40 -38.47
N ILE B 74 34.63 47.94 -37.26
CA ILE B 74 35.84 48.45 -36.60
C ILE B 74 35.98 47.71 -35.28
N ASN B 75 37.08 46.98 -35.12
CA ASN B 75 37.37 46.27 -33.88
C ASN B 75 38.79 46.60 -33.45
N ASN B 76 38.95 46.99 -32.20
CA ASN B 76 40.26 47.30 -31.60
C ASN B 76 41.02 48.34 -32.41
N LYS B 77 40.37 49.47 -32.68
CA LYS B 77 40.98 50.62 -33.35
C LYS B 77 41.48 50.28 -34.75
N LYS B 78 41.03 49.17 -35.31
CA LYS B 78 41.40 48.74 -36.65
C LYS B 78 40.13 48.52 -37.47
N THR B 79 40.27 48.54 -38.78
CA THR B 79 39.11 48.50 -39.67
C THR B 79 39.14 47.19 -40.47
N TYR B 80 38.05 46.44 -40.39
CA TYR B 80 37.93 45.14 -41.01
C TYR B 80 36.72 45.19 -41.92
N LEU B 82 33.71 42.29 -43.62
CA LEU B 82 33.16 40.95 -43.56
C LEU B 82 32.36 40.70 -44.84
N LYS B 83 32.57 39.55 -45.47
CA LYS B 83 31.97 39.25 -46.76
C LYS B 83 31.22 37.94 -46.68
N TYR B 84 29.93 37.93 -46.92
CA TYR B 84 29.23 36.69 -46.88
C TYR B 84 29.33 36.17 -48.25
N ASN B 85 29.96 35.04 -48.46
CA ASN B 85 30.06 34.58 -49.79
C ASN B 85 29.10 33.49 -50.02
N ASN B 86 28.27 33.61 -51.02
CA ASN B 86 27.34 32.61 -51.41
C ASN B 86 26.13 32.61 -50.56
N ASN B 87 25.22 31.70 -50.78
CA ASN B 87 24.01 31.63 -50.02
C ASN B 87 23.96 30.49 -49.05
N ILE B 88 23.28 30.70 -47.96
CA ILE B 88 23.20 29.67 -46.92
C ILE B 88 22.54 28.42 -47.48
N ASN B 89 22.95 27.26 -46.98
CA ASN B 89 22.50 25.95 -47.42
C ASN B 89 22.94 25.64 -48.84
N GLU B 90 24.01 26.27 -49.29
CA GLU B 90 24.74 25.91 -50.50
C GLU B 90 26.09 25.35 -50.08
N GLU B 91 26.71 24.55 -50.93
CA GLU B 91 27.87 23.79 -50.49
C GLU B 91 29.16 24.61 -50.45
N ASN B 92 29.16 25.83 -50.98
CA ASN B 92 30.32 26.69 -50.83
C ASN B 92 29.88 28.08 -50.34
N PHE B 93 29.21 28.11 -49.19
CA PHE B 93 28.94 29.34 -48.48
C PHE B 93 30.02 29.48 -47.42
N PHE B 94 30.62 30.66 -47.36
CA PHE B 94 31.65 30.95 -46.38
C PHE B 94 31.69 32.43 -46.05
N ILE B 95 32.30 32.74 -44.92
CA ILE B 95 32.43 34.10 -44.42
C ILE B 95 33.90 34.44 -44.46
N SER B 96 34.29 35.38 -45.31
CA SER B 96 35.67 35.81 -45.41
C SER B 96 35.87 37.11 -44.64
N TYR B 97 37.05 37.26 -44.07
CA TYR B 97 37.39 38.42 -43.26
C TYR B 97 38.58 39.15 -43.87
N PHE B 98 38.57 40.47 -43.82
CA PHE B 98 39.61 41.30 -44.40
C PHE B 98 40.04 42.36 -43.40
N GLU B 99 41.23 42.92 -43.61
CA GLU B 99 41.78 43.96 -42.76
C GLU B 99 42.30 45.08 -43.57
N LYS B 100 42.40 46.22 -42.94
CA LYS B 100 42.91 47.41 -43.59
C LYS B 100 44.39 47.55 -43.48
N LYS B 101 45.03 47.30 -44.58
CA LYS B 101 46.43 47.46 -44.70
C LYS B 101 46.22 48.59 -45.65
N ASP B 102 46.78 49.73 -45.31
CA ASP B 102 46.54 50.96 -45.99
C ASP B 102 46.63 50.82 -47.47
N ASP B 103 45.60 51.36 -48.11
CA ASP B 103 45.40 51.43 -49.54
C ASP B 103 44.61 50.28 -50.05
N ASN B 104 44.60 49.22 -49.28
CA ASN B 104 43.90 48.05 -49.70
C ASN B 104 43.43 47.23 -48.57
N PHE B 105 42.47 46.36 -48.88
CA PHE B 105 41.90 45.44 -47.92
C PHE B 105 42.52 44.11 -48.29
N VAL B 106 43.22 43.51 -47.34
CA VAL B 106 43.97 42.28 -47.51
C VAL B 106 43.24 41.11 -46.85
N PRO B 107 43.33 39.91 -47.40
CA PRO B 107 42.68 38.76 -46.76
C PRO B 107 43.34 38.39 -45.46
N ILE B 108 42.52 38.09 -44.45
CA ILE B 108 42.99 37.70 -43.13
C ILE B 108 42.13 36.56 -42.61
N SER B 109 42.69 35.83 -41.66
CA SER B 109 42.00 34.75 -40.97
C SER B 109 41.45 35.22 -39.65
N PRO B 110 40.21 34.90 -39.30
CA PRO B 110 39.70 35.30 -37.99
C PRO B 110 40.37 34.57 -36.86
N TRP B 111 41.00 33.43 -37.15
CA TRP B 111 41.71 32.68 -36.12
C TRP B 111 43.07 33.28 -35.82
N HIS B 112 43.79 33.74 -36.85
CA HIS B 112 45.16 34.23 -36.70
C HIS B 112 45.25 35.74 -36.49
N HIS B 113 44.49 36.52 -37.27
CA HIS B 113 44.78 37.93 -37.44
C HIS B 113 43.86 38.87 -36.66
N ILE B 114 42.82 38.37 -36.03
CA ILE B 114 41.99 39.18 -35.16
C ILE B 114 42.54 39.08 -33.75
N ASP B 115 42.63 40.20 -33.06
CA ASP B 115 43.26 40.22 -31.75
C ASP B 115 42.43 39.45 -30.74
N LEU B 116 43.08 38.57 -29.99
CA LEU B 116 42.39 37.77 -29.00
C LEU B 116 41.84 38.64 -27.88
N LYS B 117 42.69 39.45 -27.28
CA LYS B 117 42.32 40.29 -26.15
C LYS B 117 42.54 41.74 -26.56
N ASN B 118 41.54 42.58 -26.30
CA ASN B 118 41.61 43.96 -26.73
C ASN B 118 42.37 44.81 -25.72
N ASP B 119 42.60 46.06 -26.10
CA ASP B 119 43.26 47.00 -25.21
C ASP B 119 42.36 47.39 -24.05
N ASP B 120 41.06 47.13 -24.17
CA ASP B 120 40.11 47.41 -23.11
C ASP B 120 40.23 46.44 -21.95
N GLY B 121 40.89 45.32 -22.17
CA GLY B 121 40.92 44.23 -21.23
C GLY B 121 39.93 43.14 -21.58
N THR B 122 39.12 43.37 -22.61
CA THR B 122 38.13 42.45 -23.12
C THR B 122 38.74 41.51 -24.14
N TYR B 123 38.06 40.40 -24.35
CA TYR B 123 38.42 39.40 -25.35
C TYR B 123 37.43 39.50 -26.51
N ASN B 124 37.88 39.07 -27.69
CA ASN B 124 37.05 39.09 -28.89
C ASN B 124 36.50 37.70 -29.14
N ILE B 126 34.26 35.41 -31.86
CA ILE B 126 33.86 35.38 -33.26
C ILE B 126 32.60 34.53 -33.33
N VAL B 127 31.45 35.18 -33.47
CA VAL B 127 30.16 34.49 -33.41
C VAL B 127 30.00 33.62 -34.64
N GLU B 128 29.82 32.32 -34.42
CA GLU B 128 29.55 31.36 -35.49
C GLU B 128 28.11 30.89 -35.52
N ILE B 129 27.42 30.89 -34.38
CA ILE B 129 26.03 30.45 -34.29
C ILE B 129 25.24 31.50 -33.53
N THR B 130 24.22 32.06 -34.17
CA THR B 130 23.34 33.03 -33.56
C THR B 130 22.46 32.42 -32.47
N LYS B 131 22.09 33.26 -31.51
CA LYS B 131 21.10 32.90 -30.52
C LYS B 131 19.86 32.32 -31.19
N TYR B 132 19.29 31.29 -30.58
CA TYR B 132 18.06 30.63 -30.97
C TYR B 132 18.16 29.87 -32.29
N ASN B 133 19.32 29.84 -32.93
CA ASN B 133 19.47 29.22 -34.24
C ASN B 133 20.03 27.80 -34.15
N TYR B 134 20.07 27.15 -35.31
CA TYR B 134 20.46 25.76 -35.45
C TYR B 134 21.66 25.55 -36.35
N ILE B 135 21.97 26.50 -37.24
CA ILE B 135 22.98 26.29 -38.26
C ILE B 135 24.35 26.13 -37.63
N LYS B 136 24.97 24.97 -37.87
CA LYS B 136 26.29 24.63 -37.33
C LYS B 136 27.37 25.17 -38.25
N LEU B 137 27.77 26.41 -38.00
CA LEU B 137 28.92 27.02 -38.65
C LEU B 137 30.17 26.79 -37.83
N GLU B 138 31.31 26.72 -38.51
CA GLU B 138 32.59 26.51 -37.85
C GLU B 138 33.70 27.24 -38.61
N ILE B 139 34.70 27.69 -37.87
CA ILE B 139 35.94 28.14 -38.48
C ILE B 139 36.71 26.92 -38.97
N GLN B 140 36.96 26.87 -40.27
CA GLN B 140 37.65 25.75 -40.89
C GLN B 140 39.15 25.96 -40.78
N LEU B 141 39.81 25.15 -39.95
CA LEU B 141 41.26 25.29 -39.80
C LEU B 141 41.99 24.85 -41.06
N ARG B 142 41.41 23.93 -41.82
CA ARG B 142 42.04 23.39 -43.01
C ARG B 142 41.65 24.14 -44.28
N GLU B 143 41.01 25.30 -44.16
CA GLU B 143 40.58 26.08 -45.30
C GLU B 143 41.41 27.36 -45.37
N LYS B 144 41.63 27.85 -46.58
CA LYS B 144 42.48 29.01 -46.76
C LYS B 144 41.91 30.22 -46.04
N PHE B 145 42.76 30.88 -45.26
CA PHE B 145 42.39 32.03 -44.42
C PHE B 145 41.34 31.67 -43.38
N ASN B 146 41.19 30.38 -43.08
CA ASN B 146 40.30 29.89 -42.04
C ASN B 146 38.91 30.51 -42.18
N VAL B 147 38.34 30.42 -43.37
CA VAL B 147 37.03 30.96 -43.59
C VAL B 147 36.01 30.20 -42.75
N ILE B 148 34.89 30.83 -42.46
CA ILE B 148 33.82 30.21 -41.70
C ILE B 148 32.89 29.52 -42.67
N LYS B 149 32.80 28.20 -42.57
CA LYS B 149 31.90 27.43 -43.41
C LYS B 149 30.95 26.62 -42.54
N GLN B 150 29.90 26.10 -43.17
CA GLN B 150 28.96 25.26 -42.47
C GLN B 150 29.53 23.87 -42.31
N ASP B 151 29.39 23.31 -41.11
CA ASP B 151 29.87 21.96 -40.87
C ASP B 151 29.07 20.96 -41.69
N LYS B 152 29.64 19.78 -41.84
CA LYS B 152 29.09 18.74 -42.71
C LYS B 152 29.11 17.44 -41.92
N LYS B 153 27.94 16.84 -41.73
CA LYS B 153 27.81 15.59 -41.00
C LYS B 153 27.36 14.50 -41.96
N LYS B 154 28.10 13.39 -41.99
CA LYS B 154 27.78 12.23 -42.81
C LYS B 154 27.65 12.60 -44.30
N GLY B 155 28.31 13.69 -44.70
CA GLY B 155 28.25 14.19 -46.04
C GLY B 155 27.18 15.20 -46.34
N LYS B 156 26.36 15.57 -45.37
CA LYS B 156 25.30 16.55 -45.55
C LYS B 156 25.52 17.73 -44.63
N LEU B 157 25.02 18.90 -45.03
CA LEU B 157 25.21 20.11 -44.25
C LEU B 157 24.58 19.96 -42.88
N ARG B 158 25.36 20.26 -41.85
CA ARG B 158 24.99 19.93 -40.48
C ARG B 158 24.09 20.98 -39.87
N TYR B 159 23.00 20.52 -39.25
CA TYR B 159 22.14 21.35 -38.42
C TYR B 159 22.06 20.77 -37.01
N TYR B 160 21.99 21.65 -36.02
CA TYR B 160 21.80 21.21 -34.64
C TYR B 160 20.46 20.49 -34.48
N HIS B 161 20.39 19.64 -33.47
CA HIS B 161 19.12 18.98 -33.17
C HIS B 161 18.20 19.93 -32.40
N ASN B 162 18.74 20.73 -31.49
CA ASN B 162 17.99 21.66 -30.70
C ASN B 162 18.48 23.09 -30.95
N SER B 163 17.64 24.06 -30.63
CA SER B 163 17.99 25.47 -30.76
C SER B 163 18.90 25.89 -29.60
N ILE B 164 20.08 26.42 -29.93
CA ILE B 164 21.00 26.91 -28.90
C ILE B 164 20.46 28.21 -28.33
N TYR B 165 20.66 28.42 -27.04
CA TYR B 165 20.06 29.55 -26.34
C TYR B 165 21.08 30.63 -26.00
N TRP B 166 22.24 30.60 -26.65
CA TRP B 166 23.27 31.61 -26.42
C TRP B 166 24.04 31.82 -27.71
N ASN B 167 24.65 32.99 -27.84
CA ASN B 167 25.52 33.24 -28.98
C ASN B 167 26.82 32.46 -28.79
N TYR B 168 27.22 31.74 -29.82
CA TYR B 168 28.26 30.71 -29.71
C TYR B 168 29.32 30.96 -30.77
N GLY B 169 30.58 30.82 -30.37
CA GLY B 169 31.68 31.07 -31.28
C GLY B 169 33.01 30.56 -30.80
N ALA B 170 34.09 31.20 -31.27
CA ALA B 170 35.44 30.79 -30.93
C ALA B 170 36.30 32.01 -30.70
N LEU B 171 37.36 31.83 -29.92
CA LEU B 171 38.34 32.86 -29.63
C LEU B 171 39.47 32.82 -30.65
N PRO B 172 39.95 33.97 -31.11
CA PRO B 172 41.08 33.98 -32.03
C PRO B 172 42.40 33.72 -31.32
N GLN B 173 43.38 33.30 -32.10
CA GLN B 173 44.74 33.09 -31.60
C GLN B 173 44.76 32.18 -30.38
N THR B 174 43.92 31.16 -30.39
CA THR B 174 43.90 30.13 -29.37
C THR B 174 43.83 28.77 -30.05
N TYR B 175 44.31 27.74 -29.35
CA TYR B 175 44.44 26.42 -29.95
C TYR B 175 44.62 25.39 -28.85
N GLU B 176 43.73 24.40 -28.81
CA GLU B 176 43.87 23.28 -27.88
C GLU B 176 44.85 22.27 -28.50
N TYR B 177 46.12 22.65 -28.44
CA TYR B 177 47.22 21.92 -29.06
C TYR B 177 47.36 20.53 -28.47
N PRO B 178 47.16 19.46 -29.25
CA PRO B 178 47.25 18.11 -28.70
C PRO B 178 48.66 17.69 -28.30
N LYS B 179 49.66 18.55 -28.49
CA LYS B 179 51.00 18.25 -28.00
C LYS B 179 51.03 18.12 -26.48
N HIS B 180 50.18 18.87 -25.80
CA HIS B 180 50.17 18.89 -24.35
C HIS B 180 49.17 17.87 -23.82
N ILE B 181 49.60 17.06 -22.87
CA ILE B 181 48.82 15.95 -22.34
C ILE B 181 48.49 16.25 -20.89
N TYR B 182 47.26 15.92 -20.50
CA TYR B 182 46.80 16.14 -19.13
C TYR B 182 46.51 14.80 -18.48
N GLN B 183 46.50 14.80 -17.15
CA GLN B 183 46.42 13.58 -16.35
C GLN B 183 45.57 13.83 -15.12
N ASN B 184 45.46 12.82 -14.28
CA ASN B 184 44.78 12.93 -13.00
C ASN B 184 45.41 12.02 -11.95
N ALA B 192 46.91 5.51 -14.64
CA ALA B 192 46.30 6.84 -14.73
C ALA B 192 45.62 7.04 -16.08
N LEU B 193 44.77 8.05 -16.17
CA LEU B 193 44.08 8.38 -17.42
C LEU B 193 44.64 9.66 -18.01
N LEU B 194 44.84 9.64 -19.32
CA LEU B 194 45.48 10.73 -20.04
C LEU B 194 44.46 11.42 -20.94
N PHE B 195 44.61 12.72 -21.08
CA PHE B 195 43.71 13.54 -21.88
C PHE B 195 44.53 14.51 -22.71
N THR B 196 44.01 14.85 -23.88
CA THR B 196 44.69 15.80 -24.75
C THR B 196 43.70 16.88 -25.16
N GLY B 197 44.05 17.71 -26.13
CA GLY B 197 43.22 18.85 -26.47
C GLY B 197 42.22 18.60 -27.57
N ASP B 198 41.34 19.58 -27.77
CA ASP B 198 40.28 19.50 -28.76
C ASP B 198 40.84 19.54 -30.17
N ASN B 199 42.07 20.03 -30.35
CA ASN B 199 42.68 20.29 -31.64
C ASN B 199 41.93 21.37 -32.43
N ASP B 200 41.13 22.17 -31.74
CA ASP B 200 40.40 23.28 -32.31
C ASP B 200 40.56 24.50 -31.42
N PRO B 201 40.28 25.69 -31.94
CA PRO B 201 40.32 26.89 -31.10
C PRO B 201 39.30 26.84 -29.97
N LEU B 202 39.53 27.68 -28.97
CA LEU B 202 38.73 27.66 -27.75
C LEU B 202 37.31 28.14 -28.01
N ASP B 203 36.34 27.35 -27.58
CA ASP B 203 34.94 27.70 -27.75
C ASP B 203 34.50 28.62 -26.62
N ILE B 204 33.57 29.54 -26.94
CA ILE B 204 33.16 30.57 -25.99
C ILE B 204 31.68 30.84 -26.17
N LEU B 205 31.01 31.16 -25.06
CA LEU B 205 29.57 31.35 -25.01
C LEU B 205 29.24 32.74 -24.49
N ASP B 206 28.25 33.39 -25.10
CA ASP B 206 27.75 34.69 -24.66
C ASP B 206 26.38 34.50 -24.04
N ILE B 207 26.28 34.78 -22.74
CA ILE B 207 25.02 34.68 -22.01
C ILE B 207 24.23 35.96 -22.14
N GLY B 208 24.68 36.86 -23.00
CA GLY B 208 23.96 38.11 -23.21
C GLY B 208 22.56 37.88 -23.74
N SER B 209 21.66 38.80 -23.40
CA SER B 209 20.29 38.70 -23.88
C SER B 209 20.20 38.95 -25.38
N ALA B 210 20.89 39.97 -25.87
CA ALA B 210 20.73 40.39 -27.26
C ALA B 210 21.30 39.33 -28.20
N CYS B 211 20.58 39.08 -29.29
CA CYS B 211 21.07 38.20 -30.34
C CYS B 211 22.13 38.89 -31.18
N LEU B 212 23.29 38.25 -31.30
CA LEU B 212 24.36 38.79 -32.13
C LEU B 212 24.15 38.35 -33.57
N LYS B 213 25.08 38.68 -34.45
CA LYS B 213 24.94 38.39 -35.87
C LYS B 213 25.90 37.31 -36.33
N ILE B 214 25.53 36.62 -37.41
CA ILE B 214 26.38 35.57 -37.96
C ILE B 214 27.68 36.20 -38.43
N GLY B 215 28.79 35.72 -37.89
CA GLY B 215 30.10 36.20 -38.26
C GLY B 215 30.60 37.39 -37.48
N GLN B 216 29.77 37.95 -36.62
CA GLN B 216 30.12 39.17 -35.90
C GLN B 216 31.25 38.94 -34.92
N VAL B 217 32.16 39.91 -34.82
CA VAL B 217 33.25 39.90 -33.85
C VAL B 217 32.82 40.75 -32.67
N VAL B 218 32.67 40.14 -31.51
CA VAL B 218 32.04 40.76 -30.35
C VAL B 218 33.04 40.81 -29.21
N PRO B 219 33.38 41.99 -28.69
CA PRO B 219 34.14 42.06 -27.44
C PRO B 219 33.32 41.54 -26.28
N VAL B 220 33.94 40.73 -25.43
CA VAL B 220 33.24 40.03 -24.36
C VAL B 220 34.11 40.02 -23.10
N LYS B 221 33.45 39.97 -21.95
CA LYS B 221 34.13 39.83 -20.66
C LYS B 221 34.00 38.40 -20.19
N ILE B 222 35.10 37.82 -19.75
CA ILE B 222 35.13 36.40 -19.38
C ILE B 222 34.56 36.23 -17.98
N LEU B 223 33.78 35.18 -17.79
CA LEU B 223 33.12 34.89 -16.52
C LEU B 223 33.49 33.55 -15.93
N GLY B 224 33.63 32.52 -16.76
CA GLY B 224 33.94 31.19 -16.25
C GLY B 224 34.06 30.21 -17.40
N ALA B 225 34.13 28.93 -17.05
CA ALA B 225 34.28 27.89 -18.07
C ALA B 225 33.88 26.55 -17.50
N PHE B 226 33.48 25.64 -18.39
CA PHE B 226 33.20 24.25 -18.05
C PHE B 226 33.86 23.33 -19.08
N THR B 227 33.96 22.06 -18.74
CA THR B 227 34.76 21.09 -19.48
C THR B 227 33.92 19.89 -19.90
N LEU B 228 34.14 19.43 -21.12
CA LEU B 228 33.58 18.20 -21.64
C LEU B 228 34.70 17.19 -21.81
N ILE B 229 34.48 15.96 -21.38
CA ILE B 229 35.52 14.94 -21.45
C ILE B 229 35.13 13.80 -22.36
N ASP B 230 34.91 14.09 -23.64
CA ASP B 230 34.74 13.05 -24.64
C ASP B 230 35.62 13.37 -25.84
N GLU B 231 35.95 12.33 -26.60
CA GLU B 231 35.93 10.96 -26.11
C GLU B 231 37.30 10.56 -25.59
N GLY B 232 37.87 11.41 -24.75
CA GLY B 232 39.19 11.21 -24.18
C GLY B 232 40.06 12.43 -24.41
N GLU B 233 39.42 13.51 -24.83
CA GLU B 233 40.03 14.81 -25.03
C GLU B 233 39.16 15.84 -24.34
N LEU B 234 39.76 16.95 -23.93
CA LEU B 234 39.08 18.00 -23.19
C LEU B 234 38.61 19.08 -24.15
N ASP B 235 37.32 19.36 -24.14
CA ASP B 235 36.73 20.45 -24.92
C ASP B 235 36.23 21.49 -23.93
N TRP B 236 37.05 22.51 -23.67
CA TRP B 236 36.69 23.57 -22.75
C TRP B 236 35.72 24.54 -23.39
N LYS B 237 34.76 25.00 -22.61
CA LYS B 237 33.74 25.93 -23.06
C LYS B 237 33.78 27.15 -22.15
N ILE B 238 34.13 28.29 -22.72
CA ILE B 238 34.26 29.52 -21.95
C ILE B 238 32.90 30.19 -21.86
N ILE B 239 32.52 30.59 -20.65
CA ILE B 239 31.28 31.33 -20.42
C ILE B 239 31.65 32.79 -20.27
N ALA B 240 31.02 33.65 -21.07
CA ALA B 240 31.33 35.07 -21.10
C ALA B 240 30.04 35.84 -21.36
N ILE B 241 30.11 37.16 -21.20
CA ILE B 241 28.94 38.01 -21.39
C ILE B 241 29.30 39.14 -22.35
N ASN B 242 28.34 39.49 -23.19
CA ASN B 242 28.54 40.54 -24.18
C ASN B 242 28.85 41.87 -23.52
N LYS B 243 29.78 42.60 -24.12
CA LYS B 243 30.12 43.95 -23.66
C LYS B 243 28.89 44.83 -23.57
N GLU B 244 27.99 44.72 -24.55
CA GLU B 244 26.85 45.60 -24.69
C GLU B 244 25.59 45.09 -24.01
N ASP B 245 25.69 44.09 -23.16
CA ASP B 245 24.50 43.61 -22.47
C ASP B 245 24.09 44.60 -21.39
N LYS B 246 22.80 44.59 -21.07
CA LYS B 246 22.26 45.60 -20.15
C LYS B 246 22.77 45.42 -18.74
N HIS B 247 23.24 44.22 -18.39
CA HIS B 247 23.76 43.90 -17.06
C HIS B 247 25.24 43.51 -17.15
N TYR B 248 25.99 44.24 -17.98
CA TYR B 248 27.41 43.94 -18.16
C TYR B 248 28.18 44.18 -16.88
N GLU B 249 27.98 45.33 -16.24
CA GLU B 249 28.78 45.69 -15.07
C GLU B 249 28.30 45.01 -13.80
N ASP B 250 27.07 44.52 -13.77
CA ASP B 250 26.55 43.81 -12.61
C ASP B 250 26.96 42.35 -12.58
N ILE B 251 27.46 41.81 -13.67
CA ILE B 251 27.85 40.41 -13.75
C ILE B 251 29.37 40.35 -13.88
N ASN B 252 30.02 39.70 -12.92
CA ASN B 252 31.47 39.56 -12.90
C ASN B 252 31.91 38.18 -12.44
N SER B 253 30.99 37.24 -12.26
CA SER B 253 31.31 35.86 -11.95
C SER B 253 30.17 34.97 -12.44
N LEU B 254 30.36 33.66 -12.32
CA LEU B 254 29.31 32.73 -12.69
C LEU B 254 28.14 32.80 -11.72
N SER B 255 28.36 33.31 -10.52
CA SER B 255 27.35 33.36 -9.49
C SER B 255 26.50 34.62 -9.58
N ASP B 256 26.93 35.62 -10.34
CA ASP B 256 26.14 36.82 -10.57
C ASP B 256 25.04 36.60 -11.59
N ILE B 257 25.14 35.57 -12.42
CA ILE B 257 24.19 35.37 -13.52
C ILE B 257 22.78 35.10 -12.97
N GLU B 258 22.67 34.27 -11.95
CA GLU B 258 21.35 33.86 -11.45
C GLU B 258 20.55 35.03 -10.91
N LYS B 259 21.17 36.18 -10.68
CA LYS B 259 20.45 37.35 -10.19
C LYS B 259 19.81 38.15 -11.30
N TYR B 260 20.30 38.02 -12.53
CA TYR B 260 19.75 38.73 -13.67
C TYR B 260 19.25 37.84 -14.78
N TYR B 261 19.83 36.65 -14.94
CA TYR B 261 19.41 35.70 -15.97
C TYR B 261 19.36 34.33 -15.32
N PRO B 262 18.33 34.08 -14.52
CA PRO B 262 18.30 32.83 -13.74
C PRO B 262 18.34 31.61 -14.65
N HIS B 263 18.94 30.54 -14.12
CA HIS B 263 19.00 29.22 -14.72
C HIS B 263 19.87 29.16 -15.97
N THR B 264 20.54 30.26 -16.34
CA THR B 264 21.43 30.23 -17.49
C THR B 264 22.54 29.20 -17.29
N LEU B 265 23.02 29.06 -16.07
CA LEU B 265 24.13 28.17 -15.78
C LEU B 265 23.68 26.72 -15.78
N SER B 266 22.50 26.43 -15.26
CA SER B 266 21.98 25.07 -15.29
C SER B 266 21.67 24.62 -16.71
N LEU B 267 21.10 25.51 -17.53
CA LEU B 267 20.85 25.18 -18.92
C LEU B 267 22.15 24.91 -19.68
N LEU B 268 23.16 25.74 -19.46
CA LEU B 268 24.44 25.57 -20.14
C LEU B 268 24.94 24.14 -19.99
N LEU B 269 24.95 23.65 -18.76
CA LEU B 269 25.42 22.30 -18.49
C LEU B 269 24.53 21.27 -19.18
N GLU B 270 23.21 21.41 -19.04
CA GLU B 270 22.30 20.41 -19.58
C GLU B 270 22.18 20.49 -21.10
N TRP B 271 22.27 21.68 -21.69
CA TRP B 271 22.19 21.79 -23.13
C TRP B 271 23.32 21.04 -23.80
N PHE B 272 24.56 21.32 -23.40
CA PHE B 272 25.73 20.65 -23.95
C PHE B 272 25.82 19.21 -23.48
N ARG B 273 25.07 18.84 -22.44
CA ARG B 273 25.04 17.45 -21.98
C ARG B 273 24.36 16.54 -22.98
N SER B 274 23.34 17.05 -23.67
CA SER B 274 22.42 16.23 -24.45
C SER B 274 22.32 16.55 -25.93
N TYR B 275 22.84 17.67 -26.39
CA TYR B 275 22.50 18.19 -27.71
C TYR B 275 22.78 17.22 -28.86
N LYS B 276 23.53 16.14 -28.64
CA LYS B 276 23.70 15.11 -29.67
C LYS B 276 23.12 13.78 -29.22
N ALA B 278 20.17 12.54 -29.55
CA ALA B 278 19.31 11.91 -30.54
C ALA B 278 20.11 11.12 -31.56
N ASP B 279 21.41 11.40 -31.71
CA ASP B 279 22.29 10.66 -32.59
C ASP B 279 23.19 9.69 -31.84
N THR B 280 23.78 10.13 -30.73
CA THR B 280 24.68 9.29 -29.97
C THR B 280 23.96 8.36 -29.02
N LYS B 281 22.70 8.67 -28.69
CA LYS B 281 21.89 7.91 -27.74
C LYS B 281 22.50 7.87 -26.35
N LYS B 282 23.47 8.75 -26.10
CA LYS B 282 24.17 8.83 -24.83
C LYS B 282 24.41 10.29 -24.46
N LEU B 283 24.44 10.55 -23.16
CA LEU B 283 24.74 11.88 -22.67
C LEU B 283 26.24 12.16 -22.73
N ASN B 284 26.59 13.40 -23.04
CA ASN B 284 27.98 13.82 -23.01
C ASN B 284 28.44 13.99 -21.57
N LEU B 285 29.74 13.80 -21.35
CA LEU B 285 30.32 13.92 -20.02
C LEU B 285 30.78 15.34 -19.79
N ILE B 286 30.45 15.89 -18.64
CA ILE B 286 30.83 17.24 -18.27
C ILE B 286 31.48 17.19 -16.90
N SER B 287 32.71 17.70 -16.80
CA SER B 287 33.42 17.68 -15.52
C SER B 287 32.64 18.47 -14.48
N LYS B 288 32.66 18.00 -13.25
CA LYS B 288 31.95 18.64 -12.15
C LYS B 288 32.59 19.94 -11.70
N GLN B 289 33.80 20.23 -12.15
CA GLN B 289 34.51 21.42 -11.70
C GLN B 289 34.35 22.53 -12.71
N LEU B 290 33.86 23.68 -12.24
CA LEU B 290 33.68 24.85 -13.07
C LEU B 290 34.80 25.83 -12.74
N TYR B 291 35.31 26.50 -13.76
CA TYR B 291 36.38 27.46 -13.55
C TYR B 291 35.80 28.82 -13.23
N ASP B 292 36.49 29.55 -12.36
CA ASP B 292 36.07 30.91 -12.03
C ASP B 292 36.55 31.86 -13.11
N LYS B 293 36.38 33.16 -12.89
CA LYS B 293 36.74 34.13 -13.91
C LYS B 293 38.23 34.14 -14.18
N LYS B 294 39.05 34.02 -13.14
CA LYS B 294 40.49 34.10 -13.35
C LYS B 294 41.06 32.77 -13.83
N GLU B 295 40.49 31.65 -13.41
CA GLU B 295 40.93 30.36 -13.91
C GLU B 295 40.65 30.21 -15.39
N SER B 296 39.59 30.85 -15.88
CA SER B 296 39.25 30.81 -17.29
C SER B 296 40.15 31.73 -18.10
N GLU B 297 40.42 32.94 -17.58
CA GLU B 297 41.32 33.83 -18.27
C GLU B 297 42.72 33.25 -18.34
N ASP B 298 43.10 32.47 -17.33
CA ASP B 298 44.36 31.72 -17.42
C ASP B 298 44.24 30.57 -18.40
N LEU B 299 43.04 30.05 -18.61
CA LEU B 299 42.85 29.03 -19.64
C LEU B 299 42.97 29.64 -21.03
N ILE B 300 42.37 30.82 -21.23
CA ILE B 300 42.45 31.49 -22.52
C ILE B 300 43.89 31.83 -22.87
N LYS B 302 46.64 30.45 -21.48
CA LYS B 302 47.40 29.21 -21.62
C LYS B 302 47.23 28.61 -23.00
N THR B 303 46.00 28.61 -23.52
CA THR B 303 45.76 28.12 -24.86
C THR B 303 46.27 29.08 -25.92
N HIS B 304 46.43 30.36 -25.59
CA HIS B 304 47.08 31.29 -26.50
C HIS B 304 48.55 30.98 -26.64
N HIS B 305 49.22 30.67 -25.53
CA HIS B 305 50.60 30.23 -25.60
C HIS B 305 50.72 28.93 -26.37
N TYR B 306 49.74 28.04 -26.24
CA TYR B 306 49.68 26.85 -27.07
C TYR B 306 49.63 27.23 -28.55
N TYR B 307 48.85 28.25 -28.88
CA TYR B 307 48.74 28.70 -30.26
C TYR B 307 50.04 29.33 -30.75
N LEU B 308 50.74 30.07 -29.89
CA LEU B 308 52.01 30.66 -30.27
C LEU B 308 53.15 29.66 -30.19
N GLU B 309 52.87 28.42 -29.83
CA GLU B 309 53.82 27.33 -29.91
C GLU B 309 53.54 26.43 -31.10
N PHE B 310 52.29 26.35 -31.52
CA PHE B 310 51.95 25.64 -32.74
C PHE B 310 52.53 26.35 -33.95
N ARG B 311 52.35 27.67 -34.01
CA ARG B 311 52.79 28.44 -35.18
C ARG B 311 54.30 28.47 -35.30
N GLU B 312 55.02 28.47 -34.18
CA GLU B 312 56.47 28.38 -34.25
C GLU B 312 56.92 26.97 -34.60
N ASP B 313 56.33 25.95 -33.97
CA ASP B 313 56.72 24.57 -34.23
C ASP B 313 56.43 24.16 -35.67
N VAL B 314 55.41 24.72 -36.30
CA VAL B 314 55.13 24.38 -37.69
C VAL B 314 56.13 25.08 -38.58
N LYS B 315 56.59 26.27 -38.18
CA LYS B 315 57.58 26.99 -38.97
C LYS B 315 58.94 26.31 -38.88
N LYS B 316 59.32 25.84 -37.69
CA LYS B 316 60.55 25.09 -37.52
C LYS B 316 60.55 23.78 -38.30
N LEU B 317 59.38 23.21 -38.55
CA LEU B 317 59.30 21.91 -39.21
C LEU B 317 59.34 22.01 -40.74
N LYS B 318 59.23 23.21 -41.31
CA LYS B 318 59.13 23.32 -42.76
C LYS B 318 60.34 23.94 -43.44
N GLU B 319 61.39 24.33 -42.73
CA GLU B 319 62.66 24.55 -43.43
C GLU B 319 63.51 23.29 -43.46
N GLU B 320 63.42 22.45 -42.42
CA GLU B 320 64.10 21.16 -42.42
C GLU B 320 63.89 20.41 -43.73
N HIS B 321 62.72 20.57 -44.35
CA HIS B 321 62.50 20.03 -45.68
C HIS B 321 63.49 20.68 -46.65
N SER B 322 64.55 19.95 -46.98
CA SER B 322 65.68 20.47 -47.74
C SER B 322 66.34 21.63 -47.01
N GLU B 353 30.27 3.80 -13.09
CA GLU B 353 29.88 4.35 -14.39
C GLU B 353 30.73 5.58 -14.71
N ASN B 354 30.23 6.46 -15.55
CA ASN B 354 30.96 7.63 -15.94
C ASN B 354 30.88 8.66 -14.87
N ASN B 355 30.18 8.37 -13.82
CA ASN B 355 30.03 9.39 -12.84
C ASN B 355 31.39 9.84 -12.41
N LEU B 356 32.36 8.95 -12.29
CA LEU B 356 33.68 9.41 -11.84
C LEU B 356 34.42 10.34 -12.80
N LEU B 357 34.39 10.00 -14.06
CA LEU B 357 35.05 10.80 -15.07
C LEU B 357 34.56 12.25 -15.00
N GLU B 358 33.37 12.49 -14.46
CA GLU B 358 32.93 13.86 -14.26
C GLU B 358 33.50 14.45 -12.99
N ASP B 359 33.70 13.62 -11.98
CA ASP B 359 34.24 14.11 -10.71
C ASP B 359 35.74 14.29 -10.79
N ILE B 360 36.42 13.51 -11.64
CA ILE B 360 37.88 13.58 -11.67
C ILE B 360 38.32 14.99 -12.01
N ASN B 361 39.42 15.42 -11.42
CA ASN B 361 39.96 16.73 -11.74
C ASN B 361 41.22 16.47 -12.47
N ILE B 362 41.42 17.17 -13.58
CA ILE B 362 42.57 16.98 -14.42
C ILE B 362 43.67 17.98 -14.23
N THR B 363 44.91 17.51 -14.26
CA THR B 363 46.06 18.36 -14.07
C THR B 363 46.98 18.09 -15.22
N TYR B 364 47.91 18.97 -15.48
CA TYR B 364 48.86 18.84 -16.56
C TYR B 364 49.83 17.72 -16.37
N TYR B 365 50.29 17.14 -17.45
CA TYR B 365 51.25 16.07 -17.38
C TYR B 365 52.61 15.90 -18.02
N LYS B 366 52.68 16.01 -19.33
CA LYS B 366 53.89 16.21 -20.05
C LYS B 366 53.59 16.67 -21.42
N SER B 367 54.54 17.35 -22.02
CA SER B 367 54.39 17.82 -23.37
C SER B 367 55.07 16.78 -24.18
N ASP B 368 54.29 16.07 -24.96
CA ASP B 368 54.80 15.01 -25.81
C ASP B 368 55.67 15.68 -26.86
N SER B 369 56.98 15.50 -26.74
CA SER B 369 57.93 16.16 -27.63
C SER B 369 58.18 15.37 -28.90
N ALA B 370 57.53 14.23 -29.07
CA ALA B 370 57.51 13.53 -30.34
C ALA B 370 56.30 13.91 -31.18
N TYR B 371 55.54 14.91 -30.77
CA TYR B 371 54.36 15.33 -31.51
C TYR B 371 54.75 16.32 -32.60
N LYS B 372 54.26 16.08 -33.81
CA LYS B 372 54.45 16.97 -34.94
C LYS B 372 53.13 17.63 -35.32
N PRO B 373 53.10 18.94 -35.47
CA PRO B 373 51.85 19.64 -35.74
C PRO B 373 51.20 19.21 -37.05
N ASP B 374 49.88 19.43 -37.13
CA ASP B 374 49.13 19.05 -38.32
C ASP B 374 49.43 20.02 -39.44
N LEU B 375 50.02 19.51 -40.52
CA LEU B 375 50.35 20.32 -41.67
C LEU B 375 49.15 20.61 -42.55
N ASN B 376 47.98 20.12 -42.17
CA ASN B 376 46.76 20.43 -42.91
C ASN B 376 46.15 21.74 -42.44
N ILE B 377 46.42 22.15 -41.21
CA ILE B 377 45.92 23.42 -40.71
C ILE B 377 46.56 24.55 -41.51
N TRP B 378 45.73 25.39 -42.12
CA TRP B 378 46.26 26.46 -42.94
C TRP B 378 46.93 27.49 -42.05
N THR B 379 48.18 27.83 -42.35
CA THR B 379 48.90 28.86 -41.63
C THR B 379 49.55 29.84 -42.60
N PRO B 380 49.50 31.14 -42.32
CA PRO B 380 50.11 32.16 -43.16
C PRO B 380 51.62 32.01 -43.28
N PHE C 37 12.61 -4.47 17.72
CA PHE C 37 12.25 -4.53 19.14
C PHE C 37 10.76 -4.27 19.33
N ILE C 38 10.15 -5.07 20.20
CA ILE C 38 8.74 -4.94 20.56
C ILE C 38 8.63 -4.05 21.79
N GLU C 39 7.67 -3.12 21.77
CA GLU C 39 7.51 -2.17 22.85
C GLU C 39 6.63 -2.82 23.91
N THR C 40 7.20 -3.09 25.08
CA THR C 40 6.44 -3.53 26.23
C THR C 40 6.20 -2.41 27.22
N ASN C 41 6.73 -1.22 26.93
CA ASN C 41 6.60 -0.05 27.78
C ASN C 41 7.07 -0.32 29.21
N LYS C 42 8.01 -1.25 29.36
CA LYS C 42 8.58 -1.59 30.66
C LYS C 42 10.09 -1.75 30.51
N GLU C 43 10.75 -1.99 31.65
CA GLU C 43 12.21 -1.99 31.68
C GLU C 43 12.79 -3.25 31.04
N LEU C 44 12.09 -4.36 31.13
CA LEU C 44 12.52 -5.61 30.52
C LEU C 44 12.07 -5.66 29.08
N LYS C 45 13.01 -5.84 28.15
CA LYS C 45 12.70 -5.83 26.72
C LYS C 45 12.80 -7.25 26.16
N ILE C 46 12.45 -7.39 24.88
CA ILE C 46 12.43 -8.67 24.17
C ILE C 46 13.24 -8.52 22.88
N ASN C 47 14.27 -9.35 22.72
CA ASN C 47 15.15 -9.21 21.57
C ASN C 47 14.43 -9.56 20.27
N LEU C 48 13.65 -10.63 20.27
CA LEU C 48 12.86 -11.05 19.10
C LEU C 48 13.73 -11.30 17.87
N ASN C 49 14.66 -12.23 18.03
CA ASN C 49 15.43 -12.79 16.92
C ASN C 49 15.02 -14.24 16.75
N PHE C 50 14.79 -14.66 15.52
CA PHE C 50 14.17 -15.94 15.25
C PHE C 50 15.17 -17.06 14.97
N GLN C 51 16.46 -16.82 15.16
CA GLN C 51 17.49 -17.84 14.91
C GLN C 51 17.91 -18.58 16.16
N ASN C 52 17.59 -18.08 17.35
CA ASN C 52 17.97 -18.73 18.59
C ASN C 52 16.85 -19.54 19.20
N ASN C 53 15.65 -19.49 18.63
CA ASN C 53 14.47 -20.16 19.14
C ASN C 53 13.93 -21.14 18.10
N ASN C 54 12.90 -21.88 18.49
CA ASN C 54 12.28 -22.91 17.67
C ASN C 54 10.89 -22.53 17.19
N ILE C 55 10.60 -21.23 17.08
CA ILE C 55 9.29 -20.78 16.64
C ILE C 55 9.04 -21.17 15.20
N ILE C 56 9.97 -20.82 14.31
CA ILE C 56 9.83 -21.18 12.90
C ILE C 56 9.75 -22.69 12.74
N SER C 57 10.56 -23.42 13.50
CA SER C 57 10.50 -24.88 13.47
C SER C 57 9.14 -25.39 13.94
N ASN C 58 8.62 -24.82 15.02
CA ASN C 58 7.34 -25.27 15.57
C ASN C 58 6.23 -25.19 14.54
N ILE C 59 6.19 -24.11 13.75
CA ILE C 59 5.07 -23.83 12.89
C ILE C 59 5.18 -24.52 11.53
N PHE C 60 6.36 -24.44 10.89
CA PHE C 60 6.49 -24.81 9.49
C PHE C 60 7.17 -26.15 9.25
N SER C 61 7.76 -26.77 10.26
CA SER C 61 8.50 -28.00 10.02
C SER C 61 7.60 -29.19 9.72
N ASN C 62 6.28 -29.00 9.78
CA ASN C 62 5.34 -30.05 9.44
C ASN C 62 4.48 -29.67 8.24
N ILE C 63 4.95 -28.72 7.43
CA ILE C 63 4.21 -28.34 6.22
C ILE C 63 4.22 -29.49 5.23
N ASN C 64 3.11 -29.67 4.53
CA ASN C 64 2.95 -30.77 3.57
C ASN C 64 2.24 -30.20 2.36
N ILE C 65 2.97 -30.04 1.25
CA ILE C 65 2.45 -29.42 0.04
C ILE C 65 2.73 -30.34 -1.14
N TYR C 66 2.08 -30.05 -2.26
CA TYR C 66 2.37 -30.75 -3.49
C TYR C 66 3.75 -30.34 -4.00
N ASP C 67 4.33 -31.20 -4.83
CA ASP C 67 5.72 -31.02 -5.24
C ASP C 67 5.89 -29.83 -6.15
N LYS C 68 4.99 -29.66 -7.12
CA LYS C 68 5.16 -28.71 -8.21
C LYS C 68 4.08 -27.64 -8.14
N ILE C 69 4.28 -26.57 -8.92
CA ILE C 69 3.32 -25.48 -8.94
C ILE C 69 1.99 -25.97 -9.49
N SER C 70 2.02 -26.65 -10.62
CA SER C 70 0.83 -27.23 -11.23
C SER C 70 0.83 -28.73 -11.01
N ASN C 71 -0.17 -29.23 -10.30
CA ASN C 71 -0.24 -30.64 -9.91
C ASN C 71 -1.58 -31.22 -10.32
N ILE C 72 -1.54 -32.35 -11.01
CA ILE C 72 -2.72 -33.00 -11.56
C ILE C 72 -3.06 -34.20 -10.71
N PHE C 73 -4.34 -34.37 -10.37
CA PHE C 73 -4.81 -35.51 -9.61
C PHE C 73 -6.10 -36.01 -10.25
N ILE C 74 -6.50 -37.22 -9.86
CA ILE C 74 -7.66 -37.89 -10.45
C ILE C 74 -8.65 -38.24 -9.35
N ASN C 75 -9.85 -37.66 -9.43
CA ASN C 75 -10.93 -37.95 -8.51
C ASN C 75 -12.21 -38.19 -9.31
N ASN C 76 -12.86 -39.32 -9.05
CA ASN C 76 -14.15 -39.66 -9.68
C ASN C 76 -14.09 -39.55 -11.19
N LYS C 77 -13.15 -40.27 -11.79
CA LYS C 77 -12.97 -40.38 -13.24
C LYS C 77 -12.69 -39.03 -13.89
N LYS C 78 -12.26 -38.04 -13.10
CA LYS C 78 -11.97 -36.73 -13.65
C LYS C 78 -10.51 -36.39 -13.41
N THR C 79 -10.02 -35.47 -14.22
CA THR C 79 -8.64 -35.02 -14.16
C THR C 79 -8.66 -33.52 -13.92
N TYR C 80 -8.02 -33.05 -12.87
CA TYR C 80 -8.03 -31.66 -12.52
C TYR C 80 -6.61 -31.33 -12.24
N LEU C 82 -4.18 -28.67 -9.51
CA LEU C 82 -4.19 -27.76 -8.38
C LEU C 82 -2.95 -26.89 -8.51
N LYS C 83 -3.10 -25.58 -8.42
CA LYS C 83 -1.93 -24.74 -8.58
C LYS C 83 -1.68 -23.88 -7.39
N TYR C 84 -0.44 -23.56 -7.12
CA TYR C 84 -0.16 -22.67 -6.05
C TYR C 84 0.37 -21.38 -6.60
N ASN C 85 -0.30 -20.27 -6.38
CA ASN C 85 0.16 -18.99 -6.86
C ASN C 85 0.94 -18.20 -5.82
N ASN C 86 2.09 -17.69 -6.18
CA ASN C 86 2.85 -16.88 -5.28
C ASN C 86 3.34 -17.67 -4.10
N ASN C 87 3.98 -17.01 -3.13
CA ASN C 87 4.59 -17.65 -1.99
C ASN C 87 3.65 -17.55 -0.78
N ILE C 88 3.84 -18.48 0.17
CA ILE C 88 2.89 -18.67 1.27
C ILE C 88 2.73 -17.39 2.11
N ASN C 89 3.80 -16.92 2.74
CA ASN C 89 3.68 -15.77 3.62
C ASN C 89 3.69 -14.49 2.79
N GLU C 90 3.20 -14.57 1.56
CA GLU C 90 2.96 -13.40 0.74
C GLU C 90 1.46 -13.11 0.76
N GLU C 91 1.12 -11.84 0.55
CA GLU C 91 -0.23 -11.36 0.75
C GLU C 91 -1.14 -11.59 -0.46
N ASN C 92 -0.61 -12.13 -1.55
CA ASN C 92 -1.41 -12.54 -2.68
C ASN C 92 -1.03 -13.96 -3.07
N PHE C 93 -1.13 -14.87 -2.09
CA PHE C 93 -1.02 -16.30 -2.32
C PHE C 93 -2.41 -16.91 -2.38
N PHE C 94 -2.64 -17.74 -3.39
CA PHE C 94 -3.92 -18.43 -3.52
C PHE C 94 -3.72 -19.74 -4.24
N ILE C 95 -4.70 -20.63 -4.08
CA ILE C 95 -4.66 -21.98 -4.64
C ILE C 95 -5.73 -22.05 -5.71
N SER C 96 -5.31 -22.24 -6.97
CA SER C 96 -6.23 -22.28 -8.09
C SER C 96 -6.54 -23.72 -8.47
N TYR C 97 -7.78 -23.93 -8.92
CA TYR C 97 -8.26 -25.25 -9.33
C TYR C 97 -8.72 -25.21 -10.77
N PHE C 98 -8.44 -26.28 -11.50
CA PHE C 98 -8.77 -26.40 -12.91
C PHE C 98 -9.41 -27.75 -13.19
N GLU C 99 -10.01 -27.91 -14.37
CA GLU C 99 -10.55 -29.18 -14.85
C GLU C 99 -10.05 -29.31 -16.26
N LYS C 100 -9.74 -30.50 -16.72
CA LYS C 100 -9.19 -30.59 -18.05
C LYS C 100 -10.02 -30.38 -19.30
N LYS C 101 -11.13 -31.09 -19.42
CA LYS C 101 -11.95 -30.92 -20.60
C LYS C 101 -11.19 -31.11 -21.92
N ASP C 102 -11.13 -30.05 -22.71
CA ASP C 102 -10.49 -30.14 -24.03
C ASP C 102 -8.99 -29.94 -24.24
N ASP C 103 -8.16 -30.90 -23.88
CA ASP C 103 -6.80 -30.63 -24.21
C ASP C 103 -6.59 -29.22 -23.76
N ASN C 104 -7.18 -28.85 -22.66
CA ASN C 104 -6.94 -27.53 -22.22
C ASN C 104 -7.41 -27.47 -20.81
N PHE C 105 -6.99 -26.46 -20.09
CA PHE C 105 -7.36 -26.37 -18.71
C PHE C 105 -8.16 -25.15 -18.45
N VAL C 106 -9.35 -25.38 -17.94
CA VAL C 106 -10.31 -24.31 -17.68
C VAL C 106 -10.37 -24.06 -16.18
N PRO C 107 -10.56 -22.81 -15.74
CA PRO C 107 -10.64 -22.55 -14.30
C PRO C 107 -11.91 -23.13 -13.69
N ILE C 108 -11.78 -23.63 -12.47
CA ILE C 108 -12.89 -24.25 -11.74
C ILE C 108 -12.86 -23.80 -10.28
N SER C 109 -14.05 -23.81 -9.63
CA SER C 109 -14.19 -23.50 -8.21
C SER C 109 -14.30 -24.77 -7.40
N PRO C 110 -13.59 -24.88 -6.29
CA PRO C 110 -13.70 -26.08 -5.45
C PRO C 110 -15.02 -26.19 -4.71
N TRP C 111 -15.73 -25.08 -4.53
CA TRP C 111 -17.00 -25.08 -3.82
C TRP C 111 -18.15 -25.53 -4.71
N HIS C 112 -18.14 -25.13 -5.96
CA HIS C 112 -19.26 -25.39 -6.87
C HIS C 112 -19.10 -26.67 -7.67
N HIS C 113 -17.88 -26.93 -8.18
CA HIS C 113 -17.69 -27.86 -9.28
C HIS C 113 -17.11 -29.22 -8.87
N ILE C 114 -16.70 -29.39 -7.63
CA ILE C 114 -16.24 -30.69 -7.16
C ILE C 114 -17.43 -31.43 -6.54
N ASP C 115 -17.57 -32.71 -6.87
CA ASP C 115 -18.72 -33.47 -6.45
C ASP C 115 -18.72 -33.67 -4.95
N LEU C 116 -19.84 -33.38 -4.30
CA LEU C 116 -19.92 -33.52 -2.85
C LEU C 116 -19.82 -34.99 -2.43
N LYS C 117 -20.64 -35.85 -3.01
CA LYS C 117 -20.65 -37.26 -2.68
C LYS C 117 -20.30 -38.04 -3.93
N ASN C 118 -19.36 -38.96 -3.79
CA ASN C 118 -18.81 -39.72 -4.91
C ASN C 118 -19.67 -40.93 -5.22
N ASP C 119 -19.33 -41.62 -6.31
CA ASP C 119 -20.03 -42.85 -6.66
C ASP C 119 -19.69 -43.98 -5.72
N ASP C 120 -18.58 -43.86 -4.97
CA ASP C 120 -18.21 -44.86 -3.99
C ASP C 120 -19.11 -44.80 -2.77
N GLY C 121 -19.85 -43.71 -2.61
CA GLY C 121 -20.62 -43.46 -1.42
C GLY C 121 -19.91 -42.52 -0.48
N THR C 122 -18.68 -42.15 -0.80
CA THR C 122 -17.84 -41.27 -0.03
C THR C 122 -18.09 -39.81 -0.37
N TYR C 123 -17.72 -38.95 0.56
CA TYR C 123 -17.76 -37.50 0.39
C TYR C 123 -16.34 -37.00 0.22
N ASN C 124 -16.20 -35.83 -0.42
CA ASN C 124 -14.89 -35.24 -0.66
C ASN C 124 -14.62 -34.18 0.39
N ILE C 126 -12.01 -31.03 0.95
CA ILE C 126 -11.00 -30.16 0.40
C ILE C 126 -10.18 -29.65 1.57
N VAL C 127 -8.98 -30.20 1.75
CA VAL C 127 -8.14 -29.91 2.91
C VAL C 127 -7.66 -28.48 2.82
N GLU C 128 -7.95 -27.69 3.85
CA GLU C 128 -7.46 -26.33 3.95
C GLU C 128 -6.34 -26.15 4.95
N ILE C 129 -6.29 -26.97 5.99
CA ILE C 129 -5.23 -26.91 6.99
C ILE C 129 -4.72 -28.34 7.20
N THR C 130 -3.43 -28.55 6.93
CA THR C 130 -2.82 -29.85 7.13
C THR C 130 -2.75 -30.17 8.62
N LYS C 131 -2.80 -31.47 8.93
CA LYS C 131 -2.53 -31.92 10.29
C LYS C 131 -1.24 -31.30 10.79
N TYR C 132 -1.22 -30.92 12.06
CA TYR C 132 -0.09 -30.34 12.78
C TYR C 132 0.25 -28.92 12.33
N ASN C 133 -0.49 -28.33 11.41
CA ASN C 133 -0.14 -27.01 10.90
C ASN C 133 -0.91 -25.89 11.59
N TYR C 134 -0.49 -24.66 11.26
CA TYR C 134 -1.00 -23.43 11.84
C TYR C 134 -1.66 -22.50 10.82
N ILE C 135 -1.34 -22.63 9.54
CA ILE C 135 -1.78 -21.67 8.54
C ILE C 135 -3.30 -21.73 8.41
N LYS C 136 -3.95 -20.59 8.65
CA LYS C 136 -5.40 -20.48 8.56
C LYS C 136 -5.78 -20.19 7.12
N LEU C 137 -5.95 -21.26 6.35
CA LEU C 137 -6.48 -21.16 5.00
C LEU C 137 -7.98 -21.36 5.00
N GLU C 138 -8.65 -20.70 4.05
CA GLU C 138 -10.08 -20.77 3.88
C GLU C 138 -10.39 -20.66 2.39
N ILE C 139 -11.45 -21.34 1.96
CA ILE C 139 -11.98 -21.11 0.63
C ILE C 139 -12.67 -19.74 0.65
N GLN C 140 -12.18 -18.82 -0.17
CA GLN C 140 -12.72 -17.47 -0.16
C GLN C 140 -13.94 -17.43 -1.07
N LEU C 141 -15.12 -17.30 -0.46
CA LEU C 141 -16.36 -17.34 -1.22
C LEU C 141 -16.52 -16.11 -2.10
N ARG C 142 -15.96 -14.99 -1.70
CA ARG C 142 -16.13 -13.73 -2.39
C ARG C 142 -15.02 -13.43 -3.38
N GLU C 143 -14.20 -14.42 -3.69
CA GLU C 143 -13.09 -14.30 -4.64
C GLU C 143 -13.42 -15.12 -5.88
N LYS C 144 -12.88 -14.67 -7.01
CA LYS C 144 -13.20 -15.31 -8.29
C LYS C 144 -12.77 -16.77 -8.27
N PHE C 145 -13.69 -17.65 -8.67
CA PHE C 145 -13.51 -19.09 -8.67
C PHE C 145 -13.26 -19.66 -7.28
N ASN C 146 -13.61 -18.90 -6.24
CA ASN C 146 -13.51 -19.37 -4.86
C ASN C 146 -12.14 -19.96 -4.54
N VAL C 147 -11.09 -19.19 -4.84
CA VAL C 147 -9.73 -19.66 -4.58
C VAL C 147 -9.51 -19.80 -3.07
N ILE C 148 -8.53 -20.63 -2.71
CA ILE C 148 -8.13 -20.81 -1.32
C ILE C 148 -7.03 -19.81 -1.01
N LYS C 149 -7.30 -18.90 -0.08
CA LYS C 149 -6.34 -17.90 0.34
C LYS C 149 -6.14 -17.98 1.84
N GLN C 150 -5.10 -17.31 2.33
CA GLN C 150 -4.85 -17.23 3.76
C GLN C 150 -5.76 -16.20 4.39
N ASP C 151 -6.35 -16.56 5.53
CA ASP C 151 -7.23 -15.65 6.23
C ASP C 151 -6.44 -14.45 6.77
N LYS C 152 -7.15 -13.38 7.07
CA LYS C 152 -6.53 -12.13 7.49
C LYS C 152 -7.29 -11.59 8.68
N LYS C 153 -6.59 -11.47 9.81
CA LYS C 153 -7.11 -10.92 11.05
C LYS C 153 -6.30 -9.68 11.39
N LYS C 154 -6.99 -8.62 11.81
CA LYS C 154 -6.35 -7.36 12.20
C LYS C 154 -5.55 -6.75 11.06
N GLY C 155 -5.85 -7.12 9.82
CA GLY C 155 -5.07 -6.62 8.71
C GLY C 155 -3.82 -7.42 8.44
N LYS C 156 -3.55 -8.45 9.23
CA LYS C 156 -2.36 -9.26 9.13
C LYS C 156 -2.74 -10.70 8.78
N LEU C 157 -1.82 -11.40 8.13
CA LEU C 157 -2.09 -12.77 7.74
C LEU C 157 -2.26 -13.63 8.98
N ARG C 158 -3.35 -14.39 9.02
CA ARG C 158 -3.76 -15.08 10.23
C ARG C 158 -3.06 -16.42 10.40
N TYR C 159 -2.55 -16.66 11.61
CA TYR C 159 -2.04 -17.95 12.02
C TYR C 159 -2.80 -18.40 13.27
N TYR C 160 -3.02 -19.71 13.37
CA TYR C 160 -3.63 -20.28 14.57
C TYR C 160 -2.76 -20.06 15.79
N HIS C 161 -3.39 -20.06 16.96
CA HIS C 161 -2.66 -19.97 18.21
C HIS C 161 -2.07 -21.32 18.58
N ASN C 162 -2.78 -22.40 18.29
CA ASN C 162 -2.32 -23.74 18.56
C ASN C 162 -2.24 -24.53 17.26
N SER C 163 -1.46 -25.60 17.28
CA SER C 163 -1.35 -26.51 16.15
C SER C 163 -2.57 -27.41 16.10
N ILE C 164 -3.27 -27.42 14.97
CA ILE C 164 -4.40 -28.31 14.82
C ILE C 164 -3.89 -29.74 14.66
N TYR C 165 -4.60 -30.69 15.25
CA TYR C 165 -4.13 -32.07 15.33
C TYR C 165 -4.87 -32.98 14.36
N TRP C 166 -5.57 -32.41 13.37
CA TRP C 166 -6.29 -33.17 12.37
C TRP C 166 -6.28 -32.39 11.07
N ASN C 167 -6.46 -33.10 9.97
CA ASN C 167 -6.60 -32.43 8.69
C ASN C 167 -7.97 -31.79 8.60
N TYR C 168 -8.00 -30.52 8.20
CA TYR C 168 -9.18 -29.66 8.33
C TYR C 168 -9.52 -29.06 6.99
N GLY C 169 -10.81 -29.04 6.67
CA GLY C 169 -11.25 -28.54 5.38
C GLY C 169 -12.74 -28.28 5.32
N ALA C 170 -13.30 -28.34 4.12
CA ALA C 170 -14.71 -28.03 3.92
C ALA C 170 -15.31 -29.00 2.91
N LEU C 171 -16.62 -29.18 3.02
CA LEU C 171 -17.30 -30.00 2.03
C LEU C 171 -17.77 -29.14 0.86
N PRO C 172 -17.60 -29.59 -0.37
CA PRO C 172 -18.05 -28.80 -1.52
C PRO C 172 -19.56 -28.83 -1.62
N GLN C 173 -20.09 -27.83 -2.31
CA GLN C 173 -21.52 -27.75 -2.57
C GLN C 173 -22.33 -27.86 -1.28
N THR C 174 -21.83 -27.21 -0.23
CA THR C 174 -22.53 -27.09 1.04
C THR C 174 -22.52 -25.63 1.45
N TYR C 175 -23.51 -25.24 2.24
CA TYR C 175 -23.67 -23.83 2.60
C TYR C 175 -24.59 -23.74 3.79
N GLU C 176 -24.10 -23.12 4.87
CA GLU C 176 -24.93 -22.85 6.04
C GLU C 176 -25.70 -21.56 5.77
N TYR C 177 -26.69 -21.68 4.90
CA TYR C 177 -27.48 -20.55 4.42
C TYR C 177 -28.24 -19.92 5.57
N PRO C 178 -27.98 -18.65 5.91
CA PRO C 178 -28.68 -18.02 7.03
C PRO C 178 -30.16 -17.76 6.75
N LYS C 179 -30.65 -18.12 5.57
CA LYS C 179 -32.07 -17.99 5.27
C LYS C 179 -32.92 -18.82 6.20
N HIS C 180 -32.40 -19.96 6.62
CA HIS C 180 -33.14 -20.87 7.49
C HIS C 180 -32.76 -20.61 8.95
N ILE C 181 -33.76 -20.50 9.80
CA ILE C 181 -33.58 -20.15 11.20
C ILE C 181 -33.90 -21.37 12.05
N TYR C 182 -33.12 -21.58 13.09
CA TYR C 182 -33.27 -22.72 13.99
C TYR C 182 -33.66 -22.23 15.37
N GLN C 183 -34.24 -23.12 16.17
CA GLN C 183 -34.79 -22.72 17.46
C GLN C 183 -34.56 -23.82 18.49
N ASN C 184 -34.91 -23.52 19.73
CA ASN C 184 -34.86 -24.48 20.83
C ASN C 184 -35.88 -24.12 21.90
N GLU C 191 -39.17 -16.05 25.57
CA GLU C 191 -39.48 -16.61 24.25
C GLU C 191 -38.38 -17.53 23.75
N ALA C 192 -38.64 -18.22 22.65
CA ALA C 192 -37.70 -19.17 22.09
C ALA C 192 -36.41 -18.47 21.66
N LEU C 193 -35.38 -19.26 21.43
CA LEU C 193 -34.07 -18.78 21.01
C LEU C 193 -33.83 -19.13 19.54
N LEU C 194 -33.26 -18.19 18.80
CA LEU C 194 -33.08 -18.33 17.36
C LEU C 194 -31.61 -18.47 17.01
N PHE C 195 -31.31 -19.31 16.02
CA PHE C 195 -29.94 -19.55 15.59
C PHE C 195 -29.92 -19.66 14.07
N THR C 196 -28.79 -19.27 13.47
CA THR C 196 -28.62 -19.37 12.02
C THR C 196 -27.34 -20.12 11.66
N GLY C 197 -26.93 -20.03 10.39
CA GLY C 197 -25.78 -20.76 9.91
C GLY C 197 -24.50 -19.95 9.91
N ASP C 198 -23.39 -20.66 9.61
CA ASP C 198 -22.08 -20.04 9.58
C ASP C 198 -21.92 -19.07 8.41
N ASN C 199 -22.76 -19.20 7.38
CA ASN C 199 -22.63 -18.46 6.13
C ASN C 199 -21.35 -18.83 5.39
N ASP C 200 -20.78 -19.99 5.72
CA ASP C 200 -19.62 -20.56 5.07
C ASP C 200 -19.92 -22.01 4.72
N PRO C 201 -19.14 -22.62 3.82
CA PRO C 201 -19.35 -24.04 3.54
C PRO C 201 -19.11 -24.90 4.77
N LEU C 202 -19.64 -26.12 4.72
CA LEU C 202 -19.62 -26.99 5.89
C LEU C 202 -18.21 -27.44 6.21
N ASP C 203 -17.81 -27.28 7.46
CA ASP C 203 -16.48 -27.65 7.91
C ASP C 203 -16.43 -29.14 8.22
N ILE C 204 -15.27 -29.76 7.96
CA ILE C 204 -15.12 -31.20 8.09
C ILE C 204 -13.73 -31.53 8.62
N LEU C 205 -13.66 -32.57 9.45
CA LEU C 205 -12.44 -32.99 10.11
C LEU C 205 -12.09 -34.44 9.78
N ASP C 206 -10.80 -34.69 9.58
CA ASP C 206 -10.28 -36.02 9.28
C ASP C 206 -9.55 -36.57 10.50
N ILE C 207 -10.05 -37.67 11.05
CA ILE C 207 -9.41 -38.33 12.18
C ILE C 207 -8.32 -39.27 11.66
N GLY C 208 -8.04 -39.21 10.37
CA GLY C 208 -7.00 -40.05 9.81
C GLY C 208 -5.64 -39.77 10.40
N SER C 209 -4.81 -40.82 10.43
CA SER C 209 -3.46 -40.68 10.96
C SER C 209 -2.59 -39.83 10.05
N ALA C 210 -2.66 -40.08 8.75
CA ALA C 210 -1.72 -39.50 7.80
C ALA C 210 -1.90 -38.00 7.66
N CYS C 211 -0.77 -37.29 7.54
CA CYS C 211 -0.81 -35.88 7.23
C CYS C 211 -1.17 -35.71 5.75
N LEU C 212 -2.24 -34.96 5.48
CA LEU C 212 -2.67 -34.73 4.11
C LEU C 212 -1.94 -33.53 3.52
N LYS C 213 -2.33 -33.14 2.31
CA LYS C 213 -1.65 -32.09 1.58
C LYS C 213 -2.54 -30.86 1.47
N ILE C 214 -1.90 -29.69 1.34
CA ILE C 214 -2.63 -28.44 1.20
C ILE C 214 -3.41 -28.46 -0.10
N GLY C 215 -4.73 -28.31 0.00
CA GLY C 215 -5.55 -28.28 -1.18
C GLY C 215 -6.04 -29.63 -1.65
N GLN C 216 -5.60 -30.71 -1.00
CA GLN C 216 -5.92 -32.04 -1.46
C GLN C 216 -7.41 -32.29 -1.38
N VAL C 217 -7.95 -32.96 -2.39
CA VAL C 217 -9.34 -33.38 -2.39
C VAL C 217 -9.33 -34.83 -1.95
N VAL C 218 -9.90 -35.09 -0.78
CA VAL C 218 -9.77 -36.39 -0.12
C VAL C 218 -11.17 -37.00 -0.01
N PRO C 219 -11.42 -38.14 -0.63
CA PRO C 219 -12.67 -38.85 -0.34
C PRO C 219 -12.67 -39.37 1.09
N VAL C 220 -13.78 -39.17 1.78
CA VAL C 220 -13.88 -39.46 3.21
C VAL C 220 -15.22 -40.09 3.52
N LYS C 221 -15.24 -40.90 4.57
CA LYS C 221 -16.46 -41.52 5.08
C LYS C 221 -16.90 -40.77 6.32
N ILE C 222 -18.18 -40.48 6.41
CA ILE C 222 -18.71 -39.66 7.49
C ILE C 222 -18.91 -40.54 8.72
N LEU C 223 -18.56 -40.00 9.89
CA LEU C 223 -18.65 -40.71 11.16
C LEU C 223 -19.57 -40.03 12.16
N GLY C 224 -19.55 -38.71 12.23
CA GLY C 224 -20.39 -38.00 13.18
C GLY C 224 -20.17 -36.51 13.06
N ALA C 225 -20.76 -35.76 14.00
CA ALA C 225 -20.63 -34.32 13.97
C ALA C 225 -20.98 -33.74 15.33
N PHE C 226 -20.43 -32.56 15.58
CA PHE C 226 -20.74 -31.74 16.75
C PHE C 226 -20.91 -30.31 16.28
N THR C 227 -21.51 -29.47 17.11
CA THR C 227 -21.93 -28.14 16.70
C THR C 227 -21.32 -27.09 17.60
N LEU C 228 -20.95 -25.96 17.00
CA LEU C 228 -20.37 -24.80 17.69
C LEU C 228 -21.09 -23.47 17.41
N ILE C 229 -21.35 -22.72 18.48
CA ILE C 229 -22.00 -21.40 18.47
C ILE C 229 -21.11 -20.70 19.48
N ASP C 230 -21.09 -19.38 19.64
CA ASP C 230 -21.90 -18.28 19.08
C ASP C 230 -21.48 -18.02 17.67
N GLU C 231 -21.77 -16.85 17.05
CA GLU C 231 -22.45 -15.63 17.56
C GLU C 231 -23.95 -15.68 17.41
N GLY C 232 -24.55 -16.75 17.90
CA GLY C 232 -25.96 -16.92 17.77
C GLY C 232 -26.26 -17.66 16.50
N GLU C 233 -25.24 -18.18 15.86
CA GLU C 233 -25.31 -18.99 14.67
C GLU C 233 -24.67 -20.33 14.94
N LEU C 234 -25.13 -21.36 14.24
CA LEU C 234 -24.64 -22.71 14.44
C LEU C 234 -23.55 -23.01 13.43
N ASP C 235 -22.38 -23.39 13.92
CA ASP C 235 -21.26 -23.79 13.08
C ASP C 235 -21.03 -25.28 13.29
N TRP C 236 -21.57 -26.08 12.39
CA TRP C 236 -21.46 -27.52 12.49
C TRP C 236 -20.08 -27.97 12.03
N LYS C 237 -19.54 -28.97 12.72
CA LYS C 237 -18.25 -29.55 12.41
C LYS C 237 -18.45 -31.04 12.18
N ILE C 238 -18.20 -31.49 10.95
CA ILE C 238 -18.42 -32.89 10.57
C ILE C 238 -17.15 -33.66 10.88
N ILE C 239 -17.31 -34.81 11.53
CA ILE C 239 -16.20 -35.71 11.81
C ILE C 239 -16.23 -36.85 10.80
N ALA C 240 -15.11 -37.06 10.11
CA ALA C 240 -15.01 -38.06 9.05
C ALA C 240 -13.61 -38.64 9.07
N ILE C 241 -13.40 -39.72 8.33
CA ILE C 241 -12.12 -40.41 8.29
C ILE C 241 -11.69 -40.60 6.84
N ASN C 242 -10.39 -40.47 6.59
CA ASN C 242 -9.85 -40.66 5.26
C ASN C 242 -10.07 -42.09 4.79
N LYS C 243 -10.39 -42.23 3.49
CA LYS C 243 -10.55 -43.55 2.90
C LYS C 243 -9.33 -44.44 3.10
N GLU C 244 -8.14 -43.86 3.01
CA GLU C 244 -6.91 -44.65 2.96
C GLU C 244 -6.32 -44.93 4.34
N ASP C 245 -7.06 -44.69 5.40
CA ASP C 245 -6.56 -44.99 6.74
C ASP C 245 -6.62 -46.49 7.00
N LYS C 246 -5.75 -46.97 7.88
CA LYS C 246 -5.64 -48.40 8.15
C LYS C 246 -6.88 -48.94 8.84
N HIS C 247 -7.65 -48.09 9.50
CA HIS C 247 -8.85 -48.50 10.22
C HIS C 247 -10.09 -47.85 9.62
N TYR C 248 -10.14 -47.79 8.29
CA TYR C 248 -11.28 -47.20 7.61
C TYR C 248 -12.54 -48.02 7.81
N GLU C 249 -12.47 -49.34 7.57
CA GLU C 249 -13.65 -50.17 7.67
C GLU C 249 -13.98 -50.53 9.11
N ASP C 250 -13.01 -50.44 10.01
CA ASP C 250 -13.26 -50.75 11.41
C ASP C 250 -13.95 -49.61 12.12
N ILE C 251 -14.00 -48.43 11.51
CA ILE C 251 -14.65 -47.25 12.06
C ILE C 251 -15.89 -46.97 11.23
N ASN C 252 -17.06 -46.99 11.88
CA ASN C 252 -18.30 -46.71 11.17
C ASN C 252 -19.25 -45.89 12.05
N SER C 253 -18.83 -45.44 13.21
CA SER C 253 -19.62 -44.56 14.04
C SER C 253 -18.69 -43.72 14.91
N LEU C 254 -19.26 -42.79 15.67
CA LEU C 254 -18.49 -41.94 16.56
C LEU C 254 -17.92 -42.69 17.76
N SER C 255 -18.53 -43.81 18.15
CA SER C 255 -18.11 -44.55 19.33
C SER C 255 -17.04 -45.59 19.03
N ASP C 256 -16.86 -45.93 17.76
CA ASP C 256 -15.80 -46.84 17.36
C ASP C 256 -14.44 -46.18 17.32
N ILE C 257 -14.39 -44.84 17.27
CA ILE C 257 -13.13 -44.13 17.06
C ILE C 257 -12.16 -44.38 18.21
N GLU C 258 -12.65 -44.29 19.44
CA GLU C 258 -11.80 -44.36 20.62
C GLU C 258 -11.11 -45.70 20.82
N LYS C 259 -11.50 -46.75 20.09
CA LYS C 259 -10.85 -48.03 20.25
C LYS C 259 -9.60 -48.19 19.40
N TYR C 260 -9.43 -47.36 18.37
CA TYR C 260 -8.21 -47.34 17.56
C TYR C 260 -7.45 -46.04 17.66
N TYR C 261 -8.12 -44.94 17.98
CA TYR C 261 -7.49 -43.64 18.17
C TYR C 261 -8.03 -43.08 19.47
N PRO C 262 -7.58 -43.61 20.60
CA PRO C 262 -8.16 -43.22 21.88
C PRO C 262 -7.99 -41.73 22.13
N HIS C 263 -8.96 -41.16 22.84
CA HIS C 263 -8.95 -39.78 23.31
C HIS C 263 -9.08 -38.76 22.18
N THR C 264 -9.15 -39.20 20.92
CA THR C 264 -9.23 -38.25 19.82
C THR C 264 -10.51 -37.45 19.86
N LEU C 265 -11.61 -38.05 20.30
CA LEU C 265 -12.89 -37.34 20.25
C LEU C 265 -13.03 -36.32 21.37
N SER C 266 -12.60 -36.67 22.59
CA SER C 266 -12.66 -35.71 23.67
C SER C 266 -11.69 -34.56 23.45
N LEU C 267 -10.49 -34.88 22.97
CA LEU C 267 -9.51 -33.85 22.63
C LEU C 267 -10.06 -32.96 21.52
N LEU C 268 -10.74 -33.55 20.54
CA LEU C 268 -11.33 -32.78 19.45
C LEU C 268 -12.19 -31.65 19.96
N LEU C 269 -13.09 -31.95 20.89
CA LEU C 269 -13.96 -30.92 21.45
C LEU C 269 -13.18 -29.85 22.19
N GLU C 270 -12.19 -30.24 22.99
CA GLU C 270 -11.49 -29.28 23.82
C GLU C 270 -10.61 -28.34 22.99
N TRP C 271 -10.10 -28.81 21.85
CA TRP C 271 -9.33 -27.93 20.99
C TRP C 271 -10.19 -26.78 20.48
N PHE C 272 -11.34 -27.08 19.90
CA PHE C 272 -12.24 -26.04 19.42
C PHE C 272 -12.86 -25.23 20.55
N ARG C 273 -12.82 -25.76 21.78
CA ARG C 273 -13.32 -25.01 22.93
C ARG C 273 -12.39 -23.86 23.26
N SER C 274 -11.09 -24.01 23.03
CA SER C 274 -10.09 -23.10 23.55
C SER C 274 -9.22 -22.42 22.50
N TYR C 275 -9.23 -22.88 21.25
CA TYR C 275 -8.23 -22.48 20.28
C TYR C 275 -8.17 -20.97 20.06
N LYS C 276 -9.13 -20.21 20.59
CA LYS C 276 -9.12 -18.75 20.51
C LYS C 276 -8.91 -18.09 21.85
N ALA C 278 -6.67 -17.27 23.79
CA ALA C 278 -5.61 -16.30 24.02
C ALA C 278 -5.95 -14.92 23.47
N ASP C 279 -6.87 -14.83 22.52
CA ASP C 279 -7.36 -13.57 21.99
C ASP C 279 -8.73 -13.20 22.56
N THR C 280 -9.64 -14.16 22.62
CA THR C 280 -10.99 -13.89 23.10
C THR C 280 -11.09 -13.87 24.60
N LYS C 281 -10.14 -14.48 25.30
CA LYS C 281 -10.16 -14.63 26.75
C LYS C 281 -11.40 -15.39 27.22
N LYS C 282 -12.08 -16.07 26.29
CA LYS C 282 -13.29 -16.80 26.57
C LYS C 282 -13.28 -18.14 25.85
N LEU C 283 -13.85 -19.16 26.49
CA LEU C 283 -14.01 -20.45 25.85
C LEU C 283 -15.23 -20.46 24.95
N ASN C 284 -15.10 -21.11 23.80
CA ASN C 284 -16.21 -21.26 22.89
C ASN C 284 -17.19 -22.31 23.41
N LEU C 285 -18.45 -22.16 23.03
CA LEU C 285 -19.51 -23.06 23.45
C LEU C 285 -19.67 -24.19 22.45
N ILE C 286 -19.76 -25.42 22.96
CA ILE C 286 -19.93 -26.61 22.13
C ILE C 286 -21.15 -27.35 22.65
N SER C 287 -22.11 -27.60 21.77
CA SER C 287 -23.33 -28.28 22.19
C SER C 287 -23.03 -29.66 22.73
N LYS C 288 -23.78 -30.06 23.73
CA LYS C 288 -23.60 -31.34 24.36
C LYS C 288 -24.16 -32.42 23.53
N GLN C 289 -24.84 -32.07 22.47
CA GLN C 289 -25.42 -33.06 21.63
C GLN C 289 -24.50 -33.36 20.53
N LEU C 290 -24.41 -34.63 20.19
CA LEU C 290 -23.56 -35.10 19.13
C LEU C 290 -24.45 -35.85 18.22
N TYR C 291 -24.10 -35.84 16.96
CA TYR C 291 -24.90 -36.44 15.91
C TYR C 291 -24.38 -37.83 15.55
N ASP C 292 -25.28 -38.69 15.11
CA ASP C 292 -24.90 -40.03 14.70
C ASP C 292 -24.25 -39.98 13.32
N LYS C 293 -23.94 -41.15 12.77
CA LYS C 293 -23.36 -41.20 11.45
C LYS C 293 -24.37 -40.75 10.41
N LYS C 294 -25.62 -41.17 10.57
CA LYS C 294 -26.67 -40.80 9.63
C LYS C 294 -27.20 -39.40 9.91
N GLU C 295 -27.20 -38.99 11.18
CA GLU C 295 -27.62 -37.64 11.52
C GLU C 295 -26.67 -36.61 10.94
N SER C 296 -25.41 -36.98 10.77
CA SER C 296 -24.46 -36.10 10.10
C SER C 296 -24.64 -36.17 8.60
N GLU C 297 -24.88 -37.36 8.06
CA GLU C 297 -25.12 -37.51 6.63
C GLU C 297 -26.39 -36.78 6.21
N ASP C 298 -27.40 -36.73 7.09
CA ASP C 298 -28.58 -35.92 6.83
C ASP C 298 -28.28 -34.44 7.01
N LEU C 299 -27.30 -34.10 7.85
CA LEU C 299 -26.89 -32.72 8.02
C LEU C 299 -26.16 -32.22 6.78
N ILE C 300 -25.29 -33.05 6.21
CA ILE C 300 -24.55 -32.66 5.01
C ILE C 300 -25.50 -32.37 3.86
N LYS C 302 -28.74 -31.77 3.84
CA LYS C 302 -29.56 -30.60 4.10
C LYS C 302 -28.85 -29.33 3.69
N THR C 303 -27.56 -29.23 4.02
CA THR C 303 -26.76 -28.08 3.61
C THR C 303 -26.47 -28.10 2.13
N HIS C 304 -26.54 -29.27 1.50
CA HIS C 304 -26.43 -29.34 0.04
C HIS C 304 -27.64 -28.70 -0.63
N HIS C 305 -28.84 -29.00 -0.13
CA HIS C 305 -30.03 -28.34 -0.64
C HIS C 305 -29.99 -26.85 -0.34
N TYR C 306 -29.43 -26.46 0.80
CA TYR C 306 -29.22 -25.04 1.06
C TYR C 306 -28.37 -24.41 -0.02
N TYR C 307 -27.33 -25.11 -0.47
CA TYR C 307 -26.48 -24.59 -1.54
C TYR C 307 -27.24 -24.52 -2.84
N LEU C 308 -28.09 -25.51 -3.12
CA LEU C 308 -28.96 -25.50 -4.28
C LEU C 308 -30.21 -24.67 -4.05
N GLU C 309 -30.30 -24.01 -2.91
CA GLU C 309 -31.31 -23.00 -2.64
C GLU C 309 -30.74 -21.59 -2.67
N PHE C 310 -29.46 -21.44 -2.36
CA PHE C 310 -28.80 -20.13 -2.41
C PHE C 310 -28.65 -19.59 -3.83
N ARG C 311 -28.09 -20.36 -4.75
CA ARG C 311 -27.79 -19.81 -6.06
C ARG C 311 -29.03 -19.46 -6.86
N GLU C 312 -30.11 -20.21 -6.66
CA GLU C 312 -31.36 -19.87 -7.33
C GLU C 312 -31.91 -18.58 -6.78
N ASP C 313 -31.87 -18.42 -5.47
CA ASP C 313 -32.30 -17.17 -4.87
C ASP C 313 -31.46 -16.02 -5.39
N VAL C 314 -30.22 -16.30 -5.82
CA VAL C 314 -29.36 -15.22 -6.24
C VAL C 314 -29.69 -14.84 -7.68
N LYS C 315 -30.01 -15.82 -8.53
CA LYS C 315 -30.36 -15.47 -9.92
C LYS C 315 -31.70 -14.79 -9.99
N LYS C 316 -32.69 -15.24 -9.21
CA LYS C 316 -33.94 -14.52 -9.14
C LYS C 316 -33.71 -13.09 -8.69
N LEU C 317 -32.63 -12.86 -7.93
CA LEU C 317 -32.27 -11.53 -7.47
C LEU C 317 -31.47 -10.77 -8.52
N LYS C 318 -31.00 -11.44 -9.57
CA LYS C 318 -30.24 -10.78 -10.62
C LYS C 318 -31.00 -10.76 -11.94
N GLU C 319 -32.21 -11.34 -11.98
CA GLU C 319 -33.17 -10.98 -13.01
C GLU C 319 -34.03 -9.82 -12.55
N GLU C 320 -34.34 -9.79 -11.25
CA GLU C 320 -34.99 -8.65 -10.62
C GLU C 320 -34.25 -7.35 -10.94
N HIS C 321 -32.93 -7.37 -10.88
CA HIS C 321 -32.12 -6.18 -11.13
C HIS C 321 -32.00 -5.87 -12.61
N SER C 322 -32.03 -6.89 -13.48
CA SER C 322 -31.95 -6.66 -14.92
C SER C 322 -33.27 -6.17 -15.52
N LYS C 323 -34.35 -6.18 -14.76
CA LYS C 323 -35.59 -5.56 -15.18
C LYS C 323 -35.63 -4.11 -14.72
N GLU C 353 -24.87 -18.98 33.84
CA GLU C 353 -24.04 -18.68 32.70
C GLU C 353 -24.55 -19.39 31.46
N ASN C 354 -23.71 -19.40 30.42
CA ASN C 354 -23.98 -20.19 29.24
C ASN C 354 -23.64 -21.66 29.44
N ASN C 355 -23.63 -22.13 30.68
CA ASN C 355 -23.22 -23.51 30.96
C ASN C 355 -24.23 -24.50 30.41
N LEU C 356 -25.51 -24.21 30.59
CA LEU C 356 -26.59 -25.03 30.07
C LEU C 356 -27.13 -24.53 28.74
N LEU C 357 -26.57 -23.45 28.19
CA LEU C 357 -26.86 -23.13 26.80
C LEU C 357 -26.22 -24.17 25.87
N GLU C 358 -25.28 -24.95 26.38
CA GLU C 358 -24.64 -26.02 25.62
C GLU C 358 -25.50 -27.27 25.53
N ASP C 359 -26.34 -27.44 26.53
CA ASP C 359 -27.37 -28.48 26.71
C ASP C 359 -28.58 -28.45 25.73
N ILE C 360 -29.06 -27.27 25.34
CA ILE C 360 -30.22 -27.16 24.46
C ILE C 360 -30.04 -27.78 23.13
N ASN C 361 -31.08 -28.42 22.66
CA ASN C 361 -31.06 -29.05 21.34
C ASN C 361 -31.78 -28.14 20.43
N ILE C 362 -31.17 -27.89 19.29
CA ILE C 362 -31.73 -26.97 18.34
C ILE C 362 -32.48 -27.59 17.18
N THR C 363 -33.73 -27.20 17.04
CA THR C 363 -34.58 -27.65 15.97
C THR C 363 -34.95 -26.54 15.03
N TYR C 364 -35.20 -26.90 13.79
CA TYR C 364 -35.52 -25.94 12.77
C TYR C 364 -36.79 -25.14 13.03
N TYR C 365 -36.77 -23.87 12.70
CA TYR C 365 -37.89 -23.00 12.91
C TYR C 365 -38.53 -22.65 11.60
N LYS C 366 -38.00 -21.66 10.90
CA LYS C 366 -38.56 -21.23 9.65
C LYS C 366 -37.51 -20.71 8.75
N SER C 367 -37.81 -20.61 7.48
CA SER C 367 -36.89 -20.07 6.52
C SER C 367 -37.32 -18.67 6.23
N ASP C 368 -36.48 -17.68 6.52
CA ASP C 368 -36.76 -16.26 6.33
C ASP C 368 -36.65 -15.92 4.86
N SER C 369 -37.79 -15.64 4.23
CA SER C 369 -37.84 -15.29 2.81
C SER C 369 -37.68 -13.80 2.59
N ALA C 370 -37.53 -13.03 3.65
CA ALA C 370 -37.15 -11.62 3.54
C ALA C 370 -35.64 -11.45 3.55
N TYR C 371 -34.91 -12.56 3.49
CA TYR C 371 -33.47 -12.54 3.46
C TYR C 371 -33.00 -12.36 2.02
N LYS C 372 -32.03 -11.48 1.82
CA LYS C 372 -31.50 -11.30 0.48
C LYS C 372 -30.13 -11.94 0.39
N PRO C 373 -29.91 -12.85 -0.56
CA PRO C 373 -28.62 -13.53 -0.64
C PRO C 373 -27.50 -12.55 -0.94
N ASP C 374 -26.28 -12.93 -0.53
CA ASP C 374 -25.12 -12.09 -0.73
C ASP C 374 -24.65 -12.20 -2.18
N LEU C 375 -24.73 -11.09 -2.91
CA LEU C 375 -24.29 -11.04 -4.29
C LEU C 375 -22.78 -10.95 -4.43
N ASN C 376 -22.05 -10.94 -3.32
CA ASN C 376 -20.60 -10.92 -3.36
C ASN C 376 -20.03 -12.33 -3.52
N ILE C 377 -20.75 -13.32 -3.11
CA ILE C 377 -20.30 -14.66 -3.23
C ILE C 377 -20.29 -15.02 -4.69
N TRP C 378 -19.24 -15.63 -5.19
CA TRP C 378 -19.12 -15.99 -6.61
C TRP C 378 -19.81 -17.23 -7.10
N THR C 379 -20.34 -17.17 -8.30
CA THR C 379 -21.02 -18.29 -8.90
C THR C 379 -20.82 -18.28 -10.40
N TYR D 36 14.31 -12.96 3.95
CA TYR D 36 14.51 -14.37 4.29
C TYR D 36 13.53 -15.24 3.52
N PHE D 37 13.68 -16.56 3.65
CA PHE D 37 12.76 -17.55 3.10
C PHE D 37 13.22 -18.95 3.49
N ILE D 38 12.31 -19.81 3.91
CA ILE D 38 12.65 -21.20 4.25
C ILE D 38 12.46 -22.06 3.01
N GLU D 39 13.46 -22.88 2.72
CA GLU D 39 13.49 -23.72 1.54
C GLU D 39 12.86 -25.06 1.90
N THR D 40 11.75 -25.40 1.24
CA THR D 40 11.05 -26.66 1.45
C THR D 40 11.40 -27.74 0.42
N ASN D 41 12.46 -27.54 -0.35
CA ASN D 41 12.89 -28.48 -1.40
C ASN D 41 11.75 -28.80 -2.36
N LYS D 42 10.81 -27.88 -2.51
CA LYS D 42 9.70 -28.00 -3.43
C LYS D 42 9.52 -26.66 -4.11
N GLU D 43 8.62 -26.60 -5.09
CA GLU D 43 8.54 -25.40 -5.90
C GLU D 43 7.82 -24.27 -5.19
N LEU D 44 6.90 -24.58 -4.26
CA LEU D 44 6.25 -23.55 -3.47
C LEU D 44 7.13 -23.18 -2.28
N LYS D 45 7.41 -21.89 -2.13
CA LYS D 45 8.30 -21.39 -1.09
C LYS D 45 7.51 -20.65 -0.01
N ILE D 46 8.21 -20.22 1.04
CA ILE D 46 7.64 -19.52 2.18
C ILE D 46 8.42 -18.23 2.39
N ASN D 47 7.73 -17.09 2.39
CA ASN D 47 8.39 -15.79 2.42
C ASN D 47 9.16 -15.53 3.70
N LEU D 48 8.61 -15.96 4.85
CA LEU D 48 9.25 -15.76 6.15
C LEU D 48 9.44 -14.28 6.48
N ASN D 49 8.35 -13.53 6.42
CA ASN D 49 8.30 -12.17 6.95
C ASN D 49 7.30 -12.14 8.10
N PHE D 50 7.74 -11.65 9.26
CA PHE D 50 6.93 -11.72 10.47
C PHE D 50 6.21 -10.42 10.80
N GLN D 51 6.26 -9.42 9.93
CA GLN D 51 5.53 -8.18 10.18
C GLN D 51 4.19 -8.13 9.44
N ASN D 52 3.96 -9.03 8.49
CA ASN D 52 2.69 -9.07 7.77
C ASN D 52 1.74 -10.12 8.33
N ASN D 53 2.17 -10.93 9.28
CA ASN D 53 1.40 -12.01 9.87
C ASN D 53 1.22 -11.75 11.36
N ASN D 54 0.47 -12.63 12.03
CA ASN D 54 0.15 -12.45 13.44
C ASN D 54 0.88 -13.42 14.35
N ILE D 55 2.02 -13.96 13.90
CA ILE D 55 2.77 -14.88 14.75
C ILE D 55 3.35 -14.14 15.95
N ILE D 56 4.01 -13.01 15.69
CA ILE D 56 4.56 -12.20 16.78
C ILE D 56 3.46 -11.77 17.73
N SER D 57 2.30 -11.40 17.18
CA SER D 57 1.17 -11.01 18.00
C SER D 57 0.65 -12.19 18.81
N ASN D 58 0.51 -13.35 18.18
CA ASN D 58 -0.05 -14.53 18.86
C ASN D 58 0.74 -14.89 20.11
N ILE D 59 2.06 -14.80 20.05
CA ILE D 59 2.90 -15.33 21.12
C ILE D 59 3.08 -14.32 22.25
N PHE D 60 3.34 -13.06 21.92
CA PHE D 60 3.82 -12.09 22.90
C PHE D 60 2.76 -11.08 23.35
N SER D 61 1.58 -11.03 22.73
CA SER D 61 0.62 -10.00 23.09
C SER D 61 -0.03 -10.23 24.45
N ASN D 62 0.27 -11.33 25.12
CA ASN D 62 -0.28 -11.62 26.44
C ASN D 62 0.82 -11.75 27.50
N ILE D 63 1.99 -11.17 27.26
CA ILE D 63 3.06 -11.22 28.24
C ILE D 63 2.67 -10.43 29.47
N ASN D 64 3.03 -10.95 30.65
CA ASN D 64 2.68 -10.33 31.93
C ASN D 64 3.88 -10.45 32.85
N ILE D 65 4.54 -9.32 33.11
CA ILE D 65 5.77 -9.27 33.91
C ILE D 65 5.61 -8.20 34.97
N TYR D 66 6.54 -8.19 35.92
CA TYR D 66 6.62 -7.10 36.88
C TYR D 66 7.07 -5.83 36.17
N ASP D 67 6.79 -4.69 36.80
CA ASP D 67 6.95 -3.41 36.12
C ASP D 67 8.42 -3.12 35.84
N LYS D 68 9.28 -3.28 36.84
CA LYS D 68 10.67 -2.85 36.72
C LYS D 68 11.62 -4.03 36.89
N ILE D 69 12.89 -3.77 36.58
CA ILE D 69 13.91 -4.80 36.64
C ILE D 69 14.02 -5.36 38.05
N SER D 70 14.11 -4.47 39.04
CA SER D 70 14.16 -4.88 40.43
C SER D 70 12.82 -4.57 41.08
N ASN D 71 12.13 -5.62 41.51
CA ASN D 71 10.80 -5.50 42.09
C ASN D 71 10.81 -6.21 43.43
N ILE D 72 10.38 -5.51 44.47
CA ILE D 72 10.42 -6.02 45.84
C ILE D 72 9.01 -6.38 46.29
N PHE D 73 8.88 -7.55 46.89
CA PHE D 73 7.61 -8.05 47.40
C PHE D 73 7.86 -8.71 48.76
N ILE D 74 6.76 -9.02 49.45
CA ILE D 74 6.80 -9.58 50.79
C ILE D 74 6.08 -10.92 50.75
N ASN D 75 6.78 -11.98 51.11
CA ASN D 75 6.21 -13.33 51.12
C ASN D 75 6.43 -14.01 52.47
N ASN D 76 5.34 -14.51 53.05
CA ASN D 76 5.37 -15.24 54.31
C ASN D 76 6.13 -14.44 55.37
N LYS D 77 5.75 -13.18 55.50
CA LYS D 77 6.31 -12.26 56.51
C LYS D 77 7.81 -12.04 56.31
N LYS D 78 8.33 -12.37 55.13
CA LYS D 78 9.70 -12.07 54.76
C LYS D 78 9.68 -11.29 53.46
N THR D 79 10.77 -10.57 53.16
CA THR D 79 10.84 -9.65 52.03
C THR D 79 11.90 -10.09 51.03
N TYR D 80 11.56 -10.07 49.75
CA TYR D 80 12.45 -10.43 48.66
C TYR D 80 12.39 -9.46 47.48
N LEU D 82 13.24 -9.38 42.84
CA LEU D 82 13.49 -10.17 41.61
C LEU D 82 14.40 -9.50 40.60
N LYS D 83 15.41 -10.21 40.14
CA LYS D 83 16.45 -9.79 39.18
C LYS D 83 16.15 -9.42 37.71
N TYR D 84 15.31 -10.18 37.01
CA TYR D 84 15.01 -9.90 35.61
C TYR D 84 16.26 -9.47 34.90
N ASN D 85 17.27 -10.31 34.92
CA ASN D 85 18.47 -9.93 34.24
C ASN D 85 18.43 -10.24 32.75
N ASN D 86 18.85 -9.27 31.95
CA ASN D 86 18.95 -9.30 30.50
C ASN D 86 17.56 -9.38 29.86
N ASN D 87 17.51 -9.47 28.54
CA ASN D 87 16.25 -9.40 27.80
C ASN D 87 15.79 -10.79 27.34
N ILE D 88 14.48 -10.92 27.13
CA ILE D 88 13.90 -12.18 26.68
C ILE D 88 14.46 -12.54 25.31
N ASN D 89 14.59 -13.85 25.06
CA ASN D 89 15.13 -14.38 23.79
C ASN D 89 16.58 -13.96 23.60
N GLU D 90 17.28 -13.74 24.70
CA GLU D 90 18.73 -13.58 24.71
C GLU D 90 19.36 -14.83 25.31
N GLU D 91 20.64 -15.05 25.00
CA GLU D 91 21.23 -16.32 25.40
C GLU D 91 21.66 -16.34 26.85
N ASN D 92 21.58 -15.21 27.55
CA ASN D 92 21.83 -15.16 28.99
C ASN D 92 20.74 -14.34 29.67
N PHE D 93 19.48 -14.74 29.52
CA PHE D 93 18.39 -14.16 30.28
C PHE D 93 18.07 -15.07 31.45
N PHE D 94 17.97 -14.49 32.64
CA PHE D 94 17.60 -15.26 33.82
C PHE D 94 16.93 -14.35 34.84
N ILE D 95 16.23 -14.96 35.78
CA ILE D 95 15.50 -14.25 36.82
C ILE D 95 16.19 -14.60 38.14
N SER D 96 16.85 -13.62 38.76
CA SER D 96 17.54 -13.84 40.02
C SER D 96 16.68 -13.32 41.18
N TYR D 97 16.80 -13.98 42.32
CA TYR D 97 16.02 -13.68 43.50
C TYR D 97 16.94 -13.29 44.65
N PHE D 98 16.51 -12.34 45.47
CA PHE D 98 17.31 -11.84 46.58
C PHE D 98 16.47 -11.78 47.85
N GLU D 99 17.16 -11.78 49.00
CA GLU D 99 16.54 -11.68 50.32
C GLU D 99 17.20 -10.55 51.08
N LYS D 100 16.45 -9.98 52.02
CA LYS D 100 16.95 -8.84 52.78
C LYS D 100 17.80 -9.29 53.96
N LYS D 101 19.03 -8.82 53.96
CA LYS D 101 19.92 -9.09 55.04
C LYS D 101 19.75 -7.92 55.94
N ASP D 102 18.60 -7.76 56.56
CA ASP D 102 18.55 -6.67 57.46
C ASP D 102 19.11 -5.42 56.83
N ASP D 103 18.38 -4.85 55.92
CA ASP D 103 18.79 -3.60 55.32
C ASP D 103 19.73 -3.83 54.20
N ASN D 104 20.10 -5.08 53.93
CA ASN D 104 20.81 -5.26 52.67
C ASN D 104 20.23 -6.49 51.97
N PHE D 105 20.47 -6.62 50.67
CA PHE D 105 19.88 -7.71 49.88
C PHE D 105 20.88 -8.82 49.59
N VAL D 106 20.61 -10.02 50.11
CA VAL D 106 21.48 -11.19 49.94
C VAL D 106 20.89 -12.11 48.87
N PRO D 107 21.72 -12.78 48.06
CA PRO D 107 21.18 -13.70 47.05
C PRO D 107 20.50 -14.93 47.66
N ILE D 108 19.42 -15.36 47.03
CA ILE D 108 18.63 -16.50 47.50
C ILE D 108 18.26 -17.38 46.31
N SER D 109 18.02 -18.70 46.58
CA SER D 109 17.54 -19.64 45.57
C SER D 109 16.04 -19.87 45.73
N PRO D 110 15.26 -19.84 44.65
CA PRO D 110 13.82 -20.07 44.78
C PRO D 110 13.46 -21.51 45.09
N TRP D 111 14.34 -22.46 44.81
CA TRP D 111 14.06 -23.87 45.08
C TRP D 111 14.29 -24.25 46.54
N HIS D 112 15.36 -23.71 47.15
CA HIS D 112 15.77 -24.12 48.49
C HIS D 112 15.22 -23.25 49.60
N HIS D 113 15.23 -21.92 49.44
CA HIS D 113 15.08 -21.02 50.57
C HIS D 113 13.71 -20.36 50.68
N ILE D 114 12.83 -20.55 49.72
CA ILE D 114 11.46 -20.05 49.84
C ILE D 114 10.64 -21.14 50.51
N ASP D 115 9.85 -20.76 51.51
CA ASP D 115 9.09 -21.73 52.26
C ASP D 115 7.98 -22.31 51.41
N LEU D 116 7.89 -23.64 51.40
CA LEU D 116 6.86 -24.31 50.63
C LEU D 116 5.47 -24.00 51.18
N LYS D 117 5.31 -24.10 52.50
CA LYS D 117 4.03 -23.90 53.17
C LYS D 117 4.11 -22.67 54.05
N ASN D 118 3.08 -21.82 53.97
CA ASN D 118 3.08 -20.61 54.77
C ASN D 118 2.57 -20.94 56.17
N ASP D 119 2.66 -19.96 57.08
CA ASP D 119 2.23 -20.23 58.44
C ASP D 119 0.72 -20.34 58.55
N ASP D 120 -0.02 -19.74 57.62
CA ASP D 120 -1.45 -19.91 57.54
C ASP D 120 -1.86 -21.23 56.90
N GLY D 121 -0.93 -21.93 56.27
CA GLY D 121 -1.23 -23.16 55.56
C GLY D 121 -1.26 -23.10 54.06
N THR D 122 -1.11 -21.93 53.45
CA THR D 122 -1.12 -21.88 52.00
C THR D 122 0.27 -22.19 51.47
N TYR D 123 0.31 -22.60 50.20
CA TYR D 123 1.56 -22.90 49.52
C TYR D 123 1.93 -21.79 48.56
N ASN D 124 3.23 -21.66 48.30
CA ASN D 124 3.77 -20.64 47.43
C ASN D 124 4.13 -21.25 46.08
N ILE D 126 5.88 -20.66 42.38
CA ILE D 126 6.83 -19.84 41.62
C ILE D 126 6.39 -19.91 40.17
N VAL D 127 5.77 -18.84 39.68
CA VAL D 127 5.21 -18.82 38.34
C VAL D 127 6.35 -18.77 37.34
N GLU D 128 6.40 -19.75 36.43
CA GLU D 128 7.37 -19.76 35.36
C GLU D 128 6.78 -19.41 34.00
N ILE D 129 5.50 -19.67 33.79
CA ILE D 129 4.81 -19.37 32.53
C ILE D 129 3.52 -18.64 32.84
N THR D 130 3.39 -17.43 32.33
CA THR D 130 2.15 -16.68 32.48
C THR D 130 1.03 -17.34 31.69
N LYS D 131 -0.19 -17.20 32.17
CA LYS D 131 -1.37 -17.62 31.41
C LYS D 131 -1.31 -17.06 29.99
N TYR D 132 -1.71 -17.89 29.04
CA TYR D 132 -1.81 -17.60 27.61
C TYR D 132 -0.45 -17.46 26.92
N ASN D 133 0.66 -17.65 27.62
CA ASN D 133 1.98 -17.46 27.04
C ASN D 133 2.60 -18.76 26.57
N TYR D 134 3.75 -18.63 25.90
CA TYR D 134 4.44 -19.74 25.27
C TYR D 134 5.84 -20.01 25.81
N ILE D 135 6.49 -19.03 26.42
CA ILE D 135 7.90 -19.15 26.78
C ILE D 135 8.09 -20.23 27.84
N LYS D 136 8.90 -21.23 27.52
CA LYS D 136 9.18 -22.32 28.46
C LYS D 136 10.32 -21.88 29.36
N LEU D 137 9.97 -21.15 30.41
CA LEU D 137 10.93 -20.85 31.45
C LEU D 137 10.86 -21.92 32.51
N GLU D 138 12.01 -22.22 33.12
CA GLU D 138 12.10 -23.26 34.14
C GLU D 138 13.19 -22.87 35.12
N ILE D 139 13.04 -23.30 36.36
CA ILE D 139 14.12 -23.18 37.35
C ILE D 139 15.21 -24.16 36.97
N GLN D 140 16.40 -23.65 36.68
CA GLN D 140 17.54 -24.47 36.31
C GLN D 140 18.24 -24.95 37.56
N LEU D 141 18.13 -26.24 37.85
CA LEU D 141 18.70 -26.80 39.06
C LEU D 141 20.22 -26.79 39.03
N ARG D 142 20.81 -26.84 37.84
CA ARG D 142 22.25 -26.89 37.69
C ARG D 142 22.89 -25.51 37.56
N GLU D 143 22.13 -24.45 37.82
CA GLU D 143 22.62 -23.09 37.72
C GLU D 143 22.72 -22.49 39.12
N LYS D 144 23.68 -21.59 39.30
CA LYS D 144 23.95 -21.05 40.62
C LYS D 144 22.72 -20.31 41.15
N PHE D 145 22.36 -20.61 42.40
CA PHE D 145 21.17 -20.07 43.05
C PHE D 145 19.89 -20.46 42.35
N ASN D 146 19.93 -21.49 41.51
CA ASN D 146 18.76 -22.02 40.81
C ASN D 146 17.98 -20.90 40.13
N VAL D 147 18.69 -20.08 39.35
CA VAL D 147 18.03 -19.01 38.64
C VAL D 147 17.07 -19.58 37.60
N ILE D 148 16.09 -18.78 37.23
CA ILE D 148 15.10 -19.18 36.22
C ILE D 148 15.61 -18.75 34.85
N LYS D 149 15.83 -19.72 33.97
CA LYS D 149 16.22 -19.45 32.60
C LYS D 149 15.22 -20.10 31.65
N GLN D 150 15.31 -19.72 30.39
CA GLN D 150 14.46 -20.31 29.36
C GLN D 150 14.99 -21.69 29.01
N ASP D 151 14.10 -22.65 28.88
CA ASP D 151 14.55 -23.98 28.52
C ASP D 151 15.15 -23.94 27.13
N LYS D 152 16.09 -24.85 26.89
CA LYS D 152 16.83 -24.88 25.63
C LYS D 152 16.98 -26.34 25.23
N LYS D 153 16.31 -26.73 24.16
CA LYS D 153 16.46 -28.08 23.62
C LYS D 153 16.85 -28.00 22.15
N LYS D 154 17.77 -28.88 21.75
CA LYS D 154 18.34 -28.97 20.41
C LYS D 154 19.14 -27.73 20.03
N GLY D 155 19.65 -27.00 21.02
CA GLY D 155 20.45 -25.83 20.78
C GLY D 155 19.69 -24.56 20.55
N LYS D 156 18.37 -24.62 20.53
CA LYS D 156 17.53 -23.47 20.28
C LYS D 156 16.64 -23.20 21.49
N LEU D 157 16.30 -21.94 21.70
CA LEU D 157 15.45 -21.59 22.83
C LEU D 157 14.06 -22.18 22.64
N ARG D 158 13.57 -22.88 23.65
CA ARG D 158 12.36 -23.67 23.49
C ARG D 158 11.14 -22.79 23.68
N TYR D 159 10.19 -22.92 22.77
CA TYR D 159 8.87 -22.33 22.88
C TYR D 159 7.82 -23.44 22.85
N TYR D 160 6.77 -23.26 23.62
CA TYR D 160 5.66 -24.20 23.58
C TYR D 160 5.07 -24.24 22.18
N HIS D 161 4.43 -25.35 21.86
CA HIS D 161 3.76 -25.45 20.56
C HIS D 161 2.43 -24.72 20.60
N ASN D 162 1.72 -24.80 21.72
CA ASN D 162 0.44 -24.16 21.90
C ASN D 162 0.50 -23.19 23.08
N SER D 163 -0.48 -22.29 23.13
CA SER D 163 -0.60 -21.36 24.24
C SER D 163 -1.17 -22.07 25.46
N ILE D 164 -0.44 -22.02 26.58
CA ILE D 164 -0.92 -22.61 27.81
C ILE D 164 -2.03 -21.76 28.37
N TYR D 165 -3.04 -22.41 28.95
CA TYR D 165 -4.25 -21.71 29.37
C TYR D 165 -4.34 -21.57 30.89
N TRP D 166 -3.24 -21.76 31.59
CA TRP D 166 -3.20 -21.64 33.04
C TRP D 166 -1.84 -21.12 33.47
N ASN D 167 -1.80 -20.49 34.64
CA ASN D 167 -0.53 -20.10 35.21
C ASN D 167 0.19 -21.34 35.74
N TYR D 168 1.46 -21.48 35.37
CA TYR D 168 2.18 -22.73 35.54
C TYR D 168 3.48 -22.47 36.28
N GLY D 169 3.81 -23.34 37.22
CA GLY D 169 5.00 -23.15 38.00
C GLY D 169 5.45 -24.38 38.75
N ALA D 170 6.25 -24.16 39.79
CA ALA D 170 6.81 -25.24 40.57
C ALA D 170 6.82 -24.83 42.04
N LEU D 171 6.80 -25.83 42.90
CA LEU D 171 6.86 -25.67 44.35
C LEU D 171 8.30 -25.74 44.84
N PRO D 172 8.67 -24.90 45.79
CA PRO D 172 10.02 -24.97 46.35
C PRO D 172 10.15 -26.14 47.31
N GLN D 173 11.40 -26.52 47.55
CA GLN D 173 11.74 -27.54 48.53
C GLN D 173 10.96 -28.84 48.30
N THR D 174 10.79 -29.18 47.03
CA THR D 174 10.23 -30.46 46.62
C THR D 174 11.10 -31.01 45.49
N TYR D 175 11.08 -32.32 45.34
CA TYR D 175 11.99 -32.98 44.39
C TYR D 175 11.47 -34.37 44.13
N GLU D 176 11.19 -34.70 42.87
CA GLU D 176 10.82 -36.06 42.50
C GLU D 176 12.09 -36.88 42.39
N TYR D 177 12.65 -37.17 43.55
CA TYR D 177 13.94 -37.83 43.69
C TYR D 177 13.90 -39.23 43.10
N PRO D 178 14.68 -39.52 42.05
CA PRO D 178 14.64 -40.86 41.45
C PRO D 178 15.19 -41.96 42.33
N LYS D 179 15.64 -41.62 43.51
CA LYS D 179 16.15 -42.59 44.43
C LYS D 179 15.03 -43.49 44.80
N HIS D 180 13.87 -42.93 44.99
CA HIS D 180 12.72 -43.70 45.37
C HIS D 180 12.22 -44.44 44.17
N ILE D 181 11.41 -45.47 44.33
CA ILE D 181 10.94 -46.20 43.17
C ILE D 181 9.50 -46.64 43.25
N TYR D 182 8.84 -46.59 42.11
CA TYR D 182 7.42 -46.91 41.99
C TYR D 182 7.07 -48.20 41.23
N GLN D 183 6.04 -48.89 41.69
CA GLN D 183 5.58 -50.17 41.18
C GLN D 183 4.08 -50.30 41.22
N ASN D 184 3.59 -51.43 40.71
CA ASN D 184 2.16 -51.67 40.64
C ASN D 184 1.80 -53.13 40.87
N ALA D 192 7.49 -57.19 36.02
CA ALA D 192 6.85 -55.98 36.54
C ALA D 192 7.35 -54.75 35.80
N LEU D 193 6.62 -53.64 35.95
CA LEU D 193 7.00 -52.36 35.38
C LEU D 193 7.42 -51.41 36.49
N LEU D 194 8.50 -50.70 36.26
CA LEU D 194 9.08 -49.81 37.25
C LEU D 194 8.95 -48.36 36.80
N PHE D 195 8.75 -47.47 37.76
CA PHE D 195 8.57 -46.05 37.47
C PHE D 195 9.37 -45.23 38.45
N THR D 196 9.86 -44.08 37.98
CA THR D 196 10.64 -43.17 38.81
C THR D 196 10.08 -41.76 38.75
N GLY D 197 10.84 -40.80 39.27
CA GLY D 197 10.38 -39.43 39.38
C GLY D 197 10.81 -38.54 38.23
N ASP D 198 10.28 -37.31 38.25
CA ASP D 198 10.59 -36.31 37.24
C ASP D 198 12.03 -35.85 37.32
N ASN D 199 12.67 -36.04 38.47
CA ASN D 199 13.99 -35.49 38.78
C ASN D 199 13.98 -33.97 38.74
N ASP D 200 12.80 -33.39 38.85
CA ASP D 200 12.58 -31.95 38.87
C ASP D 200 11.64 -31.61 40.02
N PRO D 201 11.58 -30.34 40.42
CA PRO D 201 10.62 -29.96 41.45
C PRO D 201 9.19 -30.17 40.97
N LEU D 202 8.28 -30.22 41.93
CA LEU D 202 6.89 -30.58 41.64
C LEU D 202 6.21 -29.48 40.83
N ASP D 203 5.59 -29.87 39.72
CA ASP D 203 4.89 -28.90 38.89
C ASP D 203 3.51 -28.62 39.46
N ILE D 204 3.05 -27.39 39.29
CA ILE D 204 1.78 -26.95 39.86
C ILE D 204 1.11 -25.99 38.90
N LEU D 205 -0.23 -26.06 38.86
CA LEU D 205 -1.04 -25.29 37.93
C LEU D 205 -2.02 -24.41 38.70
N ASP D 206 -2.20 -23.18 38.22
CA ASP D 206 -3.13 -22.23 38.80
C ASP D 206 -4.33 -22.13 37.89
N ILE D 207 -5.49 -22.57 38.36
CA ILE D 207 -6.74 -22.45 37.62
C ILE D 207 -7.36 -21.09 37.88
N GLY D 208 -6.61 -20.22 38.57
CA GLY D 208 -7.11 -18.89 38.81
C GLY D 208 -7.31 -18.13 37.52
N SER D 209 -8.29 -17.22 37.53
CA SER D 209 -8.58 -16.43 36.35
C SER D 209 -7.45 -15.47 36.02
N ALA D 210 -6.92 -14.79 37.02
CA ALA D 210 -6.00 -13.70 36.77
C ALA D 210 -4.71 -14.20 36.16
N CYS D 211 -4.20 -13.48 35.18
CA CYS D 211 -2.90 -13.78 34.62
C CYS D 211 -1.84 -13.37 35.62
N LEU D 212 -0.99 -14.30 36.04
CA LEU D 212 0.06 -13.96 36.98
C LEU D 212 1.26 -13.42 36.23
N LYS D 213 2.33 -13.14 36.95
CA LYS D 213 3.50 -12.51 36.37
C LYS D 213 4.66 -13.50 36.32
N ILE D 214 5.56 -13.27 35.36
CA ILE D 214 6.73 -14.13 35.21
C ILE D 214 7.61 -14.00 36.44
N GLY D 215 7.86 -15.12 37.11
CA GLY D 215 8.71 -15.13 38.27
C GLY D 215 8.00 -14.87 39.59
N GLN D 216 6.73 -14.53 39.54
CA GLN D 216 6.00 -14.16 40.74
C GLN D 216 5.83 -15.33 41.68
N VAL D 217 5.93 -15.06 42.98
CA VAL D 217 5.66 -16.04 44.02
C VAL D 217 4.24 -15.80 44.51
N VAL D 218 3.35 -16.75 44.27
CA VAL D 218 1.92 -16.59 44.50
C VAL D 218 1.46 -17.58 45.54
N PRO D 219 0.85 -17.14 46.64
CA PRO D 219 0.21 -18.08 47.56
C PRO D 219 -0.96 -18.77 46.87
N VAL D 220 -1.05 -20.07 47.08
CA VAL D 220 -1.96 -20.94 46.37
C VAL D 220 -2.55 -22.01 47.28
N LYS D 221 -3.79 -22.39 47.00
CA LYS D 221 -4.48 -23.46 47.72
C LYS D 221 -4.53 -24.70 46.85
N ILE D 222 -4.19 -25.84 47.43
CA ILE D 222 -4.12 -27.08 46.67
C ILE D 222 -5.53 -27.64 46.50
N LEU D 223 -5.82 -28.12 45.30
CA LEU D 223 -7.13 -28.64 44.94
C LEU D 223 -7.10 -30.10 44.51
N GLY D 224 -6.07 -30.49 43.77
CA GLY D 224 -5.97 -31.85 43.28
C GLY D 224 -4.70 -32.00 42.48
N ALA D 225 -4.57 -33.15 41.81
CA ALA D 225 -3.39 -33.39 41.02
C ALA D 225 -3.66 -34.49 40.01
N PHE D 226 -2.92 -34.42 38.89
CA PHE D 226 -2.90 -35.48 37.90
C PHE D 226 -1.47 -35.71 37.47
N THR D 227 -1.22 -36.86 36.86
CA THR D 227 0.13 -37.31 36.56
C THR D 227 0.28 -37.71 35.10
N LEU D 228 1.46 -37.45 34.56
CA LEU D 228 1.85 -37.90 33.23
C LEU D 228 2.85 -39.03 33.41
N ILE D 229 2.64 -40.13 32.70
CA ILE D 229 3.55 -41.27 32.86
C ILE D 229 4.25 -41.60 31.56
N ASP D 230 5.34 -40.90 31.26
CA ASP D 230 6.24 -41.22 30.17
C ASP D 230 7.67 -41.08 30.67
N GLU D 231 8.57 -41.90 30.15
CA GLU D 231 8.23 -43.13 29.47
C GLU D 231 8.21 -44.17 30.57
N GLY D 232 9.03 -43.89 31.57
CA GLY D 232 9.22 -44.72 32.74
C GLY D 232 9.37 -43.84 33.95
N GLU D 233 8.88 -42.61 33.82
CA GLU D 233 8.96 -41.61 34.88
C GLU D 233 7.57 -41.11 35.25
N LEU D 234 7.42 -40.71 36.50
CA LEU D 234 6.19 -40.12 37.00
C LEU D 234 6.37 -38.60 37.03
N ASP D 235 5.53 -37.89 36.29
CA ASP D 235 5.55 -36.43 36.26
C ASP D 235 4.25 -35.92 36.90
N TRP D 236 4.34 -35.56 38.18
CA TRP D 236 3.16 -35.10 38.91
C TRP D 236 2.84 -33.67 38.52
N LYS D 237 1.54 -33.40 38.38
CA LYS D 237 1.06 -32.05 38.07
C LYS D 237 0.03 -31.66 39.12
N ILE D 238 0.35 -30.65 39.92
CA ILE D 238 -0.51 -30.21 41.01
C ILE D 238 -1.50 -29.17 40.49
N ILE D 239 -2.77 -29.35 40.85
CA ILE D 239 -3.82 -28.38 40.53
C ILE D 239 -4.10 -27.54 41.76
N ALA D 240 -4.01 -26.22 41.61
CA ALA D 240 -4.18 -25.30 42.73
C ALA D 240 -4.85 -24.03 42.21
N ILE D 241 -5.29 -23.17 43.13
CA ILE D 241 -6.03 -21.97 42.79
C ILE D 241 -5.41 -20.74 43.45
N ASN D 242 -5.37 -19.64 42.70
CA ASN D 242 -4.74 -18.39 43.14
C ASN D 242 -5.40 -17.83 44.39
N LYS D 243 -4.57 -17.30 45.29
CA LYS D 243 -5.05 -16.63 46.49
C LYS D 243 -6.05 -15.52 46.17
N GLU D 244 -5.77 -14.72 45.15
CA GLU D 244 -6.56 -13.53 44.85
C GLU D 244 -7.66 -13.82 43.84
N ASP D 245 -7.98 -15.07 43.57
CA ASP D 245 -9.06 -15.36 42.64
C ASP D 245 -10.41 -15.09 43.30
N LYS D 246 -11.39 -14.73 42.48
CA LYS D 246 -12.69 -14.32 43.02
C LYS D 246 -13.46 -15.49 43.63
N HIS D 247 -13.13 -16.72 43.25
CA HIS D 247 -13.78 -17.91 43.79
C HIS D 247 -12.78 -18.77 44.54
N TYR D 248 -11.87 -18.13 45.28
CA TYR D 248 -10.89 -18.87 46.07
C TYR D 248 -11.58 -19.64 47.19
N GLU D 249 -12.48 -18.98 47.90
CA GLU D 249 -13.16 -19.57 49.04
C GLU D 249 -14.32 -20.46 48.61
N ASP D 250 -14.83 -20.27 47.40
CA ASP D 250 -15.92 -21.07 46.88
C ASP D 250 -15.44 -22.38 46.26
N ILE D 251 -14.15 -22.50 46.00
CA ILE D 251 -13.54 -23.70 45.42
C ILE D 251 -12.64 -24.34 46.46
N ASN D 252 -12.91 -25.60 46.79
CA ASN D 252 -12.11 -26.34 47.76
C ASN D 252 -11.89 -27.79 47.35
N SER D 253 -12.31 -28.19 46.15
CA SER D 253 -12.05 -29.52 45.62
C SER D 253 -12.04 -29.45 44.10
N LEU D 254 -11.75 -30.59 43.46
CA LEU D 254 -11.72 -30.65 42.00
C LEU D 254 -13.11 -30.60 41.37
N SER D 255 -14.17 -30.96 42.09
CA SER D 255 -15.48 -31.06 41.48
C SER D 255 -16.30 -29.77 41.52
N ASP D 256 -15.93 -28.81 42.36
CA ASP D 256 -16.63 -27.53 42.36
C ASP D 256 -16.17 -26.62 41.23
N ILE D 257 -15.03 -26.91 40.61
CA ILE D 257 -14.49 -26.03 39.58
C ILE D 257 -15.44 -25.94 38.40
N GLU D 258 -16.02 -27.07 37.99
CA GLU D 258 -16.87 -27.07 36.80
C GLU D 258 -18.09 -26.16 36.94
N LYS D 259 -18.44 -25.76 38.16
CA LYS D 259 -19.55 -24.85 38.37
C LYS D 259 -19.11 -23.40 38.31
N TYR D 260 -17.83 -23.13 38.47
CA TYR D 260 -17.29 -21.78 38.42
C TYR D 260 -16.31 -21.57 37.27
N TYR D 261 -15.63 -22.63 36.82
CA TYR D 261 -14.75 -22.56 35.66
C TYR D 261 -14.98 -23.82 34.84
N PRO D 262 -16.10 -23.89 34.12
CA PRO D 262 -16.46 -25.14 33.44
C PRO D 262 -15.40 -25.53 32.42
N HIS D 263 -15.23 -26.84 32.26
CA HIS D 263 -14.39 -27.50 31.28
C HIS D 263 -12.90 -27.27 31.52
N THR D 264 -12.52 -26.53 32.56
CA THR D 264 -11.11 -26.31 32.83
C THR D 264 -10.39 -27.61 33.14
N LEU D 265 -11.07 -28.55 33.78
CA LEU D 265 -10.43 -29.79 34.18
C LEU D 265 -10.27 -30.74 33.00
N SER D 266 -11.29 -30.85 32.15
CA SER D 266 -11.17 -31.68 30.95
C SER D 266 -10.18 -31.08 29.97
N LEU D 267 -10.20 -29.76 29.81
CA LEU D 267 -9.24 -29.08 28.96
C LEU D 267 -7.81 -29.31 29.44
N LEU D 268 -7.61 -29.26 30.76
CA LEU D 268 -6.30 -29.46 31.34
C LEU D 268 -5.66 -30.76 30.88
N LEU D 269 -6.40 -31.87 30.96
CA LEU D 269 -5.87 -33.17 30.59
C LEU D 269 -5.48 -33.23 29.12
N GLU D 270 -6.34 -32.74 28.24
CA GLU D 270 -6.08 -32.86 26.81
C GLU D 270 -4.94 -31.96 26.36
N TRP D 271 -4.77 -30.80 26.99
CA TRP D 271 -3.64 -29.95 26.66
C TRP D 271 -2.33 -30.65 26.96
N PHE D 272 -2.18 -31.15 28.18
CA PHE D 272 -0.98 -31.89 28.55
C PHE D 272 -0.92 -33.24 27.85
N ARG D 273 -2.03 -33.72 27.32
CA ARG D 273 -2.01 -34.95 26.53
C ARG D 273 -1.37 -34.72 25.18
N SER D 274 -1.51 -33.51 24.62
CA SER D 274 -1.19 -33.23 23.24
C SER D 274 -0.15 -32.14 23.01
N TYR D 275 0.19 -31.33 24.03
CA TYR D 275 0.95 -30.11 23.78
C TYR D 275 2.30 -30.35 23.13
N LYS D 276 2.75 -31.60 23.02
CA LYS D 276 3.98 -31.95 22.32
C LYS D 276 3.75 -32.72 21.04
N ALA D 278 3.03 -32.29 18.09
CA ALA D 278 3.58 -31.83 16.82
C ALA D 278 5.02 -32.25 16.63
N ASP D 279 5.73 -32.59 17.71
CA ASP D 279 7.09 -33.09 17.63
C ASP D 279 7.18 -34.60 17.78
N THR D 280 6.48 -35.15 18.78
CA THR D 280 6.54 -36.57 19.09
C THR D 280 5.63 -37.41 18.22
N LYS D 281 4.62 -36.81 17.59
CA LYS D 281 3.61 -37.49 16.80
C LYS D 281 2.81 -38.50 17.60
N LYS D 282 2.87 -38.42 18.93
CA LYS D 282 2.13 -39.31 19.80
C LYS D 282 1.58 -38.55 20.99
N LEU D 283 0.46 -39.03 21.51
CA LEU D 283 -0.12 -38.47 22.73
C LEU D 283 0.65 -38.93 23.95
N ASN D 284 0.83 -38.03 24.90
CA ASN D 284 1.46 -38.37 26.16
C ASN D 284 0.50 -39.16 27.04
N LEU D 285 1.06 -39.96 27.94
CA LEU D 285 0.26 -40.82 28.79
C LEU D 285 -0.13 -40.10 30.06
N ILE D 286 -1.41 -40.19 30.42
CA ILE D 286 -1.96 -39.57 31.62
C ILE D 286 -2.77 -40.62 32.38
N SER D 287 -2.50 -40.74 33.68
CA SER D 287 -3.23 -41.68 34.51
C SER D 287 -4.70 -41.34 34.54
N LYS D 288 -5.55 -42.38 34.62
CA LYS D 288 -6.96 -42.11 34.45
C LYS D 288 -7.52 -41.59 35.78
N GLN D 289 -6.76 -41.74 36.88
CA GLN D 289 -7.19 -41.38 38.24
C GLN D 289 -6.57 -40.06 38.67
N LEU D 290 -7.41 -39.13 39.13
CA LEU D 290 -6.96 -37.84 39.64
C LEU D 290 -6.99 -37.87 41.16
N TYR D 291 -6.00 -37.26 41.78
CA TYR D 291 -5.92 -37.23 43.24
C TYR D 291 -6.73 -36.09 43.80
N ASP D 292 -7.32 -36.31 44.97
CA ASP D 292 -8.11 -35.30 45.65
C ASP D 292 -7.19 -34.34 46.38
N LYS D 293 -7.78 -33.44 47.17
CA LYS D 293 -7.01 -32.40 47.86
C LYS D 293 -6.07 -32.99 48.90
N LYS D 294 -6.52 -34.02 49.62
CA LYS D 294 -5.68 -34.56 50.68
C LYS D 294 -4.61 -35.49 50.11
N GLU D 295 -4.94 -36.20 49.04
CA GLU D 295 -3.95 -37.01 48.34
C GLU D 295 -2.92 -36.15 47.62
N SER D 296 -3.25 -34.91 47.29
CA SER D 296 -2.27 -34.03 46.69
C SER D 296 -1.33 -33.46 47.75
N GLU D 297 -1.88 -33.03 48.89
CA GLU D 297 -1.06 -32.49 49.97
C GLU D 297 -0.19 -33.57 50.61
N ASP D 298 -0.69 -34.80 50.72
CA ASP D 298 0.16 -35.87 51.21
C ASP D 298 1.21 -36.26 50.18
N LEU D 299 0.95 -35.98 48.90
CA LEU D 299 1.95 -36.16 47.87
C LEU D 299 3.05 -35.10 47.99
N ILE D 300 2.67 -33.84 48.24
CA ILE D 300 3.66 -32.78 48.36
C ILE D 300 4.61 -33.05 49.51
N LYS D 302 5.55 -35.68 51.19
CA LYS D 302 6.51 -36.75 50.97
C LYS D 302 7.61 -36.30 50.02
N THR D 303 7.26 -35.53 48.99
CA THR D 303 8.28 -35.01 48.09
C THR D 303 9.11 -33.93 48.76
N HIS D 304 8.57 -33.29 49.80
CA HIS D 304 9.38 -32.39 50.61
C HIS D 304 10.40 -33.19 51.40
N HIS D 305 9.99 -34.33 51.95
CA HIS D 305 10.93 -35.24 52.58
C HIS D 305 11.93 -35.78 51.57
N TYR D 306 11.49 -36.02 50.33
CA TYR D 306 12.43 -36.37 49.26
C TYR D 306 13.46 -35.27 49.09
N TYR D 307 13.03 -34.01 49.13
CA TYR D 307 13.96 -32.91 49.04
C TYR D 307 14.88 -32.86 50.25
N LEU D 308 14.34 -33.16 51.44
CA LEU D 308 15.12 -33.18 52.66
C LEU D 308 15.89 -34.48 52.83
N GLU D 309 15.77 -35.41 51.88
CA GLU D 309 16.62 -36.58 51.82
C GLU D 309 17.68 -36.45 50.74
N PHE D 310 17.36 -35.72 49.67
CA PHE D 310 18.35 -35.34 48.68
C PHE D 310 19.36 -34.38 49.27
N ARG D 311 18.87 -33.39 50.00
CA ARG D 311 19.74 -32.34 50.51
C ARG D 311 20.75 -32.86 51.53
N GLU D 312 20.36 -33.87 52.32
CA GLU D 312 21.31 -34.51 53.22
C GLU D 312 22.25 -35.44 52.48
N ASP D 313 21.73 -36.24 51.55
CA ASP D 313 22.57 -37.19 50.82
C ASP D 313 23.70 -36.49 50.09
N VAL D 314 23.51 -35.22 49.71
CA VAL D 314 24.59 -34.53 49.03
C VAL D 314 25.64 -34.11 50.06
N LYS D 315 25.20 -33.75 51.26
CA LYS D 315 26.13 -33.40 52.33
C LYS D 315 26.80 -34.64 52.91
N LYS D 316 26.01 -35.71 53.12
CA LYS D 316 26.56 -36.99 53.56
C LYS D 316 27.55 -37.58 52.57
N LEU D 317 27.49 -37.21 51.31
CA LEU D 317 28.31 -37.87 50.30
C LEU D 317 29.76 -37.44 50.33
N LYS D 318 30.12 -36.39 51.08
CA LYS D 318 31.50 -35.94 51.16
C LYS D 318 32.11 -36.09 52.56
N GLU D 319 31.41 -36.76 53.49
CA GLU D 319 32.08 -37.08 54.75
C GLU D 319 32.94 -38.33 54.66
N GLU D 320 32.60 -39.25 53.76
CA GLU D 320 33.38 -40.48 53.44
C GLU D 320 34.71 -40.67 54.17
N GLU D 353 -1.76 -50.03 20.78
CA GLU D 353 -1.97 -48.79 21.51
C GLU D 353 -1.54 -48.92 22.96
N ASN D 354 -1.29 -47.78 23.63
CA ASN D 354 -1.10 -47.76 25.07
C ASN D 354 -2.52 -47.81 25.66
N ASN D 355 -3.08 -49.01 25.62
CA ASN D 355 -4.51 -49.19 25.88
C ASN D 355 -4.89 -48.81 27.29
N LEU D 356 -4.13 -49.28 28.29
CA LEU D 356 -4.44 -48.96 29.67
C LEU D 356 -3.18 -48.91 30.53
N LEU D 357 -2.12 -48.30 30.01
CA LEU D 357 -1.09 -47.82 30.93
C LEU D 357 -1.65 -46.69 31.76
N GLU D 358 -2.79 -46.16 31.34
CA GLU D 358 -3.55 -45.13 32.02
C GLU D 358 -4.39 -45.69 33.17
N ASP D 359 -4.78 -46.96 33.10
CA ASP D 359 -5.59 -47.56 34.14
C ASP D 359 -4.79 -47.86 35.40
N ILE D 360 -3.47 -48.02 35.26
CA ILE D 360 -2.63 -48.44 36.36
C ILE D 360 -2.76 -47.51 37.54
N ASN D 361 -2.63 -48.02 38.77
CA ASN D 361 -2.63 -47.15 39.93
C ASN D 361 -1.24 -47.39 40.44
N ILE D 362 -0.46 -46.36 40.56
CA ILE D 362 0.92 -46.53 40.95
C ILE D 362 1.18 -46.46 42.43
N THR D 363 1.99 -47.42 42.89
CA THR D 363 2.39 -47.52 44.28
C THR D 363 3.88 -47.66 44.36
N TYR D 364 4.39 -47.33 45.53
CA TYR D 364 5.79 -47.33 45.90
C TYR D 364 6.37 -48.71 45.91
N TYR D 365 7.67 -48.81 45.73
CA TYR D 365 8.31 -50.08 45.68
C TYR D 365 9.48 -50.20 46.63
N LYS D 366 10.65 -49.81 46.15
CA LYS D 366 11.85 -49.90 46.93
C LYS D 366 12.45 -48.55 46.83
N SER D 367 13.33 -48.24 47.74
CA SER D 367 14.02 -47.01 47.72
C SER D 367 15.41 -47.51 47.84
N ASP D 368 15.96 -48.00 46.74
CA ASP D 368 17.29 -48.53 46.78
C ASP D 368 18.21 -47.47 47.28
N SER D 369 19.13 -47.85 48.14
CA SER D 369 20.10 -46.95 48.70
C SER D 369 21.36 -46.95 47.88
N ALA D 370 21.22 -47.46 46.69
CA ALA D 370 22.27 -47.59 45.73
C ALA D 370 22.19 -46.49 44.71
N TYR D 371 21.57 -45.37 45.06
CA TYR D 371 21.41 -44.26 44.14
C TYR D 371 22.36 -43.15 44.56
N LYS D 372 23.04 -42.56 43.57
CA LYS D 372 23.96 -41.48 43.87
C LYS D 372 23.36 -40.17 43.40
N PRO D 373 23.22 -39.18 44.28
CA PRO D 373 22.60 -37.91 43.87
C PRO D 373 23.43 -37.19 42.83
N ASP D 374 22.76 -36.33 42.05
CA ASP D 374 23.42 -35.57 41.00
C ASP D 374 24.19 -34.42 41.63
N LEU D 375 25.52 -34.45 41.52
CA LEU D 375 26.33 -33.36 42.05
C LEU D 375 26.36 -32.16 41.12
N ASN D 376 25.67 -32.22 39.99
CA ASN D 376 25.54 -31.05 39.12
C ASN D 376 24.43 -30.14 39.61
N ILE D 377 23.44 -30.70 40.31
CA ILE D 377 22.38 -29.89 40.88
C ILE D 377 23.00 -29.02 41.95
N TRP D 378 22.84 -27.70 41.80
CA TRP D 378 23.46 -26.79 42.75
C TRP D 378 22.79 -26.86 44.10
N THR D 379 23.59 -27.05 45.15
CA THR D 379 23.14 -27.03 46.53
C THR D 379 24.08 -26.15 47.32
N PRO D 380 23.56 -25.23 48.15
CA PRO D 380 24.42 -24.28 48.88
C PRO D 380 25.27 -24.92 49.95
N TYR E 36 -46.03 -10.47 29.97
CA TYR E 36 -46.78 -10.45 31.22
C TYR E 36 -45.85 -10.24 32.41
N PHE E 37 -44.58 -10.61 32.23
CA PHE E 37 -43.54 -10.43 33.22
C PHE E 37 -42.21 -10.92 32.66
N ILE E 38 -41.14 -10.15 32.86
CA ILE E 38 -39.81 -10.62 32.53
C ILE E 38 -39.26 -11.33 33.74
N GLU E 39 -38.77 -12.54 33.53
CA GLU E 39 -38.30 -13.37 34.61
C GLU E 39 -36.81 -13.16 34.81
N THR E 40 -36.40 -12.74 35.99
CA THR E 40 -35.01 -12.60 36.35
C THR E 40 -34.92 -13.78 37.19
N ASN E 41 -33.92 -14.60 37.10
CA ASN E 41 -34.06 -15.83 37.80
C ASN E 41 -33.78 -15.57 39.24
N LYS E 42 -34.60 -14.71 39.81
CA LYS E 42 -34.45 -14.23 41.14
C LYS E 42 -35.82 -14.15 41.71
N GLU E 43 -35.96 -14.00 43.01
CA GLU E 43 -37.28 -14.00 43.61
C GLU E 43 -38.07 -12.75 43.31
N LEU E 44 -37.41 -11.62 43.07
CA LEU E 44 -38.11 -10.39 42.70
C LEU E 44 -38.39 -10.39 41.21
N LYS E 45 -39.64 -10.18 40.84
CA LYS E 45 -40.07 -10.21 39.45
C LYS E 45 -40.36 -8.80 38.96
N ILE E 46 -40.69 -8.70 37.68
CA ILE E 46 -40.97 -7.42 37.02
C ILE E 46 -42.35 -7.55 36.38
N ASN E 47 -43.27 -6.65 36.75
CA ASN E 47 -44.64 -6.78 36.30
C ASN E 47 -44.78 -6.58 34.79
N LEU E 48 -44.07 -5.61 34.23
CA LEU E 48 -44.10 -5.34 32.80
C LEU E 48 -45.50 -5.02 32.29
N ASN E 49 -46.10 -3.98 32.85
CA ASN E 49 -47.30 -3.38 32.32
C ASN E 49 -46.94 -1.98 31.85
N PHE E 50 -47.32 -1.64 30.63
CA PHE E 50 -46.89 -0.39 30.03
C PHE E 50 -47.91 0.72 30.20
N GLN E 51 -48.97 0.50 30.97
CA GLN E 51 -49.96 1.52 31.22
C GLN E 51 -49.75 2.23 32.55
N ASN E 52 -48.90 1.68 33.42
CA ASN E 52 -48.65 2.26 34.73
C ASN E 52 -47.37 3.09 34.77
N ASN E 53 -46.58 3.08 33.72
CA ASN E 53 -45.30 3.78 33.66
C ASN E 53 -45.31 4.79 32.53
N ASN E 54 -44.22 5.54 32.42
CA ASN E 54 -44.10 6.62 31.44
C ASN E 54 -43.12 6.29 30.32
N ILE E 55 -42.91 5.00 30.03
CA ILE E 55 -41.99 4.63 28.97
C ILE E 55 -42.53 5.05 27.62
N ILE E 56 -43.76 4.68 27.30
CA ILE E 56 -44.37 5.05 26.03
C ILE E 56 -44.40 6.56 25.86
N SER E 57 -44.71 7.29 26.93
CA SER E 57 -44.68 8.74 26.87
C SER E 57 -43.27 9.24 26.62
N ASN E 58 -42.29 8.66 27.32
CA ASN E 58 -40.91 9.09 27.17
C ASN E 58 -40.44 8.98 25.72
N ILE E 59 -40.80 7.90 25.04
CA ILE E 59 -40.23 7.58 23.74
C ILE E 59 -40.98 8.28 22.61
N PHE E 60 -42.31 8.23 22.62
CA PHE E 60 -43.07 8.61 21.45
C PHE E 60 -43.74 9.98 21.57
N SER E 61 -43.77 10.59 22.75
CA SER E 61 -44.48 11.86 22.87
C SER E 61 -43.74 13.00 22.21
N ASN E 62 -42.54 12.74 21.68
CA ASN E 62 -41.77 13.75 20.97
C ASN E 62 -41.55 13.37 19.52
N ILE E 63 -42.38 12.47 18.99
CA ILE E 63 -42.29 12.12 17.57
C ILE E 63 -42.73 13.30 16.73
N ASN E 64 -42.07 13.50 15.60
CA ASN E 64 -42.36 14.63 14.70
C ASN E 64 -42.33 14.09 13.29
N ILE E 65 -43.50 13.96 12.68
CA ILE E 65 -43.65 13.37 11.36
C ILE E 65 -44.48 14.31 10.49
N TYR E 66 -44.49 14.01 9.19
CA TYR E 66 -45.37 14.72 8.26
C TYR E 66 -46.82 14.34 8.49
N ASP E 67 -47.71 15.20 8.02
CA ASP E 67 -49.13 15.05 8.33
C ASP E 67 -49.74 13.84 7.67
N LYS E 68 -49.46 13.62 6.39
CA LYS E 68 -50.16 12.63 5.60
C LYS E 68 -49.21 11.56 5.07
N ILE E 69 -49.80 10.50 4.49
CA ILE E 69 -49.03 9.38 3.98
C ILE E 69 -48.10 9.82 2.86
N SER E 70 -48.63 10.54 1.89
CA SER E 70 -47.89 11.07 0.76
C SER E 70 -47.70 12.56 0.96
N ASN E 71 -46.44 13.00 1.02
CA ASN E 71 -46.10 14.37 1.35
C ASN E 71 -45.21 14.97 0.27
N ILE E 72 -45.59 16.14 -0.23
CA ILE E 72 -44.87 16.81 -1.31
C ILE E 72 -44.08 17.97 -0.72
N PHE E 73 -42.82 18.08 -1.12
CA PHE E 73 -41.97 19.19 -0.71
C PHE E 73 -41.18 19.67 -1.91
N ILE E 74 -40.60 20.86 -1.77
CA ILE E 74 -39.85 21.51 -2.84
C ILE E 74 -38.44 21.78 -2.31
N ASN E 75 -37.43 21.19 -2.94
CA ASN E 75 -36.05 21.43 -2.56
C ASN E 75 -35.26 21.78 -3.82
N ASN E 76 -34.51 22.87 -3.75
CA ASN E 76 -33.63 23.33 -4.81
C ASN E 76 -34.35 23.44 -6.15
N LYS E 77 -35.44 24.20 -6.15
CA LYS E 77 -36.19 24.54 -7.34
C LYS E 77 -36.77 23.32 -8.03
N LYS E 78 -36.83 22.19 -7.33
CA LYS E 78 -37.35 20.94 -7.83
C LYS E 78 -38.46 20.46 -6.91
N THR E 79 -39.30 19.56 -7.40
CA THR E 79 -40.46 19.10 -6.65
C THR E 79 -40.33 17.62 -6.40
N TYR E 80 -40.38 17.23 -5.13
CA TYR E 80 -40.21 15.86 -4.68
C TYR E 80 -41.43 15.43 -3.89
N LEU E 82 -42.62 12.70 -0.56
CA LEU E 82 -42.21 11.89 0.57
C LEU E 82 -43.37 10.97 0.92
N LYS E 83 -43.10 9.67 1.04
CA LYS E 83 -44.13 8.66 1.23
C LYS E 83 -43.84 7.79 2.44
N TYR E 84 -44.63 7.95 3.49
CA TYR E 84 -44.51 7.10 4.68
C TYR E 84 -45.24 5.80 4.36
N ASN E 85 -44.52 4.72 4.21
CA ASN E 85 -45.11 3.46 3.89
C ASN E 85 -45.29 2.54 5.06
N ASN E 86 -46.48 2.05 5.32
CA ASN E 86 -46.73 1.12 6.39
C ASN E 86 -46.59 1.83 7.68
N ASN E 87 -46.76 1.15 8.80
CA ASN E 87 -46.74 1.76 10.13
C ASN E 87 -45.50 1.61 10.93
N ILE E 88 -45.28 2.50 11.86
CA ILE E 88 -44.07 2.39 12.60
C ILE E 88 -44.04 1.21 13.48
N ASN E 89 -42.88 0.64 13.63
CA ASN E 89 -42.76 -0.50 14.43
C ASN E 89 -43.37 -1.65 13.81
N GLU E 90 -43.58 -1.62 12.53
CA GLU E 90 -43.91 -2.82 11.87
C GLU E 90 -42.61 -3.02 11.14
N GLU E 91 -42.30 -4.24 10.87
CA GLU E 91 -41.02 -4.66 10.32
C GLU E 91 -40.91 -4.32 8.84
N ASN E 92 -41.97 -3.81 8.24
CA ASN E 92 -41.92 -3.32 6.87
C ASN E 92 -42.48 -1.91 6.78
N PHE E 93 -41.93 -1.02 7.59
CA PHE E 93 -42.14 0.42 7.45
C PHE E 93 -40.94 0.98 6.74
N PHE E 94 -41.17 1.81 5.72
CA PHE E 94 -40.07 2.42 5.00
C PHE E 94 -40.51 3.76 4.45
N ILE E 95 -39.53 4.60 4.15
CA ILE E 95 -39.77 5.95 3.66
C ILE E 95 -39.23 6.02 2.23
N SER E 96 -40.13 6.15 1.26
CA SER E 96 -39.77 6.24 -0.15
C SER E 96 -39.84 7.68 -0.63
N TYR E 97 -38.96 8.03 -1.56
CA TYR E 97 -38.84 9.38 -2.09
C TYR E 97 -39.08 9.37 -3.59
N PHE E 98 -39.73 10.41 -4.11
CA PHE E 98 -40.04 10.51 -5.52
C PHE E 98 -39.67 11.90 -6.02
N GLU E 99 -39.47 12.01 -7.33
CA GLU E 99 -39.14 13.26 -7.99
C GLU E 99 -40.08 13.48 -9.16
N LYS E 100 -40.35 14.74 -9.48
CA LYS E 100 -41.27 15.07 -10.56
C LYS E 100 -40.50 15.03 -11.87
N LYS E 101 -40.61 13.99 -12.63
CA LYS E 101 -39.98 14.13 -13.91
C LYS E 101 -41.10 14.17 -14.86
N ASP E 102 -41.37 15.34 -15.41
CA ASP E 102 -42.37 15.54 -16.45
C ASP E 102 -43.77 14.96 -16.31
N ASP E 103 -44.52 15.36 -15.32
CA ASP E 103 -45.92 14.95 -15.27
C ASP E 103 -46.16 13.63 -14.67
N ASN E 104 -45.11 13.05 -14.17
CA ASN E 104 -45.23 11.86 -13.34
C ASN E 104 -44.21 11.92 -12.21
N PHE E 105 -44.47 11.15 -11.16
CA PHE E 105 -43.60 11.09 -9.99
C PHE E 105 -42.81 9.79 -10.11
N VAL E 106 -41.51 9.90 -10.31
CA VAL E 106 -40.67 8.73 -10.54
C VAL E 106 -39.96 8.35 -9.24
N PRO E 107 -39.70 7.08 -9.00
CA PRO E 107 -38.98 6.70 -7.79
C PRO E 107 -37.53 7.16 -7.84
N ILE E 108 -37.04 7.66 -6.70
CA ILE E 108 -35.67 8.13 -6.56
C ILE E 108 -35.13 7.67 -5.22
N SER E 109 -33.82 7.61 -5.14
CA SER E 109 -33.11 7.29 -3.91
C SER E 109 -32.61 8.56 -3.26
N PRO E 110 -32.80 8.71 -1.95
CA PRO E 110 -32.27 9.91 -1.29
C PRO E 110 -30.76 9.94 -1.22
N TRP E 111 -30.10 8.80 -1.35
CA TRP E 111 -28.65 8.75 -1.34
C TRP E 111 -28.08 9.16 -2.68
N HIS E 112 -28.70 8.75 -3.78
CA HIS E 112 -28.17 9.02 -5.10
C HIS E 112 -28.74 10.28 -5.73
N HIS E 113 -30.05 10.51 -5.62
CA HIS E 113 -30.75 11.43 -6.50
C HIS E 113 -31.13 12.78 -5.89
N ILE E 114 -30.97 12.97 -4.59
CA ILE E 114 -31.20 14.28 -4.00
C ILE E 114 -29.89 15.04 -3.97
N ASP E 115 -29.94 16.32 -4.33
CA ASP E 115 -28.72 17.10 -4.49
C ASP E 115 -28.00 17.24 -3.17
N LEU E 116 -26.71 16.93 -3.17
CA LEU E 116 -25.90 17.03 -1.96
C LEU E 116 -25.74 18.48 -1.55
N LYS E 117 -25.29 19.33 -2.46
CA LYS E 117 -25.03 20.74 -2.19
C LYS E 117 -25.94 21.57 -3.09
N ASN E 118 -26.63 22.54 -2.50
CA ASN E 118 -27.60 23.35 -3.22
C ASN E 118 -26.95 24.53 -3.92
N ASP E 119 -27.74 25.25 -4.71
CA ASP E 119 -27.25 26.38 -5.48
C ASP E 119 -26.97 27.60 -4.62
N ASP E 120 -27.58 27.71 -3.45
CA ASP E 120 -27.25 28.80 -2.54
C ASP E 120 -25.93 28.60 -1.85
N GLY E 121 -25.36 27.40 -1.92
CA GLY E 121 -24.15 27.05 -1.21
C GLY E 121 -24.36 26.17 0.00
N THR E 122 -25.61 25.88 0.36
CA THR E 122 -25.93 25.02 1.48
C THR E 122 -25.93 23.56 1.06
N TYR E 123 -25.84 22.69 2.05
CA TYR E 123 -25.91 21.25 1.86
C TYR E 123 -27.25 20.74 2.35
N ASN E 124 -27.66 19.60 1.82
CA ASN E 124 -28.93 19.00 2.19
C ASN E 124 -28.70 17.88 3.20
N ILE E 126 -30.68 14.80 5.23
CA ILE E 126 -31.86 13.94 5.20
C ILE E 126 -32.10 13.45 6.62
N VAL E 127 -33.11 14.00 7.29
CA VAL E 127 -33.35 13.71 8.70
C VAL E 127 -33.78 12.27 8.84
N GLU E 128 -33.02 11.49 9.60
CA GLU E 128 -33.38 10.12 9.92
C GLU E 128 -33.85 9.94 11.36
N ILE E 129 -33.40 10.79 12.28
CA ILE E 129 -33.83 10.77 13.66
C ILE E 129 -34.16 12.18 14.08
N THR E 130 -35.42 12.42 14.42
CA THR E 130 -35.85 13.72 14.93
C THR E 130 -35.30 13.97 16.33
N LYS E 131 -35.11 15.24 16.65
CA LYS E 131 -34.75 15.67 18.00
C LYS E 131 -35.64 15.00 19.04
N TYR E 132 -35.04 14.60 20.16
CA TYR E 132 -35.68 14.02 21.33
C TYR E 132 -36.19 12.61 21.11
N ASN E 133 -36.02 12.03 19.92
CA ASN E 133 -36.56 10.71 19.61
C ASN E 133 -35.52 9.62 19.82
N TYR E 134 -35.99 8.37 19.73
CA TYR E 134 -35.18 7.19 19.97
C TYR E 134 -35.07 6.26 18.76
N ILE E 135 -36.02 6.29 17.84
CA ILE E 135 -36.10 5.29 16.78
C ILE E 135 -34.89 5.42 15.86
N LYS E 136 -34.14 4.34 15.74
CA LYS E 136 -32.94 4.31 14.90
C LYS E 136 -33.35 3.99 13.46
N LEU E 137 -33.72 5.02 12.72
CA LEU E 137 -33.92 4.89 11.29
C LEU E 137 -32.63 5.23 10.56
N GLU E 138 -32.40 4.56 9.43
CA GLU E 138 -31.23 4.81 8.62
C GLU E 138 -31.53 4.49 7.17
N ILE E 139 -30.83 5.16 6.26
CA ILE E 139 -30.91 4.85 4.84
C ILE E 139 -30.32 3.47 4.60
N GLN E 140 -31.12 2.56 4.06
CA GLN E 140 -30.68 1.21 3.78
C GLN E 140 -30.01 1.19 2.41
N LEU E 141 -28.69 1.04 2.40
CA LEU E 141 -27.96 1.05 1.14
C LEU E 141 -28.27 -0.19 0.33
N ARG E 142 -28.60 -1.29 0.98
CA ARG E 142 -28.84 -2.57 0.34
C ARG E 142 -30.31 -2.83 0.05
N GLU E 143 -31.15 -1.81 0.16
CA GLU E 143 -32.56 -1.89 -0.13
C GLU E 143 -32.86 -1.08 -1.38
N LYS E 144 -33.85 -1.52 -2.15
CA LYS E 144 -34.13 -0.92 -3.44
C LYS E 144 -34.52 0.54 -3.28
N PHE E 145 -33.90 1.41 -4.07
CA PHE E 145 -34.05 2.86 -4.02
C PHE E 145 -33.62 3.45 -2.70
N ASN E 146 -32.84 2.71 -1.91
CA ASN E 146 -32.28 3.19 -0.66
C ASN E 146 -33.34 3.83 0.22
N VAL E 147 -34.46 3.13 0.42
CA VAL E 147 -35.50 3.64 1.28
C VAL E 147 -35.01 3.68 2.72
N ILE E 148 -35.66 4.49 3.53
CA ILE E 148 -35.31 4.62 4.94
C ILE E 148 -36.12 3.59 5.71
N LYS E 149 -35.44 2.64 6.34
CA LYS E 149 -36.07 1.62 7.15
C LYS E 149 -35.47 1.66 8.55
N GLN E 150 -36.15 1.00 9.49
CA GLN E 150 -35.66 0.95 10.86
C GLN E 150 -34.57 -0.09 10.99
N ASP E 151 -33.52 0.26 11.73
CA ASP E 151 -32.42 -0.65 11.97
C ASP E 151 -32.89 -1.84 12.78
N LYS E 152 -32.12 -2.92 12.72
CA LYS E 152 -32.49 -4.19 13.35
C LYS E 152 -31.28 -4.75 14.07
N LYS E 153 -31.40 -4.92 15.38
CA LYS E 153 -30.36 -5.50 16.21
C LYS E 153 -30.87 -6.80 16.80
N LYS E 154 -30.06 -7.85 16.73
CA LYS E 154 -30.38 -9.15 17.31
C LYS E 154 -31.69 -9.70 16.76
N GLY E 155 -32.10 -9.27 15.57
CA GLY E 155 -33.37 -9.68 15.04
C GLY E 155 -34.52 -8.82 15.49
N LYS E 156 -34.27 -7.80 16.31
CA LYS E 156 -35.29 -6.94 16.86
C LYS E 156 -35.10 -5.51 16.38
N LEU E 157 -36.20 -4.78 16.26
CA LEU E 157 -36.14 -3.41 15.78
C LEU E 157 -35.37 -2.55 16.77
N ARG E 158 -34.40 -1.79 16.29
CA ARG E 158 -33.46 -1.10 17.17
C ARG E 158 -34.02 0.23 17.63
N TYR E 159 -33.92 0.47 18.94
CA TYR E 159 -34.19 1.76 19.55
C TYR E 159 -32.96 2.23 20.30
N TYR E 160 -32.73 3.54 20.30
CA TYR E 160 -31.62 4.11 21.04
C TYR E 160 -31.83 3.91 22.55
N HIS E 161 -30.73 3.92 23.28
CA HIS E 161 -30.79 3.83 24.73
C HIS E 161 -31.18 5.16 25.34
N ASN E 162 -30.69 6.26 24.78
CA ASN E 162 -30.98 7.59 25.27
C ASN E 162 -31.69 8.38 24.18
N SER E 163 -32.38 9.44 24.59
CA SER E 163 -33.03 10.34 23.64
C SER E 163 -31.96 11.22 23.02
N ILE E 164 -31.85 11.20 21.70
CA ILE E 164 -30.90 12.07 21.03
C ILE E 164 -31.40 13.49 21.07
N TYR E 165 -30.49 14.44 21.21
CA TYR E 165 -30.86 15.83 21.46
C TYR E 165 -30.64 16.70 20.24
N TRP E 166 -30.47 16.10 19.07
CA TRP E 166 -30.25 16.85 17.84
C TRP E 166 -30.89 16.11 16.68
N ASN E 167 -31.21 16.84 15.63
CA ASN E 167 -31.73 16.21 14.42
C ASN E 167 -30.60 15.51 13.70
N TYR E 168 -30.80 14.25 13.34
CA TYR E 168 -29.71 13.38 12.91
C TYR E 168 -30.06 12.71 11.60
N GLY E 169 -29.11 12.67 10.68
CA GLY E 169 -29.32 12.12 9.37
C GLY E 169 -28.06 11.88 8.58
N ALA E 170 -28.15 11.91 7.25
CA ALA E 170 -27.03 11.64 6.37
C ALA E 170 -27.07 12.60 5.20
N LEU E 171 -25.91 12.81 4.60
CA LEU E 171 -25.74 13.64 3.41
C LEU E 171 -25.88 12.77 2.16
N PRO E 172 -26.57 13.25 1.14
CA PRO E 172 -26.70 12.46 -0.09
C PRO E 172 -25.40 12.45 -0.86
N GLN E 173 -25.26 11.46 -1.73
CA GLN E 173 -24.12 11.37 -2.63
C GLN E 173 -22.79 11.47 -1.87
N THR E 174 -22.73 10.84 -0.71
CA THR E 174 -21.50 10.73 0.07
C THR E 174 -21.31 9.28 0.48
N TYR E 175 -20.06 8.89 0.71
CA TYR E 175 -19.75 7.49 0.97
C TYR E 175 -18.37 7.41 1.60
N GLU E 176 -18.29 6.83 2.79
CA GLU E 176 -17.01 6.55 3.42
C GLU E 176 -16.47 5.23 2.85
N TYR E 177 -16.00 5.31 1.62
CA TYR E 177 -15.57 4.17 0.82
C TYR E 177 -14.42 3.46 1.51
N PRO E 178 -14.60 2.22 1.95
CA PRO E 178 -13.52 1.51 2.64
C PRO E 178 -12.36 1.12 1.76
N LYS E 179 -12.41 1.37 0.46
CA LYS E 179 -11.26 1.11 -0.38
C LYS E 179 -10.09 2.00 -0.01
N HIS E 180 -10.36 3.21 0.47
CA HIS E 180 -9.32 4.16 0.81
C HIS E 180 -8.94 4.00 2.28
N ILE E 181 -7.63 3.95 2.55
CA ILE E 181 -7.10 3.66 3.86
C ILE E 181 -6.40 4.89 4.43
N TYR E 182 -6.60 5.14 5.71
CA TYR E 182 -5.98 6.24 6.43
C TYR E 182 -5.05 5.65 7.49
N GLN E 183 -4.09 6.45 7.94
CA GLN E 183 -3.07 5.92 8.82
C GLN E 183 -2.65 6.94 9.87
N ASN E 184 -1.82 6.47 10.79
CA ASN E 184 -1.17 7.29 11.81
C ASN E 184 0.10 6.57 12.23
N LYS E 185 1.24 7.25 12.14
CA LYS E 185 2.48 6.68 12.67
C LYS E 185 3.30 7.72 13.44
N GLU E 191 4.78 -0.46 14.44
CA GLU E 191 4.56 0.17 13.15
C GLU E 191 3.23 0.91 13.13
N ALA E 192 2.87 1.44 11.96
CA ALA E 192 1.73 2.34 11.87
C ALA E 192 0.42 1.61 12.11
N LEU E 193 -0.62 2.39 12.39
CA LEU E 193 -1.96 1.88 12.60
C LEU E 193 -2.84 2.32 11.44
N LEU E 194 -3.69 1.42 10.95
CA LEU E 194 -4.47 1.66 9.75
C LEU E 194 -5.95 1.82 10.11
N PHE E 195 -6.63 2.69 9.36
CA PHE E 195 -8.03 3.00 9.58
C PHE E 195 -8.73 3.08 8.24
N THR E 196 -10.02 2.73 8.22
CA THR E 196 -10.83 2.81 7.02
C THR E 196 -12.13 3.56 7.31
N GLY E 197 -13.08 3.50 6.39
CA GLY E 197 -14.29 4.28 6.50
C GLY E 197 -15.47 3.54 7.12
N ASP E 198 -16.54 4.29 7.36
CA ASP E 198 -17.74 3.77 8.00
C ASP E 198 -18.49 2.80 7.10
N ASN E 199 -18.25 2.84 5.80
CA ASN E 199 -19.00 2.08 4.78
C ASN E 199 -20.45 2.54 4.70
N ASP E 200 -20.75 3.73 5.21
CA ASP E 200 -22.04 4.36 5.15
C ASP E 200 -21.87 5.82 4.73
N PRO E 201 -22.94 6.47 4.28
CA PRO E 201 -22.85 7.90 3.94
C PRO E 201 -22.48 8.74 5.15
N LEU E 202 -22.04 9.96 4.89
CA LEU E 202 -21.52 10.82 5.93
C LEU E 202 -22.63 11.22 6.88
N ASP E 203 -22.40 11.06 8.18
CA ASP E 203 -23.38 11.42 9.19
C ASP E 203 -23.30 12.92 9.48
N ILE E 204 -24.45 13.53 9.76
CA ILE E 204 -24.53 14.97 9.95
C ILE E 204 -25.55 15.28 11.02
N LEU E 205 -25.28 16.31 11.82
CA LEU E 205 -26.07 16.69 12.98
C LEU E 205 -26.53 18.13 12.84
N ASP E 206 -27.77 18.41 13.22
CA ASP E 206 -28.30 19.77 13.22
C ASP E 206 -28.37 20.25 14.66
N ILE E 207 -27.60 21.27 14.98
CA ILE E 207 -27.59 21.87 16.30
C ILE E 207 -28.70 22.89 16.40
N GLY E 208 -29.56 22.94 15.40
CA GLY E 208 -30.69 23.85 15.43
C GLY E 208 -31.66 23.52 16.56
N SER E 209 -32.36 24.56 17.02
CA SER E 209 -33.34 24.36 18.09
C SER E 209 -34.54 23.56 17.62
N ALA E 210 -35.08 23.89 16.45
CA ALA E 210 -36.35 23.34 16.03
C ALA E 210 -36.28 21.85 15.75
N CYS E 211 -37.31 21.12 16.17
CA CYS E 211 -37.44 19.71 15.84
C CYS E 211 -37.89 19.57 14.39
N LEU E 212 -37.12 18.84 13.59
CA LEU E 212 -37.46 18.59 12.20
C LEU E 212 -38.37 17.38 12.09
N LYS E 213 -38.67 16.95 10.88
CA LYS E 213 -39.58 15.85 10.64
C LYS E 213 -38.79 14.64 10.14
N ILE E 214 -39.32 13.45 10.43
CA ILE E 214 -38.68 12.22 10.00
C ILE E 214 -38.67 12.17 8.48
N GLY E 215 -37.50 12.03 7.91
CA GLY E 215 -37.37 11.96 6.48
C GLY E 215 -37.23 13.29 5.80
N GLN E 216 -37.36 14.38 6.54
CA GLN E 216 -37.35 15.71 5.95
C GLN E 216 -35.99 16.01 5.35
N VAL E 217 -35.99 16.69 4.21
CA VAL E 217 -34.77 17.13 3.56
C VAL E 217 -34.57 18.58 3.96
N VAL E 218 -33.50 18.85 4.71
CA VAL E 218 -33.28 20.14 5.35
C VAL E 218 -32.00 20.75 4.84
N PRO E 219 -32.03 21.92 4.21
CA PRO E 219 -30.79 22.63 3.92
C PRO E 219 -30.10 23.12 5.17
N VAL E 220 -28.79 22.94 5.24
CA VAL E 220 -28.00 23.21 6.44
C VAL E 220 -26.67 23.83 6.04
N LYS E 221 -26.12 24.63 6.93
CA LYS E 221 -24.80 25.23 6.76
C LYS E 221 -23.78 24.46 7.58
N ILE E 222 -22.65 24.14 6.98
CA ILE E 222 -21.66 23.31 7.64
C ILE E 222 -20.88 24.15 8.63
N LEU E 223 -20.63 23.59 9.81
CA LEU E 223 -19.97 24.29 10.90
C LEU E 223 -18.70 23.59 11.34
N GLY E 224 -18.69 22.27 11.38
CA GLY E 224 -17.51 21.54 11.83
C GLY E 224 -17.76 20.06 11.79
N ALA E 225 -16.83 19.30 12.37
CA ALA E 225 -16.96 17.86 12.41
C ALA E 225 -16.07 17.30 13.51
N PHE E 226 -16.45 16.12 14.01
CA PHE E 226 -15.65 15.36 14.96
C PHE E 226 -15.66 13.91 14.52
N THR E 227 -14.76 13.11 15.09
CA THR E 227 -14.51 11.76 14.61
C THR E 227 -14.65 10.74 15.73
N LEU E 228 -15.26 9.61 15.41
CA LEU E 228 -15.36 8.44 16.28
C LEU E 228 -14.53 7.32 15.70
N ILE E 229 -13.77 6.65 16.54
CA ILE E 229 -12.88 5.57 16.16
C ILE E 229 -13.21 4.24 16.83
N ASP E 230 -13.40 3.19 16.08
CA ASP E 230 -13.79 1.94 16.69
C ASP E 230 -13.42 0.83 15.83
N GLU E 231 -13.22 -0.34 16.38
CA GLU E 231 -12.78 -1.38 15.52
C GLU E 231 -11.68 -0.55 14.98
N GLY E 232 -11.44 -0.58 13.70
CA GLY E 232 -10.44 0.33 13.25
C GLY E 232 -11.03 1.04 12.11
N GLU E 233 -12.10 1.77 12.37
CA GLU E 233 -12.82 2.55 11.37
C GLU E 233 -12.99 3.98 11.83
N LEU E 234 -13.03 4.90 10.88
CA LEU E 234 -13.27 6.32 11.14
C LEU E 234 -14.72 6.62 10.83
N ASP E 235 -15.47 7.08 11.81
CA ASP E 235 -16.86 7.49 11.65
C ASP E 235 -16.92 8.99 11.88
N TRP E 236 -16.89 9.76 10.80
CA TRP E 236 -16.94 11.21 10.90
C TRP E 236 -18.37 11.67 11.13
N LYS E 237 -18.52 12.67 11.98
CA LYS E 237 -19.81 13.27 12.32
C LYS E 237 -19.72 14.76 12.03
N ILE E 238 -20.50 15.24 11.08
CA ILE E 238 -20.47 16.63 10.64
C ILE E 238 -21.40 17.43 11.52
N ILE E 239 -20.94 18.59 11.97
CA ILE E 239 -21.75 19.52 12.75
C ILE E 239 -22.26 20.60 11.81
N ALA E 240 -23.57 20.78 11.76
CA ALA E 240 -24.19 21.75 10.86
C ALA E 240 -25.41 22.34 11.56
N ILE E 241 -25.94 23.42 10.97
CA ILE E 241 -27.06 24.15 11.56
C ILE E 241 -28.15 24.34 10.52
N ASN E 242 -29.40 24.21 10.96
CA ASN E 242 -30.53 24.39 10.07
C ASN E 242 -30.55 25.81 9.51
N LYS E 243 -30.83 25.92 8.21
CA LYS E 243 -30.94 27.23 7.57
C LYS E 243 -31.97 28.09 8.26
N GLU E 244 -33.07 27.51 8.70
CA GLU E 244 -34.19 28.28 9.22
C GLU E 244 -34.09 28.54 10.71
N ASP E 245 -32.94 28.30 11.32
CA ASP E 245 -32.74 28.59 12.73
C ASP E 245 -32.57 30.09 12.95
N LYS E 246 -32.95 30.56 14.13
CA LYS E 246 -32.96 31.99 14.40
C LYS E 246 -31.58 32.58 14.48
N HIS E 247 -30.56 31.76 14.72
CA HIS E 247 -29.18 32.24 14.80
C HIS E 247 -28.34 31.65 13.68
N TYR E 248 -28.91 31.57 12.48
CA TYR E 248 -28.19 31.02 11.34
C TYR E 248 -27.04 31.92 10.96
N GLU E 249 -27.28 33.23 10.86
CA GLU E 249 -26.26 34.16 10.42
C GLU E 249 -25.27 34.49 11.53
N ASP E 250 -25.66 34.29 12.78
CA ASP E 250 -24.82 34.57 13.92
C ASP E 250 -23.89 33.41 14.31
N ILE E 251 -24.14 32.21 13.81
CA ILE E 251 -23.33 31.04 14.11
C ILE E 251 -22.61 30.64 12.85
N ASN E 252 -21.27 30.61 12.91
CA ASN E 252 -20.49 30.29 11.72
C ASN E 252 -19.30 29.38 11.99
N SER E 253 -19.12 28.89 13.21
CA SER E 253 -18.08 27.92 13.52
C SER E 253 -18.50 27.14 14.76
N LEU E 254 -17.68 26.18 15.16
CA LEU E 254 -17.96 25.44 16.38
C LEU E 254 -17.83 26.32 17.62
N SER E 255 -17.09 27.41 17.52
CA SER E 255 -16.86 28.29 18.66
C SER E 255 -17.92 29.37 18.78
N ASP E 256 -18.70 29.62 17.74
CA ASP E 256 -19.81 30.56 17.81
C ASP E 256 -21.04 29.97 18.48
N ILE E 257 -21.13 28.65 18.55
CA ILE E 257 -22.31 27.99 19.12
C ILE E 257 -22.46 28.37 20.58
N GLU E 258 -21.34 28.43 21.30
CA GLU E 258 -21.33 28.60 22.74
C GLU E 258 -21.97 29.91 23.17
N LYS E 259 -22.12 30.87 22.25
CA LYS E 259 -22.71 32.15 22.58
C LYS E 259 -24.22 32.15 22.45
N TYR E 260 -24.78 31.22 21.69
CA TYR E 260 -26.23 31.15 21.50
C TYR E 260 -26.85 29.85 21.98
N TYR E 261 -26.09 28.75 21.99
CA TYR E 261 -26.59 27.45 22.46
C TYR E 261 -25.49 26.83 23.31
N PRO E 262 -25.33 27.31 24.54
CA PRO E 262 -24.21 26.85 25.37
C PRO E 262 -24.24 25.35 25.59
N HIS E 263 -23.05 24.76 25.71
CA HIS E 263 -22.82 23.37 26.06
C HIS E 263 -23.25 22.41 24.96
N THR E 264 -23.69 22.90 23.81
CA THR E 264 -24.10 22.02 22.72
C THR E 264 -22.93 21.15 22.27
N LEU E 265 -21.72 21.69 22.27
CA LEU E 265 -20.57 20.94 21.79
C LEU E 265 -20.13 19.91 22.82
N SER E 266 -20.16 20.26 24.10
CA SER E 266 -19.78 19.32 25.14
C SER E 266 -20.75 18.16 25.24
N LEU E 267 -22.06 18.43 25.16
CA LEU E 267 -23.02 17.34 25.17
C LEU E 267 -22.83 16.44 23.95
N LEU E 268 -22.64 17.04 22.78
CA LEU E 268 -22.49 16.29 21.54
C LEU E 268 -21.39 15.26 21.66
N LEU E 269 -20.20 15.68 22.10
CA LEU E 269 -19.10 14.75 22.26
C LEU E 269 -19.40 13.70 23.32
N GLU E 270 -19.90 14.12 24.48
CA GLU E 270 -20.14 13.18 25.56
C GLU E 270 -21.32 12.26 25.26
N TRP E 271 -22.32 12.74 24.52
CA TRP E 271 -23.44 11.90 24.13
C TRP E 271 -22.97 10.73 23.28
N PHE E 272 -22.24 11.02 22.20
CA PHE E 272 -21.75 9.97 21.33
C PHE E 272 -20.66 9.14 21.99
N ARG E 273 -20.10 9.61 23.11
CA ARG E 273 -19.11 8.82 23.84
C ARG E 273 -19.77 7.62 24.52
N SER E 274 -21.02 7.77 24.95
CA SER E 274 -21.67 6.83 25.85
C SER E 274 -22.95 6.21 25.33
N TYR E 275 -23.51 6.68 24.23
CA TYR E 275 -24.89 6.39 23.89
C TYR E 275 -25.19 4.90 23.77
N LYS E 276 -24.18 4.04 23.65
CA LYS E 276 -24.41 2.60 23.68
C LYS E 276 -23.68 1.91 24.83
N ALA E 278 -24.51 1.15 27.68
CA ALA E 278 -25.31 0.18 28.41
C ALA E 278 -25.27 -1.20 27.78
N ASP E 279 -24.91 -1.30 26.51
CA ASP E 279 -24.76 -2.57 25.83
C ASP E 279 -23.30 -2.97 25.67
N THR E 280 -22.44 -2.03 25.27
CA THR E 280 -21.04 -2.32 25.03
C THR E 280 -20.21 -2.31 26.30
N LYS E 281 -20.70 -1.67 27.35
CA LYS E 281 -19.99 -1.49 28.61
C LYS E 281 -18.69 -0.72 28.44
N LYS E 282 -18.54 -0.01 27.32
CA LYS E 282 -17.33 0.74 27.03
C LYS E 282 -17.70 2.09 26.44
N LEU E 283 -16.85 3.07 26.71
CA LEU E 283 -16.98 4.37 26.09
C LEU E 283 -16.40 4.30 24.69
N ASN E 284 -17.05 4.96 23.74
CA ASN E 284 -16.52 5.03 22.39
C ASN E 284 -15.35 6.01 22.36
N LEU E 285 -14.44 5.78 21.42
CA LEU E 285 -13.27 6.62 21.28
C LEU E 285 -13.59 7.75 20.33
N ILE E 286 -13.25 8.96 20.72
CA ILE E 286 -13.51 10.17 19.94
C ILE E 286 -12.21 10.92 19.81
N SER E 287 -11.80 11.22 18.57
CA SER E 287 -10.56 11.94 18.36
C SER E 287 -10.62 13.28 19.05
N LYS E 288 -9.48 13.69 19.63
CA LYS E 288 -9.45 14.94 20.37
C LYS E 288 -9.42 16.15 19.46
N GLN E 289 -9.18 15.95 18.17
CA GLN E 289 -9.06 17.06 17.22
C GLN E 289 -10.36 17.22 16.46
N LEU E 290 -10.87 18.44 16.44
CA LEU E 290 -12.12 18.78 15.79
C LEU E 290 -11.82 19.48 14.47
N TYR E 291 -12.64 19.21 13.46
CA TYR E 291 -12.47 19.85 12.17
C TYR E 291 -13.21 21.17 12.14
N ASP E 292 -12.63 22.16 11.48
CA ASP E 292 -13.24 23.47 11.31
C ASP E 292 -14.22 23.42 10.16
N LYS E 293 -14.76 24.58 9.77
CA LYS E 293 -15.76 24.62 8.72
C LYS E 293 -15.17 24.19 7.39
N LYS E 294 -13.95 24.60 7.08
CA LYS E 294 -13.38 24.25 5.78
C LYS E 294 -12.83 22.83 5.77
N GLU E 295 -12.29 22.36 6.89
CA GLU E 295 -11.83 20.98 6.95
C GLU E 295 -12.99 20.01 6.86
N SER E 296 -14.17 20.43 7.30
CA SER E 296 -15.36 19.59 7.17
C SER E 296 -15.93 19.63 5.77
N GLU E 297 -15.99 20.81 5.15
CA GLU E 297 -16.49 20.90 3.78
C GLU E 297 -15.57 20.19 2.81
N ASP E 298 -14.26 20.16 3.08
CA ASP E 298 -13.36 19.39 2.26
C ASP E 298 -13.55 17.89 2.50
N LEU E 299 -14.05 17.52 3.67
CA LEU E 299 -14.40 16.13 3.93
C LEU E 299 -15.62 15.71 3.13
N ILE E 300 -16.64 16.57 3.08
CA ILE E 300 -17.85 16.27 2.31
C ILE E 300 -17.50 16.12 0.84
N LYS E 302 -14.55 15.08 -0.27
CA LYS E 302 -13.77 13.86 -0.43
C LYS E 302 -14.66 12.64 -0.37
N THR E 303 -15.64 12.63 0.53
CA THR E 303 -16.57 11.50 0.56
C THR E 303 -17.50 11.51 -0.65
N HIS E 304 -17.70 12.65 -1.28
CA HIS E 304 -18.42 12.68 -2.56
C HIS E 304 -17.56 12.08 -3.66
N HIS E 305 -16.27 12.40 -3.69
CA HIS E 305 -15.37 11.78 -4.64
C HIS E 305 -15.25 10.28 -4.37
N TYR E 306 -15.23 9.89 -3.10
CA TYR E 306 -15.29 8.48 -2.76
C TYR E 306 -16.57 7.87 -3.28
N TYR E 307 -17.69 8.60 -3.18
CA TYR E 307 -18.97 8.11 -3.69
C TYR E 307 -18.96 7.99 -5.20
N LEU E 308 -18.30 8.91 -5.90
CA LEU E 308 -18.23 8.85 -7.36
C LEU E 308 -17.16 7.88 -7.84
N GLU E 309 -16.44 7.24 -6.94
CA GLU E 309 -15.52 6.16 -7.28
C GLU E 309 -16.10 4.80 -6.97
N PHE E 310 -17.02 4.73 -6.00
CA PHE E 310 -17.75 3.51 -5.73
C PHE E 310 -18.63 3.16 -6.92
N ARG E 311 -19.37 4.14 -7.42
CA ARG E 311 -20.28 3.86 -8.52
C ARG E 311 -19.53 3.50 -9.78
N GLU E 312 -18.31 4.02 -9.96
CA GLU E 312 -17.47 3.61 -11.06
C GLU E 312 -16.96 2.19 -10.85
N ASP E 313 -16.48 1.89 -9.65
CA ASP E 313 -15.93 0.57 -9.38
C ASP E 313 -16.99 -0.52 -9.51
N VAL E 314 -18.25 -0.21 -9.22
CA VAL E 314 -19.31 -1.21 -9.38
C VAL E 314 -19.67 -1.36 -10.85
N LYS E 315 -19.62 -0.28 -11.62
CA LYS E 315 -19.95 -0.36 -13.03
C LYS E 315 -18.86 -1.06 -13.82
N LYS E 316 -17.60 -0.73 -13.55
CA LYS E 316 -16.50 -1.44 -14.19
C LYS E 316 -16.45 -2.90 -13.78
N LEU E 317 -16.90 -3.23 -12.57
CA LEU E 317 -16.81 -4.60 -12.09
C LEU E 317 -17.96 -5.48 -12.58
N LYS E 318 -19.03 -4.89 -13.08
CA LYS E 318 -20.13 -5.69 -13.60
C LYS E 318 -20.28 -5.59 -15.11
N GLU E 319 -19.49 -4.76 -15.78
CA GLU E 319 -19.28 -4.89 -17.21
C GLU E 319 -18.12 -5.81 -17.49
N GLU E 320 -17.21 -5.85 -16.55
CA GLU E 320 -16.07 -6.67 -16.62
C GLU E 320 -16.60 -8.04 -16.71
N HIS E 321 -17.91 -8.20 -16.58
CA HIS E 321 -18.46 -9.58 -16.66
C HIS E 321 -18.90 -10.01 -18.04
N SER E 322 -17.98 -9.95 -18.97
CA SER E 322 -18.24 -10.34 -20.31
C SER E 322 -17.25 -11.43 -20.56
N LYS E 323 -17.74 -12.59 -20.98
CA LYS E 323 -16.88 -13.74 -21.19
C LYS E 323 -16.17 -14.03 -19.86
N GLU E 324 -16.93 -13.84 -18.79
CA GLU E 324 -16.46 -14.04 -17.43
C GLU E 324 -16.55 -15.52 -17.03
N GLU E 353 -5.63 1.82 28.28
CA GLU E 353 -6.14 3.18 28.11
C GLU E 353 -6.02 3.66 26.66
N ASN E 354 -7.15 4.08 26.10
CA ASN E 354 -7.22 4.45 24.70
C ASN E 354 -7.04 5.94 24.48
N ASN E 355 -6.37 6.64 25.39
CA ASN E 355 -6.18 8.07 25.23
C ASN E 355 -5.26 8.35 24.05
N LEU E 356 -4.23 7.51 23.89
CA LEU E 356 -3.33 7.64 22.76
C LEU E 356 -4.08 7.54 21.44
N LEU E 357 -5.01 6.60 21.34
CA LEU E 357 -5.87 6.52 20.17
C LEU E 357 -6.79 7.70 20.01
N GLU E 358 -7.07 8.45 21.08
CA GLU E 358 -7.83 9.68 20.91
C GLU E 358 -6.95 10.84 20.49
N ASP E 359 -5.70 10.85 20.91
CA ASP E 359 -4.78 11.93 20.59
C ASP E 359 -4.17 11.81 19.19
N ILE E 360 -4.12 10.61 18.62
CA ILE E 360 -3.43 10.39 17.35
C ILE E 360 -3.94 11.30 16.27
N ASN E 361 -3.04 11.73 15.39
CA ASN E 361 -3.36 12.51 14.21
C ASN E 361 -3.38 11.58 13.01
N ILE E 362 -4.47 11.60 12.26
CA ILE E 362 -4.73 10.63 11.20
C ILE E 362 -4.60 11.33 9.85
N THR E 363 -4.00 10.66 8.90
CA THR E 363 -3.83 11.20 7.60
C THR E 363 -4.04 10.11 6.61
N TYR E 364 -4.12 10.43 5.34
CA TYR E 364 -4.33 9.43 4.31
C TYR E 364 -3.11 8.58 4.08
N TYR E 365 -3.29 7.36 3.61
CA TYR E 365 -2.21 6.46 3.36
C TYR E 365 -2.13 5.89 1.97
N LYS E 366 -3.04 5.03 1.60
CA LYS E 366 -3.02 4.43 0.31
C LYS E 366 -4.40 4.02 -0.02
N SER E 367 -4.67 3.81 -1.30
CA SER E 367 -5.96 3.35 -1.81
C SER E 367 -5.82 1.86 -2.12
N ASP E 368 -6.38 1.01 -1.27
CA ASP E 368 -6.28 -0.43 -1.49
C ASP E 368 -7.00 -0.80 -2.77
N SER E 369 -6.25 -1.12 -3.81
CA SER E 369 -6.81 -1.42 -5.11
C SER E 369 -7.21 -2.88 -5.26
N ALA E 370 -7.00 -3.68 -4.21
CA ALA E 370 -7.53 -5.03 -4.14
C ALA E 370 -8.91 -5.08 -3.50
N TYR E 371 -9.53 -3.92 -3.29
CA TYR E 371 -10.84 -3.83 -2.66
C TYR E 371 -11.92 -4.08 -3.70
N LYS E 372 -12.90 -4.90 -3.35
CA LYS E 372 -14.02 -5.13 -4.22
C LYS E 372 -15.27 -4.48 -3.66
N PRO E 373 -15.95 -3.63 -4.42
CA PRO E 373 -17.11 -2.93 -3.89
C PRO E 373 -18.21 -3.88 -3.48
N ASP E 374 -19.06 -3.43 -2.56
CA ASP E 374 -20.15 -4.27 -2.08
C ASP E 374 -21.22 -4.32 -3.14
N LEU E 375 -21.45 -5.50 -3.71
CA LEU E 375 -22.44 -5.68 -4.76
C LEU E 375 -23.86 -5.77 -4.22
N ASN E 376 -24.05 -5.62 -2.92
CA ASN E 376 -25.38 -5.60 -2.33
C ASN E 376 -25.99 -4.21 -2.37
N ILE E 377 -25.16 -3.17 -2.39
CA ILE E 377 -25.62 -1.80 -2.40
C ILE E 377 -26.32 -1.45 -3.71
N TRP E 378 -27.53 -0.88 -3.59
CA TRP E 378 -28.34 -0.52 -4.74
C TRP E 378 -27.73 0.63 -5.55
N THR E 379 -27.66 0.45 -6.86
CA THR E 379 -27.22 1.50 -7.77
C THR E 379 -28.19 1.62 -8.95
#